data_3T4M
#
_entry.id   3T4M
#
_cell.length_a   108.922
_cell.length_b   152.220
_cell.length_c   176.775
_cell.angle_alpha   90.00
_cell.angle_beta   90.00
_cell.angle_gamma   90.00
#
_symmetry.space_group_name_H-M   'P 21 21 21'
#
loop_
_entity.id
_entity.type
_entity.pdbx_description
1 polymer 'Soluble acetylcholine receptor'
2 non-polymer 'CALCIUM ION'
3 non-polymer (4R)-2-METHYLPENTANE-2,4-DIOL
4 non-polymer (4S)-2-METHYL-2,4-PENTANEDIOL
5 non-polymer 2-acetamido-2-deoxy-beta-D-glucopyranose
6 water water
#
_entity_poly.entity_id   1
_entity_poly.type   'polypeptide(L)'
_entity_poly.pdbx_seq_one_letter_code
;DYKDDDDKLHSQANLMRLKSDLFNRSPMYPGPTKDDPLTVTLGFTLQDIVKADSSTNEVDLVYWEQQRWKLNSLMWDPNE
YGNITDFRTSAADIWTPDITAYSSTRPVQVLSPQNALVTHDGSVQYLPAQRLSFMCDPTGVDSEEGATCAVKFGSWSYSG
FEIDLKTDTDQVDLSSYYASSKYEILSATQTRQVRFYECCKEPYPDVNLVVKFRERRAGNGFFRNLFDSR
;
_entity_poly.pdbx_strand_id   A,B,C,D,E,F,G,H,I,J
#
# COMPACT_ATOMS: atom_id res chain seq x y z
N LYS A 3 2.66 -4.71 -37.12
CA LYS A 3 1.95 -3.99 -38.18
C LYS A 3 2.10 -2.48 -38.06
N ASP A 4 1.01 -1.78 -38.41
CA ASP A 4 0.82 -0.37 -38.05
C ASP A 4 -0.05 -0.29 -36.80
N ASP A 5 -0.41 -1.47 -36.25
CA ASP A 5 -0.96 -1.59 -34.89
C ASP A 5 0.12 -1.32 -33.86
N ASP A 6 1.37 -1.28 -34.33
CA ASP A 6 2.54 -1.01 -33.48
C ASP A 6 2.67 0.48 -33.16
N ASP A 7 2.92 1.30 -34.18
CA ASP A 7 3.00 2.74 -33.99
C ASP A 7 1.75 3.24 -33.25
N LYS A 8 0.58 2.69 -33.58
CA LYS A 8 -0.66 2.95 -32.85
C LYS A 8 -0.44 2.57 -31.39
N LEU A 9 0.09 1.37 -31.19
CA LEU A 9 0.47 0.86 -29.88
C LEU A 9 1.52 1.73 -29.20
N HIS A 10 2.49 2.22 -29.96
CA HIS A 10 3.61 3.00 -29.42
C HIS A 10 3.20 4.45 -29.17
N SER A 11 2.44 5.05 -30.08
CA SER A 11 1.87 6.38 -29.86
C SER A 11 1.02 6.36 -28.60
N GLN A 12 0.29 5.27 -28.40
CA GLN A 12 -0.49 5.09 -27.19
C GLN A 12 0.44 4.99 -25.99
N ALA A 13 1.55 4.30 -26.16
CA ALA A 13 2.50 4.11 -25.08
C ALA A 13 3.18 5.42 -24.70
N ASN A 14 3.42 6.25 -25.71
CA ASN A 14 4.08 7.53 -25.50
C ASN A 14 3.21 8.50 -24.70
N LEU A 15 1.93 8.55 -25.00
CA LEU A 15 0.99 9.39 -24.26
C LEU A 15 0.91 8.98 -22.78
N MET A 16 0.71 7.70 -22.49
CA MET A 16 0.66 7.25 -21.10
C MET A 16 1.95 7.65 -20.38
N ARG A 17 3.08 7.54 -21.07
CA ARG A 17 4.36 7.90 -20.47
C ARG A 17 4.45 9.40 -20.14
N LEU A 18 4.03 10.24 -21.08
CA LEU A 18 3.96 11.68 -20.87
C LEU A 18 3.10 12.06 -19.67
N LYS A 19 1.91 11.46 -19.57
CA LYS A 19 0.97 11.80 -18.53
C LYS A 19 1.46 11.39 -17.16
N SER A 20 2.00 10.19 -17.08
CA SER A 20 2.55 9.73 -15.82
C SER A 20 3.75 10.60 -15.47
N ASP A 21 4.46 11.10 -16.48
CA ASP A 21 5.63 11.91 -16.21
C ASP A 21 5.23 13.27 -15.67
N LEU A 22 4.06 13.76 -16.06
CA LEU A 22 3.52 15.00 -15.52
C LEU A 22 2.82 14.75 -14.19
N PHE A 23 1.78 13.92 -14.22
CA PHE A 23 0.92 13.70 -13.05
C PHE A 23 1.49 12.78 -11.95
N ASN A 24 2.27 11.76 -12.29
CA ASN A 24 2.93 10.99 -11.23
C ASN A 24 4.41 11.25 -10.84
N ARG A 25 5.14 12.11 -11.57
CA ARG A 25 6.53 12.43 -11.23
CA ARG A 25 6.51 12.34 -11.16
C ARG A 25 6.52 13.32 -10.01
N SER A 26 5.65 14.31 -10.09
CA SER A 26 5.58 15.40 -9.15
C SER A 26 4.17 15.44 -8.65
N PRO A 27 3.99 15.84 -7.39
CA PRO A 27 2.68 15.88 -6.71
C PRO A 27 1.82 16.93 -7.36
N MET A 28 0.51 16.87 -7.17
CA MET A 28 -0.38 17.81 -7.83
C MET A 28 -0.01 19.25 -7.45
N TYR A 29 -0.05 20.15 -8.44
CA TYR A 29 0.50 21.51 -8.33
C TYR A 29 -0.28 22.37 -7.35
N PRO A 30 0.42 23.18 -6.54
CA PRO A 30 -0.11 23.89 -5.36
C PRO A 30 -1.04 25.06 -5.69
N GLY A 31 -1.00 25.54 -6.93
CA GLY A 31 -1.76 26.68 -7.34
C GLY A 31 -0.86 27.86 -7.56
N PRO A 32 -1.39 28.95 -8.15
CA PRO A 32 -0.51 30.09 -8.33
C PRO A 32 -0.28 30.75 -6.99
N THR A 33 0.78 31.54 -6.91
CA THR A 33 1.18 32.17 -5.68
C THR A 33 1.68 33.56 -6.12
N LYS A 34 1.77 34.51 -5.21
CA LYS A 34 2.16 35.88 -5.60
C LYS A 34 3.51 35.86 -6.30
N ASP A 35 4.35 34.87 -5.95
CA ASP A 35 5.67 34.70 -6.54
C ASP A 35 5.63 33.77 -7.74
N ASP A 36 4.46 33.22 -8.04
CA ASP A 36 4.25 32.38 -9.22
C ASP A 36 2.88 32.71 -9.74
N PRO A 37 2.73 33.92 -10.28
CA PRO A 37 1.35 34.33 -10.56
C PRO A 37 0.88 33.71 -11.84
N LEU A 38 -0.38 33.95 -12.15
CA LEU A 38 -1.06 33.26 -13.23
C LEU A 38 -2.08 34.18 -13.88
N THR A 39 -2.16 34.11 -15.20
CA THR A 39 -3.12 34.92 -15.95
C THR A 39 -4.09 33.96 -16.64
N VAL A 40 -5.38 34.14 -16.36
CA VAL A 40 -6.42 33.34 -16.99
C VAL A 40 -7.12 34.20 -18.03
N THR A 41 -7.29 33.67 -19.22
CA THR A 41 -8.05 34.41 -20.21
C THR A 41 -9.48 33.88 -20.24
N LEU A 42 -10.44 34.79 -20.07
CA LEU A 42 -11.86 34.45 -20.16
C LEU A 42 -12.54 34.85 -21.46
N GLY A 43 -13.46 34.02 -21.93
CA GLY A 43 -14.35 34.46 -22.99
C GLY A 43 -15.65 33.70 -22.92
N PHE A 44 -16.72 34.28 -23.43
CA PHE A 44 -18.02 33.68 -23.25
C PHE A 44 -18.69 33.43 -24.58
N THR A 45 -19.14 32.22 -24.83
CA THR A 45 -20.06 31.99 -25.94
C THR A 45 -21.48 31.88 -25.32
N LEU A 46 -22.31 32.88 -25.59
CA LEU A 46 -23.68 32.88 -25.09
C LEU A 46 -24.54 32.10 -26.08
N GLN A 47 -25.34 31.21 -25.54
CA GLN A 47 -26.04 30.22 -26.35
C GLN A 47 -27.54 30.49 -26.29
N ASP A 48 -28.13 30.44 -25.10
CA ASP A 48 -29.55 30.70 -24.92
C ASP A 48 -29.73 31.48 -23.64
N ILE A 49 -30.71 32.36 -23.62
CA ILE A 49 -31.25 32.86 -22.37
C ILE A 49 -32.49 32.04 -22.21
N VAL A 50 -32.47 31.13 -21.24
CA VAL A 50 -33.53 30.14 -21.15
C VAL A 50 -34.79 30.66 -20.49
N LYS A 51 -34.64 31.47 -19.45
CA LYS A 51 -35.82 31.95 -18.74
C LYS A 51 -35.59 33.25 -18.00
N ALA A 52 -36.64 34.04 -17.80
CA ALA A 52 -36.58 35.24 -16.97
C ALA A 52 -37.70 35.18 -15.98
N ASP A 53 -37.37 35.05 -14.70
CA ASP A 53 -38.39 34.96 -13.65
C ASP A 53 -38.50 36.33 -12.97
N SER A 54 -39.62 37.04 -13.15
CA SER A 54 -39.72 38.41 -12.62
C SER A 54 -40.36 38.50 -11.24
N SER A 55 -40.72 37.37 -10.64
CA SER A 55 -41.11 37.36 -9.24
C SER A 55 -39.92 37.32 -8.31
N THR A 56 -38.93 36.54 -8.70
CA THR A 56 -37.63 36.44 -8.02
C THR A 56 -36.49 37.32 -8.56
N ASN A 57 -36.67 37.93 -9.71
CA ASN A 57 -35.58 38.62 -10.41
C ASN A 57 -34.32 37.76 -10.70
N GLU A 58 -34.54 36.64 -11.39
CA GLU A 58 -33.47 35.69 -11.71
C GLU A 58 -33.56 35.35 -13.17
N VAL A 59 -32.44 35.39 -13.86
CA VAL A 59 -32.44 35.02 -15.25
C VAL A 59 -31.53 33.83 -15.40
N ASP A 60 -31.77 33.05 -16.46
CA ASP A 60 -31.03 31.82 -16.68
C ASP A 60 -30.34 31.80 -18.04
N LEU A 61 -29.01 31.66 -18.04
CA LEU A 61 -28.18 31.67 -19.24
C LEU A 61 -27.59 30.30 -19.51
N VAL A 62 -27.47 29.93 -20.77
CA VAL A 62 -26.66 28.79 -21.10
C VAL A 62 -25.51 29.27 -21.97
N TYR A 63 -24.29 29.19 -21.44
CA TYR A 63 -23.10 29.61 -22.17
C TYR A 63 -22.01 28.56 -22.08
N TRP A 64 -20.87 28.86 -22.71
CA TRP A 64 -19.64 28.11 -22.54
C TRP A 64 -18.58 29.10 -22.20
N GLU A 65 -17.96 28.94 -21.06
CA GLU A 65 -16.92 29.85 -20.63
C GLU A 65 -15.61 29.30 -21.15
N GLN A 66 -14.83 30.07 -21.88
CA GLN A 66 -13.54 29.56 -22.28
C GLN A 66 -12.51 30.01 -21.28
N GLN A 67 -11.61 29.11 -20.88
CA GLN A 67 -10.56 29.45 -19.94
C GLN A 67 -9.22 28.96 -20.45
N ARG A 68 -8.20 29.82 -20.44
CA ARG A 68 -6.87 29.40 -20.81
C ARG A 68 -5.93 29.92 -19.77
N TRP A 69 -4.93 29.11 -19.48
CA TRP A 69 -3.81 29.53 -18.67
C TRP A 69 -2.61 28.68 -19.07
N LYS A 70 -1.43 29.09 -18.63
CA LYS A 70 -0.19 28.42 -18.95
C LYS A 70 0.52 28.06 -17.64
N LEU A 71 0.88 26.78 -17.51
CA LEU A 71 1.73 26.35 -16.41
C LEU A 71 3.10 25.90 -16.90
N ASN A 72 4.16 26.41 -16.28
CA ASN A 72 5.49 25.94 -16.58
C ASN A 72 5.59 24.45 -16.31
N SER A 73 4.89 24.00 -15.28
CA SER A 73 4.96 22.61 -14.87
C SER A 73 4.19 21.67 -15.77
N LEU A 74 3.44 22.20 -16.73
CA LEU A 74 2.80 21.35 -17.73
C LEU A 74 3.55 21.21 -19.08
N MET A 75 4.72 21.86 -19.20
CA MET A 75 5.48 21.85 -20.45
C MET A 75 6.23 20.56 -20.65
N TRP A 76 6.46 20.19 -21.91
CA TRP A 76 7.33 19.09 -22.20
C TRP A 76 7.96 19.27 -23.58
N ASP A 77 8.86 18.35 -23.95
CA ASP A 77 9.52 18.39 -25.24
C ASP A 77 8.91 17.35 -26.16
N PRO A 78 8.21 17.78 -27.20
CA PRO A 78 7.57 16.76 -28.04
C PRO A 78 8.50 15.65 -28.53
N ASN A 79 9.78 15.93 -28.69
CA ASN A 79 10.68 14.95 -29.30
C ASN A 79 11.09 13.81 -28.38
N GLU A 80 10.92 14.03 -27.09
CA GLU A 80 11.06 12.98 -26.08
C GLU A 80 9.80 12.15 -25.95
N TYR A 81 8.69 12.78 -26.29
CA TYR A 81 7.36 12.16 -26.25
C TYR A 81 6.68 11.96 -27.62
N GLY A 82 7.43 11.50 -28.62
CA GLY A 82 6.85 10.88 -29.80
C GLY A 82 6.29 11.90 -30.73
N ASN A 83 6.76 13.14 -30.59
CA ASN A 83 6.26 14.28 -31.34
C ASN A 83 4.79 14.57 -30.99
N ILE A 84 4.37 14.16 -29.80
CA ILE A 84 3.03 14.51 -29.29
C ILE A 84 3.06 15.98 -28.96
N THR A 85 2.17 16.78 -29.58
CA THR A 85 2.11 18.22 -29.30
C THR A 85 1.03 18.70 -28.34
N ASP A 86 0.19 17.77 -27.91
CA ASP A 86 -0.95 18.12 -27.05
C ASP A 86 -1.76 16.88 -26.68
N PHE A 87 -2.63 17.01 -25.70
CA PHE A 87 -3.49 15.88 -25.39
C PHE A 87 -4.77 16.31 -24.67
N ARG A 88 -5.78 15.46 -24.74
CA ARG A 88 -7.00 15.70 -24.01
C ARG A 88 -6.95 14.95 -22.71
N THR A 89 -7.41 15.57 -21.64
CA THR A 89 -7.41 14.92 -20.35
C THR A 89 -8.59 15.37 -19.55
N SER A 90 -8.99 14.51 -18.61
CA SER A 90 -9.93 14.85 -17.57
C SER A 90 -9.45 16.08 -16.81
N ALA A 91 -10.38 16.96 -16.45
CA ALA A 91 -10.01 18.15 -15.72
C ALA A 91 -9.68 17.85 -14.25
N ALA A 92 -10.03 16.66 -13.79
CA ALA A 92 -9.74 16.27 -12.42
C ALA A 92 -8.27 15.94 -12.21
N ASP A 93 -7.57 15.65 -13.30
CA ASP A 93 -6.18 15.25 -13.27
C ASP A 93 -5.30 16.46 -13.09
N ILE A 94 -5.82 17.63 -13.43
CA ILE A 94 -5.02 18.84 -13.41
C ILE A 94 -5.68 19.94 -12.63
N TRP A 95 -4.86 20.90 -12.21
CA TRP A 95 -5.36 22.07 -11.50
C TRP A 95 -6.18 22.93 -12.46
N THR A 96 -7.19 23.58 -11.91
CA THR A 96 -8.08 24.44 -12.67
C THR A 96 -8.44 25.62 -11.80
N PRO A 97 -8.61 26.79 -12.40
CA PRO A 97 -8.93 27.97 -11.59
C PRO A 97 -10.33 27.99 -10.97
N ASP A 98 -10.49 28.82 -9.96
CA ASP A 98 -11.70 28.91 -9.18
C ASP A 98 -12.72 29.90 -9.75
N ILE A 99 -12.53 30.30 -11.00
CA ILE A 99 -13.39 31.30 -11.62
C ILE A 99 -14.84 30.95 -11.31
N THR A 100 -15.63 31.93 -10.83
CA THR A 100 -17.07 31.72 -10.67
C THR A 100 -17.90 32.97 -10.86
N ALA A 101 -19.20 32.81 -10.75
CA ALA A 101 -20.12 33.91 -10.90
C ALA A 101 -20.41 34.50 -9.52
N TYR A 102 -20.24 35.71 -9.42
CA TYR A 102 -20.33 36.48 -8.20
C TYR A 102 -21.78 36.71 -7.79
N SER A 103 -22.73 36.68 -8.79
CA SER A 103 -24.12 36.92 -8.52
C SER A 103 -25.06 35.80 -8.85
N SER A 104 -24.63 34.57 -8.82
CA SER A 104 -25.50 33.45 -9.06
C SER A 104 -26.43 33.26 -7.93
N THR A 105 -27.62 32.75 -8.20
CA THR A 105 -28.59 32.36 -7.19
C THR A 105 -28.79 30.86 -6.97
N ARG A 106 -28.13 30.01 -7.75
CA ARG A 106 -28.22 28.56 -7.60
CA ARG A 106 -28.18 28.57 -7.52
C ARG A 106 -26.85 27.97 -7.88
N PRO A 107 -26.53 26.82 -7.28
CA PRO A 107 -25.25 26.24 -7.64
C PRO A 107 -25.27 26.05 -9.14
N VAL A 108 -24.25 26.49 -9.85
CA VAL A 108 -24.25 26.42 -11.32
C VAL A 108 -24.34 24.98 -11.82
N GLN A 109 -24.91 24.75 -12.98
CA GLN A 109 -24.96 23.39 -13.52
C GLN A 109 -24.00 23.21 -14.68
N VAL A 110 -23.40 22.02 -14.79
CA VAL A 110 -22.39 21.74 -15.82
C VAL A 110 -23.01 20.88 -16.92
N LEU A 111 -23.07 21.42 -18.13
CA LEU A 111 -23.72 20.76 -19.26
C LEU A 111 -22.78 19.91 -20.11
N SER A 112 -21.48 20.03 -19.88
CA SER A 112 -20.50 19.43 -20.77
C SER A 112 -19.53 18.52 -20.03
N PRO A 113 -18.99 17.52 -20.74
CA PRO A 113 -18.01 16.58 -20.18
C PRO A 113 -16.80 17.36 -19.70
N GLN A 114 -16.27 17.12 -18.50
CA GLN A 114 -15.24 18.05 -18.08
C GLN A 114 -13.87 17.45 -18.40
N ASN A 115 -13.25 17.97 -19.45
CA ASN A 115 -11.99 17.49 -19.98
C ASN A 115 -11.37 18.73 -20.50
N ALA A 116 -10.03 18.81 -20.49
CA ALA A 116 -9.33 20.01 -20.96
C ALA A 116 -8.30 19.62 -21.99
N LEU A 117 -7.82 20.60 -22.74
CA LEU A 117 -6.79 20.35 -23.73
C LEU A 117 -5.46 20.93 -23.26
N VAL A 118 -4.47 20.05 -23.05
CA VAL A 118 -3.12 20.44 -22.62
C VAL A 118 -2.14 20.37 -23.80
N THR A 119 -1.37 21.46 -23.99
CA THR A 119 -0.49 21.59 -25.15
C THR A 119 0.93 21.71 -24.62
N HIS A 120 1.91 21.40 -25.47
CA HIS A 120 3.31 21.25 -25.05
C HIS A 120 3.97 22.47 -24.38
N ASP A 121 3.50 23.68 -24.66
CA ASP A 121 4.06 24.87 -24.04
C ASP A 121 3.48 25.12 -22.67
N GLY A 122 2.62 24.22 -22.21
CA GLY A 122 2.12 24.28 -20.85
C GLY A 122 0.82 25.05 -20.75
N SER A 123 0.16 25.20 -21.89
CA SER A 123 -1.12 25.91 -21.94
C SER A 123 -2.30 24.95 -21.83
N VAL A 124 -3.35 25.37 -21.15
CA VAL A 124 -4.52 24.54 -20.96
C VAL A 124 -5.71 25.28 -21.54
N GLN A 125 -6.53 24.63 -22.36
CA GLN A 125 -7.81 25.22 -22.71
C GLN A 125 -8.92 24.39 -22.14
N TYR A 126 -9.77 25.04 -21.36
CA TYR A 126 -10.89 24.37 -20.73
C TYR A 126 -12.17 25.07 -21.17
N LEU A 127 -13.18 24.31 -21.55
CA LEU A 127 -14.37 24.95 -22.08
C LEU A 127 -15.63 24.37 -21.51
N PRO A 128 -15.91 24.70 -20.24
CA PRO A 128 -17.12 24.28 -19.56
C PRO A 128 -18.39 24.90 -20.12
N ALA A 129 -19.38 24.07 -20.40
CA ALA A 129 -20.68 24.57 -20.81
C ALA A 129 -21.47 24.70 -19.54
N GLN A 130 -22.07 25.85 -19.26
CA GLN A 130 -22.84 25.96 -18.01
C GLN A 130 -24.26 26.49 -18.15
N ARG A 131 -25.09 26.19 -17.15
CA ARG A 131 -26.36 26.89 -17.00
C ARG A 131 -26.34 27.64 -15.69
N LEU A 132 -26.55 28.96 -15.77
CA LEU A 132 -26.36 29.84 -14.65
C LEU A 132 -27.66 30.59 -14.37
N SER A 133 -28.08 30.60 -13.10
CA SER A 133 -29.15 31.44 -12.63
C SER A 133 -28.56 32.57 -11.81
N PHE A 134 -28.69 33.81 -12.30
CA PHE A 134 -28.10 34.93 -11.59
C PHE A 134 -29.09 36.04 -11.30
N MET A 135 -28.62 37.12 -10.69
CA MET A 135 -29.53 38.12 -10.19
C MET A 135 -29.77 39.18 -11.23
N CYS A 136 -30.98 39.16 -11.77
CA CYS A 136 -31.31 40.00 -12.93
C CYS A 136 -32.73 40.54 -12.84
N ASP A 137 -32.90 41.85 -12.92
CA ASP A 137 -34.22 42.41 -12.91
C ASP A 137 -34.58 42.59 -14.37
N PRO A 138 -35.49 41.77 -14.86
CA PRO A 138 -35.77 41.66 -16.28
C PRO A 138 -36.74 42.68 -16.77
N THR A 139 -37.21 43.48 -15.85
CA THR A 139 -38.09 44.57 -16.18
C THR A 139 -37.58 45.35 -17.38
N GLY A 140 -38.48 45.54 -18.35
CA GLY A 140 -38.15 46.19 -19.61
C GLY A 140 -38.01 45.20 -20.76
N VAL A 141 -38.10 43.92 -20.44
CA VAL A 141 -37.77 42.88 -21.40
C VAL A 141 -38.78 42.90 -22.53
N ASP A 142 -39.94 43.48 -22.26
CA ASP A 142 -40.96 43.66 -23.28
C ASP A 142 -40.88 45.02 -23.96
N SER A 143 -39.89 45.83 -23.61
CA SER A 143 -39.77 47.15 -24.23
C SER A 143 -39.06 47.06 -25.56
N GLU A 144 -38.92 48.20 -26.22
CA GLU A 144 -38.09 48.24 -27.41
C GLU A 144 -36.67 48.18 -26.87
N GLU A 145 -36.46 48.93 -25.80
CA GLU A 145 -35.16 48.99 -25.15
C GLU A 145 -34.77 47.65 -24.56
N GLY A 146 -35.76 46.88 -24.11
CA GLY A 146 -35.46 45.62 -23.46
C GLY A 146 -34.82 45.83 -22.11
N ALA A 147 -34.34 44.75 -21.51
CA ALA A 147 -33.77 44.78 -20.16
C ALA A 147 -32.27 44.56 -20.21
N THR A 148 -31.57 45.16 -19.26
CA THR A 148 -30.14 44.95 -19.20
C THR A 148 -29.83 44.27 -17.89
N CYS A 149 -28.98 43.24 -17.93
CA CYS A 149 -28.52 42.57 -16.73
C CYS A 149 -27.05 42.33 -16.80
N ALA A 150 -26.45 42.13 -15.64
CA ALA A 150 -25.01 41.88 -15.58
C ALA A 150 -24.64 40.99 -14.42
N VAL A 151 -23.55 40.26 -14.63
CA VAL A 151 -22.97 39.36 -13.63
C VAL A 151 -21.46 39.47 -13.81
N LYS A 152 -20.71 39.35 -12.72
CA LYS A 152 -19.24 39.39 -12.75
C LYS A 152 -18.64 38.01 -12.59
N PHE A 153 -17.52 37.76 -13.25
CA PHE A 153 -16.80 36.52 -13.03
C PHE A 153 -15.40 36.78 -12.54
N GLY A 154 -14.88 35.86 -11.74
CA GLY A 154 -13.50 35.95 -11.30
C GLY A 154 -13.12 34.89 -10.30
N SER A 155 -11.86 34.91 -9.87
CA SER A 155 -11.38 33.96 -8.88
C SER A 155 -12.13 34.16 -7.58
N TRP A 156 -12.50 33.10 -6.87
CA TRP A 156 -13.14 33.28 -5.57
C TRP A 156 -12.17 33.54 -4.43
N SER A 157 -11.12 32.75 -4.34
CA SER A 157 -10.15 32.90 -3.28
C SER A 157 -8.86 33.62 -3.63
N TYR A 158 -8.68 34.00 -4.88
CA TYR A 158 -7.37 34.49 -5.28
C TYR A 158 -7.37 35.97 -5.68
N SER A 159 -6.39 36.73 -5.21
CA SER A 159 -6.32 38.13 -5.57
C SER A 159 -5.62 38.32 -6.91
N GLY A 160 -5.54 39.57 -7.36
CA GLY A 160 -4.95 39.85 -8.65
C GLY A 160 -3.49 39.52 -8.62
N PHE A 161 -2.94 39.46 -7.42
CA PHE A 161 -1.52 39.14 -7.25
C PHE A 161 -1.18 37.71 -7.57
N GLU A 162 -2.18 36.84 -7.48
CA GLU A 162 -2.04 35.43 -7.80
C GLU A 162 -2.75 34.91 -9.03
N ILE A 163 -3.95 35.42 -9.28
CA ILE A 163 -4.64 35.28 -10.57
C ILE A 163 -5.11 36.60 -11.18
N ASP A 164 -4.74 36.85 -12.43
CA ASP A 164 -5.20 38.04 -13.17
C ASP A 164 -6.15 37.59 -14.27
N LEU A 165 -7.08 38.47 -14.64
CA LEU A 165 -8.03 38.11 -15.68
C LEU A 165 -7.83 38.93 -16.95
N LYS A 166 -8.20 38.34 -18.08
CA LYS A 166 -7.94 38.92 -19.37
C LYS A 166 -8.97 38.40 -20.37
N THR A 167 -9.31 39.19 -21.39
CA THR A 167 -10.22 38.74 -22.45
C THR A 167 -9.55 39.02 -23.78
N ASP A 168 -9.79 38.19 -24.80
CA ASP A 168 -9.17 38.45 -26.10
C ASP A 168 -9.96 39.53 -26.81
N THR A 169 -11.28 39.47 -26.66
CA THR A 169 -12.20 40.47 -27.18
C THR A 169 -13.16 40.90 -26.08
N ASP A 170 -13.70 42.11 -26.19
CA ASP A 170 -14.67 42.64 -25.23
C ASP A 170 -16.07 42.30 -25.68
N GLN A 171 -16.15 41.52 -26.75
CA GLN A 171 -17.41 41.13 -27.36
C GLN A 171 -17.73 39.67 -27.11
N VAL A 172 -18.82 39.39 -26.39
CA VAL A 172 -19.27 38.01 -26.16
C VAL A 172 -19.58 37.39 -27.51
N ASP A 173 -19.40 36.08 -27.65
CA ASP A 173 -19.52 35.41 -28.93
C ASP A 173 -20.94 34.94 -29.11
N LEU A 174 -21.66 35.56 -30.04
CA LEU A 174 -23.06 35.20 -30.26
C LEU A 174 -23.29 34.24 -31.43
N SER A 175 -22.21 33.87 -32.12
CA SER A 175 -22.30 32.97 -33.27
C SER A 175 -23.05 31.68 -32.98
N SER A 176 -23.06 31.24 -31.73
CA SER A 176 -23.82 30.05 -31.36
C SER A 176 -25.17 30.31 -30.75
N TYR A 177 -25.57 31.58 -30.65
CA TYR A 177 -26.84 31.87 -29.99
C TYR A 177 -28.01 31.24 -30.73
N TYR A 178 -28.92 30.60 -29.96
CA TYR A 178 -30.07 29.88 -30.48
C TYR A 178 -31.09 30.84 -31.05
N ALA A 179 -31.44 30.65 -32.32
CA ALA A 179 -32.13 31.68 -33.07
C ALA A 179 -33.59 31.78 -32.66
N SER A 180 -34.17 30.62 -32.33
CA SER A 180 -35.55 30.51 -31.89
C SER A 180 -35.70 30.67 -30.37
N SER A 181 -34.63 31.08 -29.73
CA SER A 181 -34.68 31.43 -28.32
C SER A 181 -35.78 32.42 -28.03
N LYS A 182 -36.35 32.32 -26.84
CA LYS A 182 -37.41 33.20 -26.36
C LYS A 182 -37.00 34.66 -26.27
N TYR A 183 -35.71 34.94 -26.15
CA TYR A 183 -35.23 36.31 -26.06
C TYR A 183 -34.19 36.66 -27.12
N GLU A 184 -34.15 37.92 -27.52
CA GLU A 184 -33.22 38.43 -28.53
C GLU A 184 -32.07 39.10 -27.80
N ILE A 185 -30.88 39.02 -28.37
CA ILE A 185 -29.73 39.68 -27.75
C ILE A 185 -29.39 40.99 -28.47
N LEU A 186 -29.59 42.11 -27.80
CA LEU A 186 -29.27 43.42 -28.37
C LEU A 186 -27.79 43.78 -28.25
N SER A 187 -27.20 43.48 -27.10
CA SER A 187 -25.77 43.68 -26.90
C SER A 187 -25.27 42.60 -25.96
N ALA A 188 -24.02 42.17 -26.14
CA ALA A 188 -23.33 41.38 -25.12
C ALA A 188 -21.84 41.75 -24.96
N THR A 189 -21.40 42.15 -23.77
CA THR A 189 -19.99 42.52 -23.59
C THR A 189 -19.32 41.81 -22.42
N GLN A 190 -18.05 41.44 -22.61
CA GLN A 190 -17.21 40.95 -21.54
C GLN A 190 -16.05 41.94 -21.36
N THR A 191 -15.94 42.50 -20.17
CA THR A 191 -15.01 43.60 -19.95
C THR A 191 -14.22 43.47 -18.63
N ARG A 192 -12.90 43.46 -18.74
CA ARG A 192 -12.10 43.36 -17.54
C ARG A 192 -12.38 44.55 -16.62
N GLN A 193 -12.58 44.30 -15.34
CA GLN A 193 -12.59 45.37 -14.35
C GLN A 193 -11.64 44.98 -13.22
N VAL A 194 -11.23 45.96 -12.42
CA VAL A 194 -10.38 45.73 -11.26
C VAL A 194 -10.92 46.54 -10.12
N ARG A 195 -11.22 45.87 -9.02
CA ARG A 195 -11.78 46.54 -7.87
C ARG A 195 -10.68 46.56 -6.82
N PHE A 196 -10.73 47.56 -5.96
CA PHE A 196 -10.03 47.45 -4.69
C PHE A 196 -11.09 47.27 -3.62
N TYR A 197 -10.96 46.18 -2.84
CA TYR A 197 -11.82 45.98 -1.68
C TYR A 197 -11.12 46.62 -0.48
N GLU A 198 -11.89 47.29 0.37
CA GLU A 198 -11.31 48.11 1.44
C GLU A 198 -10.57 47.26 2.46
N CYS A 199 -11.10 46.07 2.74
CA CYS A 199 -10.54 45.16 3.74
C CYS A 199 -9.09 44.80 3.44
N CYS A 200 -8.85 44.41 2.21
CA CYS A 200 -7.61 43.79 1.81
C CYS A 200 -6.88 44.79 0.95
N LYS A 201 -5.59 44.85 1.05
CA LYS A 201 -4.82 45.81 0.31
C LYS A 201 -4.78 45.76 -1.19
N GLU A 202 -4.94 44.54 -1.70
CA GLU A 202 -4.73 44.20 -3.11
C GLU A 202 -5.99 44.26 -3.95
N PRO A 203 -5.78 44.20 -5.27
CA PRO A 203 -6.82 44.25 -6.30
C PRO A 203 -7.55 42.96 -6.65
N TYR A 204 -8.76 43.02 -6.90
CA TYR A 204 -9.43 41.87 -7.43
C TYR A 204 -10.11 42.10 -8.79
N PRO A 205 -9.48 41.65 -9.89
CA PRO A 205 -10.11 41.80 -11.16
C PRO A 205 -11.28 40.90 -11.37
N ASP A 206 -12.19 41.32 -12.21
CA ASP A 206 -13.26 40.45 -12.62
C ASP A 206 -13.57 40.68 -14.09
N VAL A 207 -14.27 39.74 -14.73
CA VAL A 207 -14.73 39.98 -16.08
C VAL A 207 -16.24 40.17 -16.03
N ASN A 208 -16.70 41.38 -16.34
CA ASN A 208 -18.10 41.73 -16.19
C ASN A 208 -18.90 41.42 -17.45
N LEU A 209 -19.87 40.53 -17.30
CA LEU A 209 -20.70 40.10 -18.40
C LEU A 209 -21.96 40.94 -18.44
N VAL A 210 -22.14 41.68 -19.52
CA VAL A 210 -23.28 42.57 -19.65
C VAL A 210 -24.19 42.16 -20.82
N VAL A 211 -25.46 41.91 -20.52
CA VAL A 211 -26.37 41.43 -21.56
C VAL A 211 -27.60 42.36 -21.66
N LYS A 212 -27.87 42.85 -22.87
CA LYS A 212 -29.08 43.60 -23.15
C LYS A 212 -29.88 42.73 -24.09
N PHE A 213 -31.07 42.33 -23.63
CA PHE A 213 -31.91 41.36 -24.31
C PHE A 213 -33.36 41.78 -24.15
N ARG A 214 -34.25 41.26 -24.99
CA ARG A 214 -35.66 41.59 -24.95
C ARG A 214 -36.40 40.43 -25.57
N GLU A 215 -37.72 40.37 -25.38
CA GLU A 215 -38.49 39.22 -25.79
C GLU A 215 -38.81 39.26 -27.26
N ARG A 216 -39.19 38.12 -27.79
CA ARG A 216 -39.51 37.94 -29.17
C ARG A 216 -38.61 36.85 -29.68
N LYS B 3 -18.99 -31.15 -8.33
CA LYS B 3 -20.12 -31.51 -9.17
C LYS B 3 -20.01 -30.85 -10.55
N ASP B 4 -21.13 -30.37 -11.06
CA ASP B 4 -21.19 -29.49 -12.23
C ASP B 4 -21.05 -28.09 -11.66
N ASP B 5 -21.02 -28.04 -10.32
CA ASP B 5 -20.66 -26.83 -9.60
C ASP B 5 -19.27 -26.39 -10.04
N ASP B 6 -18.33 -27.33 -9.99
CA ASP B 6 -16.93 -27.04 -10.29
C ASP B 6 -16.77 -26.29 -11.61
N ASP B 7 -17.58 -26.63 -12.61
CA ASP B 7 -17.55 -25.99 -13.92
C ASP B 7 -17.98 -24.50 -13.93
N LYS B 8 -19.04 -24.14 -13.20
CA LYS B 8 -19.42 -22.73 -13.09
C LYS B 8 -18.30 -21.90 -12.42
N LEU B 9 -17.57 -22.48 -11.48
CA LEU B 9 -16.43 -21.80 -10.84
C LEU B 9 -15.32 -21.50 -11.84
N HIS B 10 -14.97 -22.53 -12.60
CA HIS B 10 -14.05 -22.43 -13.71
C HIS B 10 -14.45 -21.28 -14.61
N SER B 11 -15.75 -21.18 -14.91
CA SER B 11 -16.26 -20.12 -15.76
C SER B 11 -16.04 -18.75 -15.12
N GLN B 12 -16.37 -18.61 -13.85
CA GLN B 12 -16.18 -17.34 -13.16
C GLN B 12 -14.71 -16.96 -13.20
N ALA B 13 -13.86 -17.94 -12.97
CA ALA B 13 -12.44 -17.65 -12.89
C ALA B 13 -11.90 -17.21 -14.24
N ASN B 14 -12.31 -17.86 -15.33
CA ASN B 14 -11.93 -17.36 -16.65
C ASN B 14 -12.37 -15.91 -16.85
N LEU B 15 -13.56 -15.56 -16.37
CA LEU B 15 -14.01 -14.18 -16.48
C LEU B 15 -13.28 -13.28 -15.48
N MET B 16 -13.17 -13.67 -14.21
CA MET B 16 -12.43 -12.84 -13.25
C MET B 16 -10.99 -12.66 -13.72
N ARG B 17 -10.48 -13.67 -14.42
CA ARG B 17 -9.12 -13.62 -14.94
C ARG B 17 -9.03 -12.73 -16.17
N LEU B 18 -9.97 -12.88 -17.10
CA LEU B 18 -9.98 -12.10 -18.33
C LEU B 18 -10.03 -10.59 -18.06
N LYS B 19 -10.90 -10.17 -17.16
CA LYS B 19 -11.00 -8.75 -16.85
C LYS B 19 -9.72 -8.20 -16.23
N SER B 20 -9.15 -8.95 -15.29
CA SER B 20 -7.92 -8.55 -14.65
C SER B 20 -6.81 -8.34 -15.69
N ASP B 21 -6.68 -9.27 -16.63
CA ASP B 21 -5.64 -9.15 -17.64
C ASP B 21 -5.86 -7.89 -18.49
N LEU B 22 -7.11 -7.61 -18.81
CA LEU B 22 -7.47 -6.45 -19.62
C LEU B 22 -7.23 -5.13 -18.85
N PHE B 23 -7.84 -5.02 -17.66
CA PHE B 23 -7.82 -3.81 -16.82
C PHE B 23 -6.62 -3.54 -15.93
N ASN B 24 -6.10 -4.59 -15.29
CA ASN B 24 -5.02 -4.44 -14.31
C ASN B 24 -3.61 -4.70 -14.86
N ARG B 25 -3.51 -5.08 -16.12
CA ARG B 25 -2.19 -5.18 -16.74
C ARG B 25 -1.82 -4.11 -17.81
N SER B 26 -2.52 -2.99 -17.79
CA SER B 26 -2.09 -1.74 -18.44
C SER B 26 -2.69 -0.51 -17.73
N PRO B 27 -1.97 0.62 -17.71
CA PRO B 27 -2.43 1.67 -16.79
C PRO B 27 -3.84 2.13 -17.11
N MET B 28 -4.06 2.60 -18.32
CA MET B 28 -5.36 3.08 -18.74
C MET B 28 -5.19 3.42 -20.19
N TYR B 29 -6.27 3.41 -20.98
CA TYR B 29 -6.24 3.82 -22.36
C TYR B 29 -6.35 5.33 -22.20
N PRO B 30 -5.40 6.05 -22.77
CA PRO B 30 -5.30 7.50 -22.77
C PRO B 30 -6.43 8.11 -23.58
N GLY B 31 -7.12 7.23 -24.31
CA GLY B 31 -8.13 7.64 -25.24
C GLY B 31 -7.43 7.86 -26.54
N PRO B 32 -8.20 8.09 -27.60
CA PRO B 32 -7.74 8.24 -28.98
C PRO B 32 -6.82 9.43 -29.23
N THR B 33 -6.00 9.31 -30.26
CA THR B 33 -5.10 10.36 -30.66
C THR B 33 -5.11 10.49 -32.20
N LYS B 34 -4.38 11.44 -32.75
CA LYS B 34 -4.29 11.57 -34.20
C LYS B 34 -3.65 10.34 -34.82
N ASP B 35 -2.68 9.74 -34.12
CA ASP B 35 -2.11 8.46 -34.56
C ASP B 35 -2.89 7.17 -34.18
N ASP B 36 -3.74 7.20 -33.15
CA ASP B 36 -4.69 6.12 -32.91
C ASP B 36 -6.05 6.78 -33.10
N PRO B 37 -6.67 6.61 -34.27
CA PRO B 37 -7.99 7.23 -34.26
C PRO B 37 -9.13 6.29 -33.92
N LEU B 38 -10.32 6.85 -33.82
CA LEU B 38 -11.44 6.12 -33.28
C LEU B 38 -12.73 6.54 -33.95
N THR B 39 -13.54 5.56 -34.31
CA THR B 39 -14.84 5.87 -34.89
C THR B 39 -15.94 5.36 -33.97
N VAL B 40 -16.82 6.26 -33.57
CA VAL B 40 -17.96 5.96 -32.71
C VAL B 40 -19.25 5.97 -33.52
N THR B 41 -19.99 4.87 -33.53
CA THR B 41 -21.25 4.84 -34.24
C THR B 41 -22.41 5.13 -33.29
N LEU B 42 -23.19 6.16 -33.63
CA LEU B 42 -24.37 6.60 -32.87
C LEU B 42 -25.70 6.22 -33.51
N GLY B 43 -26.67 5.96 -32.66
CA GLY B 43 -28.03 5.76 -33.11
C GLY B 43 -28.96 6.03 -31.95
N PHE B 44 -30.18 6.40 -32.26
CA PHE B 44 -31.13 6.80 -31.26
C PHE B 44 -32.39 5.97 -31.42
N THR B 45 -32.95 5.58 -30.28
CA THR B 45 -34.28 5.02 -30.19
C THR B 45 -35.07 6.02 -29.39
N LEU B 46 -36.07 6.66 -29.98
CA LEU B 46 -36.79 7.71 -29.27
C LEU B 46 -37.99 7.11 -28.53
N GLN B 47 -37.93 7.07 -27.21
CA GLN B 47 -39.00 6.52 -26.37
C GLN B 47 -40.14 7.51 -26.09
N ASP B 48 -39.84 8.77 -25.81
CA ASP B 48 -40.89 9.71 -25.50
C ASP B 48 -40.53 11.18 -25.78
N ILE B 49 -41.54 12.01 -26.03
CA ILE B 49 -41.37 13.44 -25.83
C ILE B 49 -42.23 13.77 -24.63
N VAL B 50 -41.61 14.06 -23.50
CA VAL B 50 -42.39 14.20 -22.28
C VAL B 50 -43.03 15.57 -22.12
N LYS B 51 -42.29 16.61 -22.43
CA LYS B 51 -42.74 17.95 -22.15
C LYS B 51 -42.30 18.85 -23.28
N ALA B 52 -43.19 19.72 -23.77
CA ALA B 52 -42.76 20.82 -24.62
C ALA B 52 -43.12 22.06 -23.86
N ASP B 53 -42.22 23.03 -23.78
CA ASP B 53 -42.51 24.17 -22.94
C ASP B 53 -42.39 25.47 -23.70
N SER B 54 -43.52 26.15 -23.88
CA SER B 54 -43.55 27.38 -24.64
C SER B 54 -42.88 28.55 -23.95
N SER B 55 -42.88 28.54 -22.62
CA SER B 55 -42.37 29.68 -21.88
C SER B 55 -40.88 29.79 -22.01
N THR B 56 -40.18 28.68 -21.77
CA THR B 56 -38.72 28.65 -21.91
C THR B 56 -38.20 28.18 -23.26
N ASN B 57 -39.07 27.65 -24.10
CA ASN B 57 -38.58 27.04 -25.33
C ASN B 57 -37.55 25.96 -25.06
N GLU B 58 -37.94 25.02 -24.20
CA GLU B 58 -37.12 23.88 -23.85
C GLU B 58 -38.00 22.70 -24.12
N VAL B 59 -37.42 21.59 -24.58
CA VAL B 59 -38.21 20.38 -24.78
C VAL B 59 -37.50 19.18 -24.22
N ASP B 60 -38.26 18.25 -23.64
CA ASP B 60 -37.64 17.17 -22.90
C ASP B 60 -37.89 15.80 -23.53
N LEU B 61 -36.83 15.09 -23.89
CA LEU B 61 -36.96 13.79 -24.58
C LEU B 61 -36.41 12.68 -23.71
N VAL B 62 -36.88 11.46 -23.96
CA VAL B 62 -36.31 10.27 -23.36
C VAL B 62 -35.93 9.32 -24.48
N TYR B 63 -34.66 8.91 -24.54
CA TYR B 63 -34.24 8.04 -25.62
C TYR B 63 -33.12 7.16 -25.15
N TRP B 64 -32.67 6.24 -26.01
CA TRP B 64 -31.49 5.43 -25.73
C TRP B 64 -30.43 5.71 -26.78
N GLU B 65 -29.23 6.07 -26.34
CA GLU B 65 -28.23 6.46 -27.29
C GLU B 65 -27.31 5.27 -27.48
N GLN B 66 -27.34 4.61 -28.64
CA GLN B 66 -26.45 3.49 -28.82
C GLN B 66 -25.11 4.02 -29.20
N GLN B 67 -24.06 3.53 -28.55
CA GLN B 67 -22.71 4.00 -28.79
C GLN B 67 -21.83 2.81 -29.05
N ARG B 68 -21.07 2.84 -30.14
CA ARG B 68 -20.27 1.67 -30.51
C ARG B 68 -18.92 2.13 -30.99
N TRP B 69 -17.87 1.49 -30.49
CA TRP B 69 -16.50 1.83 -30.86
C TRP B 69 -15.64 0.61 -30.61
N LYS B 70 -14.48 0.56 -31.24
CA LYS B 70 -13.60 -0.59 -31.07
C LYS B 70 -12.21 -0.16 -30.64
N LEU B 71 -11.71 -0.79 -29.58
CA LEU B 71 -10.34 -0.58 -29.13
C LEU B 71 -9.56 -1.87 -29.36
N ASN B 72 -8.31 -1.76 -29.79
CA ASN B 72 -7.47 -2.94 -29.86
C ASN B 72 -7.01 -3.36 -28.47
N SER B 73 -7.03 -2.40 -27.54
CA SER B 73 -6.61 -2.66 -26.17
C SER B 73 -7.55 -3.61 -25.45
N LEU B 74 -8.79 -3.75 -25.90
CA LEU B 74 -9.60 -4.81 -25.33
C LEU B 74 -9.76 -5.79 -26.43
N MET B 75 -9.00 -6.87 -26.39
CA MET B 75 -9.07 -7.84 -27.44
C MET B 75 -8.58 -9.07 -26.77
N TRP B 76 -9.11 -10.22 -27.12
CA TRP B 76 -8.54 -11.43 -26.55
C TRP B 76 -8.90 -12.62 -27.39
N ASP B 77 -8.11 -13.67 -27.24
CA ASP B 77 -8.45 -14.94 -27.85
C ASP B 77 -9.41 -15.63 -26.90
N PRO B 78 -10.65 -15.83 -27.34
CA PRO B 78 -11.56 -16.55 -26.48
C PRO B 78 -10.94 -17.87 -26.01
N ASN B 79 -10.16 -18.53 -26.86
CA ASN B 79 -9.61 -19.82 -26.52
C ASN B 79 -8.68 -19.79 -25.31
N GLU B 80 -7.95 -18.69 -25.15
CA GLU B 80 -7.09 -18.45 -23.98
C GLU B 80 -7.87 -18.20 -22.68
N TYR B 81 -9.07 -17.67 -22.86
CA TYR B 81 -10.02 -17.38 -21.78
C TYR B 81 -11.28 -18.22 -21.69
N GLY B 82 -11.22 -19.50 -22.00
CA GLY B 82 -12.31 -20.41 -21.67
C GLY B 82 -13.46 -20.28 -22.64
N ASN B 83 -13.12 -19.74 -23.80
CA ASN B 83 -14.06 -19.40 -24.86
C ASN B 83 -15.08 -18.33 -24.43
N ILE B 84 -14.61 -17.31 -23.74
CA ILE B 84 -15.48 -16.18 -23.46
C ILE B 84 -15.43 -15.23 -24.65
N THR B 85 -16.55 -15.08 -25.35
CA THR B 85 -16.62 -14.16 -26.48
C THR B 85 -16.88 -12.71 -26.10
N ASP B 86 -17.54 -12.52 -24.95
CA ASP B 86 -17.87 -11.18 -24.47
C ASP B 86 -18.22 -11.15 -22.98
N PHE B 87 -18.44 -9.96 -22.44
CA PHE B 87 -18.87 -9.84 -21.06
C PHE B 87 -19.50 -8.50 -20.80
N ARG B 88 -20.26 -8.40 -19.72
CA ARG B 88 -20.79 -7.11 -19.28
C ARG B 88 -19.93 -6.52 -18.16
N THR B 89 -19.76 -5.22 -18.16
CA THR B 89 -19.03 -4.64 -17.07
C THR B 89 -19.39 -3.20 -16.91
N SER B 90 -19.06 -2.67 -15.74
CA SER B 90 -19.30 -1.29 -15.41
C SER B 90 -18.65 -0.34 -16.43
N ALA B 91 -19.40 0.68 -16.88
CA ALA B 91 -18.91 1.61 -17.88
C ALA B 91 -17.77 2.41 -17.29
N ALA B 92 -17.73 2.43 -15.96
CA ALA B 92 -16.65 3.12 -15.28
C ALA B 92 -15.33 2.33 -15.32
N ASP B 93 -15.35 1.10 -15.83
CA ASP B 93 -14.14 0.28 -15.88
C ASP B 93 -13.46 0.45 -17.21
N ILE B 94 -14.10 1.22 -18.09
CA ILE B 94 -13.53 1.42 -19.41
C ILE B 94 -13.57 2.87 -19.85
N TRP B 95 -13.00 3.13 -21.03
CA TRP B 95 -13.04 4.42 -21.62
C TRP B 95 -14.35 4.51 -22.38
N THR B 96 -15.04 5.62 -22.20
CA THR B 96 -16.24 5.91 -22.96
C THR B 96 -16.03 7.29 -23.58
N PRO B 97 -16.48 7.48 -24.83
CA PRO B 97 -16.28 8.72 -25.60
C PRO B 97 -16.99 9.86 -24.96
N ASP B 98 -16.56 11.11 -25.15
CA ASP B 98 -17.37 12.16 -24.56
C ASP B 98 -18.36 12.58 -25.59
N ILE B 99 -19.58 12.11 -25.46
CA ILE B 99 -20.57 12.43 -26.46
C ILE B 99 -21.61 13.20 -25.72
N THR B 100 -21.94 14.36 -26.25
CA THR B 100 -22.74 15.31 -25.53
C THR B 100 -23.69 15.96 -26.53
N ALA B 101 -24.85 16.40 -26.08
CA ALA B 101 -25.71 17.20 -26.93
C ALA B 101 -25.14 18.60 -26.86
N TYR B 102 -25.22 19.35 -27.95
CA TYR B 102 -24.70 20.70 -27.91
C TYR B 102 -25.75 21.72 -27.52
N SER B 103 -27.01 21.29 -27.52
CA SER B 103 -28.13 22.13 -27.13
C SER B 103 -28.72 21.96 -25.73
N SER B 104 -28.20 21.09 -24.88
CA SER B 104 -28.84 20.87 -23.58
C SER B 104 -28.99 22.17 -22.80
N THR B 105 -30.17 22.39 -22.25
CA THR B 105 -30.37 23.48 -21.29
C THR B 105 -30.32 23.02 -19.82
N ARG B 106 -30.19 21.72 -19.57
CA ARG B 106 -30.09 21.15 -18.23
C ARG B 106 -29.22 19.92 -18.35
N PRO B 107 -28.43 19.60 -17.32
CA PRO B 107 -27.56 18.42 -17.46
C PRO B 107 -28.36 17.15 -17.68
N VAL B 108 -27.92 16.28 -18.58
CA VAL B 108 -28.63 15.04 -18.86
C VAL B 108 -28.84 14.19 -17.61
N GLN B 109 -29.94 13.45 -17.53
CA GLN B 109 -30.14 12.54 -16.42
C GLN B 109 -30.14 11.11 -16.94
N VAL B 110 -29.47 10.20 -16.25
CA VAL B 110 -29.26 8.84 -16.76
C VAL B 110 -30.30 7.90 -16.19
N LEU B 111 -31.09 7.25 -17.05
CA LEU B 111 -32.21 6.47 -16.56
C LEU B 111 -31.90 4.98 -16.42
N SER B 112 -30.71 4.57 -16.87
CA SER B 112 -30.38 3.15 -16.93
C SER B 112 -29.05 2.86 -16.26
N PRO B 113 -28.87 1.62 -15.76
CA PRO B 113 -27.59 1.22 -15.18
C PRO B 113 -26.42 1.50 -16.14
N GLN B 114 -25.33 2.07 -15.65
CA GLN B 114 -24.23 2.29 -16.57
C GLN B 114 -23.30 1.12 -16.47
N ASN B 115 -23.38 0.30 -17.52
CA ASN B 115 -22.71 -0.96 -17.69
C ASN B 115 -22.65 -1.07 -19.20
N ALA B 116 -21.67 -1.79 -19.72
CA ALA B 116 -21.52 -1.84 -21.17
C ALA B 116 -21.22 -3.29 -21.55
N LEU B 117 -21.28 -3.60 -22.85
CA LEU B 117 -20.92 -4.94 -23.30
C LEU B 117 -19.64 -4.88 -24.11
N VAL B 118 -18.69 -5.75 -23.76
CA VAL B 118 -17.38 -5.77 -24.42
C VAL B 118 -17.20 -7.13 -25.05
N THR B 119 -16.71 -7.12 -26.29
CA THR B 119 -16.68 -8.29 -27.14
C THR B 119 -15.26 -8.52 -27.63
N HIS B 120 -14.86 -9.78 -27.77
CA HIS B 120 -13.46 -10.13 -27.91
C HIS B 120 -12.74 -9.47 -29.07
N ASP B 121 -13.50 -8.95 -30.03
CA ASP B 121 -12.90 -8.37 -31.21
C ASP B 121 -12.48 -6.98 -30.86
N GLY B 122 -12.77 -6.59 -29.63
CA GLY B 122 -12.41 -5.28 -29.14
C GLY B 122 -13.50 -4.24 -29.17
N SER B 123 -14.70 -4.65 -29.53
CA SER B 123 -15.79 -3.71 -29.70
C SER B 123 -16.57 -3.53 -28.43
N VAL B 124 -16.95 -2.30 -28.15
CA VAL B 124 -17.79 -2.00 -27.00
C VAL B 124 -19.13 -1.48 -27.48
N GLN B 125 -20.21 -1.98 -26.90
CA GLN B 125 -21.54 -1.39 -27.08
C GLN B 125 -22.16 -0.98 -25.76
N TYR B 126 -22.33 0.33 -25.59
CA TYR B 126 -22.90 0.97 -24.43
C TYR B 126 -24.22 1.55 -24.88
N LEU B 127 -25.25 1.48 -24.05
CA LEU B 127 -26.56 1.99 -24.45
C LEU B 127 -27.27 2.75 -23.31
N PRO B 128 -26.83 3.98 -23.04
CA PRO B 128 -27.46 4.79 -21.99
C PRO B 128 -28.87 5.25 -22.29
N ALA B 129 -29.82 5.07 -21.37
CA ALA B 129 -31.11 5.72 -21.52
C ALA B 129 -31.00 7.05 -20.82
N GLN B 130 -31.40 8.13 -21.47
CA GLN B 130 -31.29 9.47 -20.89
C GLN B 130 -32.56 10.28 -21.08
N ARG B 131 -32.81 11.20 -20.16
CA ARG B 131 -33.84 12.22 -20.35
C ARG B 131 -33.14 13.53 -20.58
N LEU B 132 -33.40 14.20 -21.71
CA LEU B 132 -32.65 15.41 -22.08
C LEU B 132 -33.52 16.64 -22.31
N SER B 133 -33.19 17.78 -21.69
CA SER B 133 -33.86 19.03 -22.01
C SER B 133 -33.01 19.81 -22.98
N PHE B 134 -33.57 20.23 -24.11
CA PHE B 134 -32.77 21.02 -25.04
C PHE B 134 -33.54 22.19 -25.65
N MET B 135 -32.82 23.08 -26.32
CA MET B 135 -33.44 24.25 -26.88
C MET B 135 -34.30 23.83 -28.06
N CYS B 136 -35.58 24.14 -27.95
CA CYS B 136 -36.59 23.79 -28.96
C CYS B 136 -37.73 24.79 -28.93
N ASP B 137 -38.23 25.18 -30.09
CA ASP B 137 -39.40 26.07 -30.12
C ASP B 137 -40.58 25.24 -30.58
N PRO B 138 -41.47 24.90 -29.63
CA PRO B 138 -42.58 23.98 -29.74
C PRO B 138 -43.65 24.52 -30.67
N THR B 139 -43.55 25.80 -30.98
CA THR B 139 -44.57 26.51 -31.70
C THR B 139 -44.99 25.72 -32.93
N GLY B 140 -46.31 25.55 -33.09
CA GLY B 140 -46.84 24.78 -34.20
C GLY B 140 -47.12 23.32 -33.88
N VAL B 141 -46.98 22.95 -32.61
CA VAL B 141 -47.06 21.58 -32.17
C VAL B 141 -48.53 21.16 -32.10
N ASP B 142 -49.39 22.17 -31.99
CA ASP B 142 -50.83 21.98 -31.94
C ASP B 142 -51.49 22.13 -33.32
N SER B 143 -50.68 22.37 -34.34
CA SER B 143 -51.21 22.48 -35.68
C SER B 143 -51.04 21.11 -36.23
N GLU B 144 -51.51 20.88 -37.45
CA GLU B 144 -51.35 19.54 -38.01
C GLU B 144 -49.99 19.33 -38.63
N GLU B 145 -49.31 20.40 -39.01
CA GLU B 145 -47.98 20.24 -39.58
C GLU B 145 -46.98 19.97 -38.47
N GLY B 146 -47.33 20.40 -37.26
CA GLY B 146 -46.52 20.14 -36.08
C GLY B 146 -45.32 21.06 -35.91
N ALA B 147 -44.42 20.65 -35.02
CA ALA B 147 -43.24 21.43 -34.69
C ALA B 147 -41.98 20.70 -35.09
N THR B 148 -40.90 21.45 -35.27
CA THR B 148 -39.70 20.83 -35.78
C THR B 148 -38.51 21.25 -34.95
N CYS B 149 -37.80 20.30 -34.40
CA CYS B 149 -36.68 20.65 -33.55
C CYS B 149 -35.47 19.80 -33.85
N ALA B 150 -34.29 20.36 -33.57
CA ALA B 150 -33.05 19.67 -33.89
C ALA B 150 -31.98 19.86 -32.82
N VAL B 151 -31.25 18.80 -32.50
CA VAL B 151 -30.18 18.89 -31.54
C VAL B 151 -29.00 18.07 -32.07
N LYS B 152 -27.79 18.59 -31.90
CA LYS B 152 -26.61 17.90 -32.41
C LYS B 152 -25.83 17.19 -31.33
N PHE B 153 -25.26 16.03 -31.67
CA PHE B 153 -24.42 15.30 -30.73
C PHE B 153 -23.02 15.05 -31.32
N GLY B 154 -22.00 15.10 -30.48
CA GLY B 154 -20.67 14.73 -30.91
C GLY B 154 -19.68 14.85 -29.78
N SER B 155 -18.41 14.67 -30.11
CA SER B 155 -17.38 14.81 -29.09
C SER B 155 -17.40 16.24 -28.56
N TRP B 156 -17.33 16.47 -27.27
CA TRP B 156 -17.09 17.80 -26.78
C TRP B 156 -15.64 18.22 -26.99
N SER B 157 -14.70 17.33 -26.75
CA SER B 157 -13.33 17.72 -26.84
C SER B 157 -12.40 17.21 -27.87
N TYR B 158 -12.76 16.25 -28.67
CA TYR B 158 -11.94 15.76 -29.75
C TYR B 158 -12.40 16.21 -31.10
N SER B 159 -11.58 16.02 -32.10
CA SER B 159 -11.84 16.47 -33.41
C SER B 159 -11.88 15.34 -34.32
N GLY B 160 -12.36 15.52 -35.52
CA GLY B 160 -12.56 14.39 -36.41
C GLY B 160 -11.35 13.49 -36.51
N PHE B 161 -10.16 14.04 -36.34
CA PHE B 161 -8.92 13.27 -36.41
C PHE B 161 -8.71 12.26 -35.27
N GLU B 162 -9.47 12.43 -34.20
CA GLU B 162 -9.42 11.51 -33.07
C GLU B 162 -10.66 10.64 -32.80
N ILE B 163 -11.82 11.27 -32.77
CA ILE B 163 -13.11 10.60 -32.82
C ILE B 163 -13.93 11.01 -34.04
N ASP B 164 -14.32 10.01 -34.83
CA ASP B 164 -15.22 10.22 -35.96
C ASP B 164 -16.56 9.57 -35.62
N LEU B 165 -17.64 10.10 -36.17
CA LEU B 165 -18.96 9.55 -35.94
C LEU B 165 -19.56 9.00 -37.21
N LYS B 166 -20.44 8.04 -37.05
CA LYS B 166 -20.97 7.26 -38.16
C LYS B 166 -22.37 6.85 -37.74
N THR B 167 -23.28 6.70 -38.70
CA THR B 167 -24.62 6.21 -38.38
C THR B 167 -24.92 4.99 -39.24
N ASP B 168 -25.54 3.97 -38.66
CA ASP B 168 -25.91 2.79 -39.42
C ASP B 168 -27.09 3.13 -40.32
N THR B 169 -27.85 4.14 -39.93
CA THR B 169 -28.98 4.60 -40.71
C THR B 169 -29.26 6.04 -40.36
N ASP B 170 -29.93 6.76 -41.25
CA ASP B 170 -30.33 8.13 -40.97
CA ASP B 170 -30.32 8.13 -40.96
C ASP B 170 -31.70 8.09 -40.32
N GLN B 171 -32.17 6.88 -40.05
CA GLN B 171 -33.50 6.68 -39.52
C GLN B 171 -33.57 6.36 -38.04
N VAL B 172 -34.03 7.31 -37.24
CA VAL B 172 -34.17 7.09 -35.79
C VAL B 172 -35.17 5.97 -35.49
N ASP B 173 -34.94 5.21 -34.42
CA ASP B 173 -35.71 3.99 -34.19
C ASP B 173 -36.96 4.30 -33.34
N LEU B 174 -38.13 4.21 -33.97
CA LEU B 174 -39.38 4.51 -33.30
C LEU B 174 -40.15 3.26 -32.78
N SER B 175 -39.61 2.08 -33.01
CA SER B 175 -40.33 0.89 -32.60
C SER B 175 -40.74 0.93 -31.14
N SER B 176 -39.93 1.56 -30.30
CA SER B 176 -40.23 1.63 -28.88
C SER B 176 -40.94 2.91 -28.40
N TYR B 177 -41.28 3.83 -29.30
CA TYR B 177 -41.86 5.13 -28.91
C TYR B 177 -43.18 5.00 -28.20
N TYR B 178 -43.35 5.70 -27.08
CA TYR B 178 -44.55 5.60 -26.25
C TYR B 178 -45.82 5.82 -27.07
N ALA B 179 -46.75 4.87 -26.99
CA ALA B 179 -47.90 4.88 -27.86
C ALA B 179 -48.85 5.98 -27.45
N SER B 180 -48.92 6.20 -26.14
CA SER B 180 -49.78 7.21 -25.51
C SER B 180 -49.16 8.57 -25.16
N SER B 181 -47.96 8.83 -25.64
CA SER B 181 -47.24 10.05 -25.29
C SER B 181 -48.06 11.25 -25.62
N LYS B 182 -47.85 12.35 -24.89
CA LYS B 182 -48.65 13.55 -25.09
C LYS B 182 -48.52 14.03 -26.52
N TYR B 183 -47.47 13.58 -27.19
CA TYR B 183 -47.15 14.06 -28.52
C TYR B 183 -46.88 12.90 -29.46
N GLU B 184 -47.17 13.05 -30.75
CA GLU B 184 -46.90 11.98 -31.71
C GLU B 184 -45.77 12.36 -32.68
N ILE B 185 -45.13 11.35 -33.26
CA ILE B 185 -43.93 11.62 -34.02
C ILE B 185 -44.12 11.50 -35.56
N LEU B 186 -43.96 12.62 -36.25
CA LEU B 186 -44.07 12.69 -37.69
C LEU B 186 -42.81 12.18 -38.43
N SER B 187 -41.66 12.69 -38.02
CA SER B 187 -40.40 12.25 -38.58
C SER B 187 -39.42 12.23 -37.44
N ALA B 188 -38.48 11.30 -37.49
CA ALA B 188 -37.28 11.39 -36.68
C ALA B 188 -36.17 10.85 -37.54
N THR B 189 -35.06 11.57 -37.64
CA THR B 189 -33.93 11.15 -38.47
C THR B 189 -32.66 11.58 -37.80
N GLN B 190 -31.59 10.86 -38.08
CA GLN B 190 -30.30 11.18 -37.51
C GLN B 190 -29.28 11.28 -38.62
N THR B 191 -28.81 12.50 -38.87
CA THR B 191 -27.93 12.75 -39.99
C THR B 191 -26.59 13.22 -39.47
N ARG B 192 -25.55 12.57 -39.95
CA ARG B 192 -24.18 12.90 -39.61
C ARG B 192 -23.72 14.13 -40.38
N GLN B 193 -22.99 15.02 -39.73
CA GLN B 193 -22.52 16.19 -40.44
C GLN B 193 -21.09 16.47 -40.03
N VAL B 194 -20.43 17.34 -40.79
CA VAL B 194 -19.09 17.80 -40.46
C VAL B 194 -19.05 19.34 -40.34
N ARG B 195 -18.62 19.83 -39.19
CA ARG B 195 -18.46 21.26 -38.96
C ARG B 195 -17.04 21.65 -39.29
N PHE B 196 -16.84 22.84 -39.85
CA PHE B 196 -15.51 23.45 -39.98
C PHE B 196 -15.50 24.81 -39.30
N TYR B 197 -14.34 25.25 -38.83
CA TYR B 197 -14.23 26.59 -38.25
C TYR B 197 -13.01 27.25 -38.83
N GLU B 198 -13.06 28.56 -38.96
CA GLU B 198 -12.10 29.32 -39.73
C GLU B 198 -10.76 29.30 -39.05
N CYS B 199 -10.80 28.93 -37.78
CA CYS B 199 -9.70 29.11 -36.88
C CYS B 199 -8.81 27.89 -36.91
N CYS B 200 -9.26 26.87 -37.65
CA CYS B 200 -8.76 25.51 -37.47
C CYS B 200 -8.72 24.78 -38.79
N LYS B 201 -7.84 23.80 -38.91
CA LYS B 201 -7.84 23.00 -40.11
C LYS B 201 -8.68 21.69 -40.03
N GLU B 202 -9.16 21.35 -38.82
CA GLU B 202 -9.84 20.05 -38.59
C GLU B 202 -11.36 20.04 -38.76
N PRO B 203 -11.89 18.87 -39.18
CA PRO B 203 -13.31 18.52 -39.21
C PRO B 203 -13.89 18.28 -37.83
N TYR B 204 -15.08 18.81 -37.53
CA TYR B 204 -15.78 18.39 -36.35
C TYR B 204 -17.09 17.74 -36.74
N PRO B 205 -17.19 16.43 -36.56
CA PRO B 205 -18.42 15.69 -36.86
C PRO B 205 -19.49 15.88 -35.79
N ASP B 206 -20.75 15.74 -36.20
CA ASP B 206 -21.88 15.70 -35.28
C ASP B 206 -22.96 14.82 -35.89
N VAL B 207 -23.84 14.27 -35.06
CA VAL B 207 -25.02 13.58 -35.58
C VAL B 207 -26.28 14.36 -35.25
N ASN B 208 -26.94 14.90 -36.27
CA ASN B 208 -28.10 15.75 -36.09
C ASN B 208 -29.39 14.99 -35.90
N LEU B 209 -30.07 15.24 -34.79
CA LEU B 209 -31.35 14.64 -34.53
C LEU B 209 -32.41 15.68 -34.88
N VAL B 210 -33.26 15.36 -35.85
CA VAL B 210 -34.43 16.19 -36.17
C VAL B 210 -35.73 15.46 -35.83
N VAL B 211 -36.51 16.07 -34.95
CA VAL B 211 -37.75 15.51 -34.43
C VAL B 211 -38.90 16.37 -34.94
N LYS B 212 -39.93 15.72 -35.50
CA LYS B 212 -41.09 16.44 -36.02
C LYS B 212 -42.29 15.81 -35.37
N PHE B 213 -42.99 16.58 -34.54
CA PHE B 213 -43.96 16.05 -33.62
C PHE B 213 -45.14 17.02 -33.48
N ARG B 214 -46.29 16.51 -33.00
CA ARG B 214 -47.45 17.33 -32.65
C ARG B 214 -48.28 16.62 -31.62
N GLU B 215 -49.14 17.36 -30.93
CA GLU B 215 -49.99 16.76 -29.91
C GLU B 215 -50.98 15.77 -30.53
N ARG B 216 -51.34 14.73 -29.79
CA ARG B 216 -52.39 13.80 -30.20
C ARG B 216 -53.78 14.46 -30.21
N ASP C 5 -20.90 -8.48 27.58
CA ASP C 5 -20.90 -9.92 27.82
C ASP C 5 -19.79 -10.64 27.06
N ASP C 6 -19.52 -11.86 27.50
CA ASP C 6 -18.47 -12.74 26.98
C ASP C 6 -18.65 -13.26 25.53
N ASP C 7 -19.78 -13.93 25.28
CA ASP C 7 -19.99 -14.62 24.01
C ASP C 7 -20.32 -13.65 22.90
N LYS C 8 -20.89 -12.50 23.28
CA LYS C 8 -21.20 -11.45 22.33
C LYS C 8 -19.95 -11.14 21.48
N LEU C 9 -18.80 -11.03 22.14
CA LEU C 9 -17.53 -10.80 21.45
C LEU C 9 -17.29 -11.84 20.34
N HIS C 10 -17.55 -13.10 20.65
CA HIS C 10 -17.41 -14.20 19.69
C HIS C 10 -18.36 -14.08 18.50
N SER C 11 -19.65 -13.89 18.75
CA SER C 11 -20.64 -13.80 17.68
C SER C 11 -20.15 -12.74 16.72
N GLN C 12 -19.71 -11.63 17.30
CA GLN C 12 -19.15 -10.55 16.53
C GLN C 12 -18.01 -11.09 15.69
N ALA C 13 -17.07 -11.75 16.32
CA ALA C 13 -15.91 -12.24 15.60
C ALA C 13 -16.30 -13.26 14.54
N ASN C 14 -17.17 -14.18 14.92
CA ASN C 14 -17.75 -15.13 13.98
C ASN C 14 -18.33 -14.48 12.72
N LEU C 15 -19.09 -13.39 12.88
CA LEU C 15 -19.66 -12.67 11.72
C LEU C 15 -18.61 -11.95 10.84
N MET C 16 -17.78 -11.11 11.45
CA MET C 16 -16.65 -10.46 10.77
C MET C 16 -15.77 -11.45 9.99
N ARG C 17 -15.49 -12.60 10.60
CA ARG C 17 -14.67 -13.62 9.96
C ARG C 17 -15.41 -14.17 8.74
N LEU C 18 -16.72 -14.34 8.88
CA LEU C 18 -17.52 -14.87 7.81
C LEU C 18 -17.50 -13.90 6.64
N LYS C 19 -17.68 -12.62 6.93
CA LYS C 19 -17.76 -11.62 5.87
C LYS C 19 -16.39 -11.35 5.22
N SER C 20 -15.34 -11.43 6.05
CA SER C 20 -13.97 -11.45 5.55
C SER C 20 -13.77 -12.59 4.56
N ASP C 21 -14.08 -13.81 5.01
CA ASP C 21 -13.94 -14.99 4.15
C ASP C 21 -14.76 -14.91 2.85
N LEU C 22 -15.93 -14.28 2.88
CA LEU C 22 -16.79 -14.21 1.69
C LEU C 22 -16.29 -13.15 0.73
N PHE C 23 -15.87 -12.02 1.29
CA PHE C 23 -15.60 -10.77 0.59
C PHE C 23 -14.15 -10.27 0.40
N ASN C 24 -13.37 -10.26 1.49
CA ASN C 24 -11.93 -10.00 1.41
C ASN C 24 -11.13 -11.12 0.76
N ARG C 25 -11.32 -12.36 1.21
CA ARG C 25 -10.60 -13.50 0.66
C ARG C 25 -10.97 -13.78 -0.80
N SER C 26 -12.28 -13.85 -1.07
CA SER C 26 -12.77 -14.05 -2.44
C SER C 26 -13.04 -12.71 -3.13
N PRO C 27 -12.65 -12.59 -4.42
CA PRO C 27 -12.71 -11.32 -5.15
C PRO C 27 -14.14 -10.94 -5.55
N MET C 28 -14.29 -9.84 -6.29
CA MET C 28 -15.60 -9.46 -6.80
C MET C 28 -16.13 -10.47 -7.82
N TYR C 29 -17.35 -10.95 -7.58
CA TYR C 29 -18.09 -11.81 -8.51
C TYR C 29 -18.35 -10.97 -9.75
N PRO C 30 -18.02 -11.55 -10.88
CA PRO C 30 -18.09 -10.93 -12.18
C PRO C 30 -19.50 -10.81 -12.74
N GLY C 31 -20.39 -11.44 -12.07
CA GLY C 31 -21.78 -11.37 -12.43
C GLY C 31 -22.08 -12.63 -13.18
N PRO C 32 -23.36 -12.87 -13.52
CA PRO C 32 -23.77 -14.08 -14.21
C PRO C 32 -23.15 -14.21 -15.59
N THR C 33 -22.99 -15.44 -16.05
CA THR C 33 -22.51 -15.72 -17.39
C THR C 33 -23.50 -16.63 -18.12
N LYS C 34 -23.40 -16.68 -19.43
CA LYS C 34 -24.12 -17.67 -20.18
C LYS C 34 -23.89 -19.05 -19.56
N ASP C 35 -22.72 -19.28 -18.99
CA ASP C 35 -22.38 -20.57 -18.39
C ASP C 35 -22.64 -20.64 -16.89
N ASP C 36 -23.06 -19.53 -16.29
CA ASP C 36 -23.38 -19.48 -14.87
C ASP C 36 -24.57 -18.55 -14.67
N PRO C 37 -25.77 -18.98 -15.10
CA PRO C 37 -26.94 -18.11 -15.15
C PRO C 37 -27.51 -17.85 -13.78
N LEU C 38 -28.35 -16.81 -13.66
CA LEU C 38 -29.06 -16.47 -12.44
C LEU C 38 -30.52 -16.51 -12.77
N THR C 39 -31.35 -16.55 -11.75
CA THR C 39 -32.77 -16.20 -11.86
C THR C 39 -33.13 -15.21 -10.74
N VAL C 40 -33.64 -14.06 -11.09
CA VAL C 40 -34.01 -13.06 -10.10
C VAL C 40 -35.52 -13.04 -9.95
N THR C 41 -36.02 -13.21 -8.74
CA THR C 41 -37.45 -13.18 -8.52
C THR C 41 -37.91 -11.75 -8.21
N LEU C 42 -38.99 -11.32 -8.84
CA LEU C 42 -39.49 -9.97 -8.63
C LEU C 42 -40.87 -10.01 -8.02
N GLY C 43 -41.15 -9.02 -7.18
CA GLY C 43 -42.51 -8.82 -6.75
C GLY C 43 -42.62 -7.37 -6.39
N PHE C 44 -43.80 -6.80 -6.45
CA PHE C 44 -43.91 -5.42 -6.09
C PHE C 44 -44.93 -5.29 -5.00
N THR C 45 -44.67 -4.37 -4.08
CA THR C 45 -45.62 -3.99 -3.06
C THR C 45 -45.97 -2.57 -3.41
N LEU C 46 -47.17 -2.28 -3.90
CA LEU C 46 -47.44 -0.91 -4.26
C LEU C 46 -47.98 -0.17 -3.04
N GLN C 47 -47.42 0.99 -2.78
CA GLN C 47 -47.66 1.73 -1.55
C GLN C 47 -48.42 3.02 -1.71
N ASP C 48 -48.05 3.83 -2.69
CA ASP C 48 -48.88 4.93 -3.13
C ASP C 48 -48.73 5.19 -4.61
N ILE C 49 -49.79 5.71 -5.25
CA ILE C 49 -49.66 6.46 -6.49
C ILE C 49 -49.76 7.90 -6.04
N VAL C 50 -48.64 8.63 -6.15
CA VAL C 50 -48.55 10.00 -5.63
C VAL C 50 -49.16 11.07 -6.52
N LYS C 51 -48.83 11.03 -7.81
CA LYS C 51 -49.22 12.12 -8.67
C LYS C 51 -49.46 11.60 -10.06
N ALA C 52 -50.49 12.15 -10.71
CA ALA C 52 -50.79 11.84 -12.10
C ALA C 52 -50.70 13.15 -12.86
N ASP C 53 -49.83 13.21 -13.86
CA ASP C 53 -49.67 14.46 -14.60
C ASP C 53 -50.01 14.25 -16.05
N SER C 54 -51.10 14.87 -16.48
CA SER C 54 -51.58 14.73 -17.84
C SER C 54 -51.07 15.83 -18.76
N SER C 55 -50.23 16.71 -18.24
CA SER C 55 -49.57 17.70 -19.07
C SER C 55 -48.50 16.99 -19.84
N THR C 56 -47.73 16.20 -19.09
CA THR C 56 -46.64 15.41 -19.60
C THR C 56 -46.96 13.93 -19.81
N ASN C 57 -48.15 13.49 -19.42
CA ASN C 57 -48.47 12.06 -19.36
C ASN C 57 -47.51 11.18 -18.52
N GLU C 58 -47.18 11.65 -17.32
CA GLU C 58 -46.28 10.97 -16.44
C GLU C 58 -47.04 10.62 -15.18
N VAL C 59 -46.76 9.47 -14.56
CA VAL C 59 -47.35 9.10 -13.27
C VAL C 59 -46.24 8.74 -12.29
N ASP C 60 -46.45 9.00 -10.99
CA ASP C 60 -45.41 8.70 -10.00
C ASP C 60 -45.84 7.60 -9.03
N LEU C 61 -45.01 6.59 -8.82
CA LEU C 61 -45.38 5.52 -7.90
C LEU C 61 -44.42 5.48 -6.74
N VAL C 62 -44.87 4.92 -5.62
CA VAL C 62 -43.93 4.54 -4.59
C VAL C 62 -44.21 3.10 -4.36
N TYR C 63 -43.16 2.28 -4.37
CA TYR C 63 -43.35 0.87 -4.14
C TYR C 63 -42.14 0.27 -3.46
N TRP C 64 -42.22 -1.00 -3.07
CA TRP C 64 -41.04 -1.75 -2.66
C TRP C 64 -40.90 -2.80 -3.72
N GLU C 65 -39.67 -2.99 -4.19
CA GLU C 65 -39.39 -3.97 -5.22
C GLU C 65 -38.56 -5.05 -4.60
N GLN C 66 -39.09 -6.27 -4.53
CA GLN C 66 -38.29 -7.32 -3.95
C GLN C 66 -37.56 -8.13 -4.99
N GLN C 67 -36.28 -8.33 -4.72
CA GLN C 67 -35.37 -9.04 -5.58
C GLN C 67 -34.78 -10.13 -4.73
N ARG C 68 -34.82 -11.34 -5.23
CA ARG C 68 -34.22 -12.45 -4.54
C ARG C 68 -33.49 -13.19 -5.64
N TRP C 69 -32.35 -13.78 -5.31
CA TRP C 69 -31.56 -14.48 -6.27
C TRP C 69 -30.51 -15.27 -5.49
N LYS C 70 -29.70 -16.08 -6.17
CA LYS C 70 -28.80 -16.95 -5.42
C LYS C 70 -27.44 -17.17 -6.09
N LEU C 71 -26.39 -17.06 -5.29
CA LEU C 71 -25.03 -17.27 -5.77
C LEU C 71 -24.36 -18.35 -4.92
N ASN C 72 -23.72 -19.30 -5.57
CA ASN C 72 -22.98 -20.32 -4.85
C ASN C 72 -21.87 -19.64 -4.07
N SER C 73 -21.33 -18.56 -4.62
CA SER C 73 -20.17 -17.93 -4.03
C SER C 73 -20.50 -17.15 -2.76
N LEU C 74 -21.78 -17.00 -2.49
CA LEU C 74 -22.27 -16.41 -1.24
C LEU C 74 -22.66 -17.49 -0.23
N MET C 75 -22.43 -18.75 -0.61
CA MET C 75 -22.85 -19.94 0.15
C MET C 75 -21.87 -20.27 1.24
N TRP C 76 -22.35 -20.66 2.41
CA TRP C 76 -21.44 -21.09 3.49
C TRP C 76 -22.07 -22.07 4.48
N ASP C 77 -21.25 -22.81 5.23
CA ASP C 77 -21.76 -23.75 6.23
C ASP C 77 -21.82 -23.11 7.61
N PRO C 78 -23.02 -22.98 8.16
CA PRO C 78 -23.17 -22.30 9.45
C PRO C 78 -22.32 -22.86 10.57
N ASN C 79 -21.89 -24.12 10.51
CA ASN C 79 -21.17 -24.72 11.63
C ASN C 79 -19.71 -24.29 11.76
N GLU C 80 -19.12 -23.82 10.68
CA GLU C 80 -17.80 -23.19 10.77
C GLU C 80 -17.94 -21.72 11.17
N TYR C 81 -19.15 -21.20 11.02
CA TYR C 81 -19.46 -19.82 11.39
C TYR C 81 -20.32 -19.59 12.65
N GLY C 82 -20.36 -20.55 13.57
CA GLY C 82 -20.96 -20.31 14.87
C GLY C 82 -22.46 -20.28 14.81
N ASN C 83 -22.99 -21.10 13.90
CA ASN C 83 -24.41 -21.19 13.63
C ASN C 83 -24.95 -19.90 13.04
N ILE C 84 -24.21 -19.27 12.15
CA ILE C 84 -24.75 -18.09 11.54
C ILE C 84 -25.52 -18.58 10.32
N THR C 85 -26.82 -18.44 10.38
CA THR C 85 -27.71 -18.79 9.28
C THR C 85 -27.87 -17.72 8.20
N ASP C 86 -27.85 -16.46 8.63
CA ASP C 86 -27.95 -15.31 7.74
C ASP C 86 -27.33 -14.07 8.36
N PHE C 87 -27.09 -13.04 7.56
CA PHE C 87 -26.66 -11.75 8.09
C PHE C 87 -27.11 -10.66 7.16
N ARG C 88 -27.18 -9.43 7.67
CA ARG C 88 -27.56 -8.25 6.87
C ARG C 88 -26.29 -7.57 6.42
N THR C 89 -26.27 -7.07 5.19
CA THR C 89 -25.07 -6.40 4.73
C THR C 89 -25.35 -5.18 3.83
N SER C 90 -24.37 -4.30 3.69
CA SER C 90 -24.57 -3.16 2.82
C SER C 90 -24.64 -3.77 1.47
N ALA C 91 -25.43 -3.20 0.57
CA ALA C 91 -25.65 -3.80 -0.73
C ALA C 91 -24.44 -3.56 -1.60
N ALA C 92 -23.66 -2.53 -1.27
CA ALA C 92 -22.44 -2.25 -1.99
C ALA C 92 -21.38 -3.34 -1.81
N ASP C 93 -21.58 -4.22 -0.84
CA ASP C 93 -20.60 -5.25 -0.52
C ASP C 93 -20.83 -6.50 -1.34
N ILE C 94 -21.86 -6.47 -2.18
CA ILE C 94 -22.26 -7.62 -3.00
C ILE C 94 -22.67 -7.18 -4.39
N TRP C 95 -22.71 -8.15 -5.30
CA TRP C 95 -23.24 -7.92 -6.62
C TRP C 95 -24.76 -7.89 -6.51
N THR C 96 -25.37 -6.89 -7.17
CA THR C 96 -26.82 -6.86 -7.31
C THR C 96 -27.14 -6.83 -8.80
N PRO C 97 -28.35 -7.31 -9.19
CA PRO C 97 -28.78 -7.39 -10.58
C PRO C 97 -29.07 -6.01 -11.16
N ASP C 98 -28.86 -5.77 -12.45
CA ASP C 98 -29.08 -4.42 -12.87
C ASP C 98 -30.46 -4.46 -13.44
N ILE C 99 -31.40 -4.05 -12.60
CA ILE C 99 -32.80 -4.22 -12.90
C ILE C 99 -33.30 -2.81 -12.98
N THR C 100 -34.09 -2.52 -14.00
CA THR C 100 -34.45 -1.16 -14.24
C THR C 100 -35.87 -1.12 -14.78
N ALA C 101 -36.58 -0.03 -14.53
CA ALA C 101 -37.86 0.16 -15.16
C ALA C 101 -37.56 0.65 -16.57
N TYR C 102 -38.25 0.11 -17.56
CA TYR C 102 -37.94 0.38 -18.95
C TYR C 102 -38.50 1.69 -19.47
N SER C 103 -39.62 2.13 -18.91
CA SER C 103 -40.30 3.37 -19.22
C SER C 103 -40.06 4.55 -18.30
N SER C 104 -39.19 4.47 -17.31
CA SER C 104 -38.98 5.65 -16.46
C SER C 104 -38.61 6.93 -17.23
N THR C 105 -39.26 8.04 -16.90
CA THR C 105 -38.90 9.36 -17.42
C THR C 105 -38.05 10.27 -16.53
N ARG C 106 -37.70 9.82 -15.36
CA ARG C 106 -36.88 10.56 -14.41
CA ARG C 106 -36.77 10.55 -14.53
C ARG C 106 -36.00 9.51 -13.76
N PRO C 107 -34.80 9.88 -13.30
CA PRO C 107 -34.03 8.81 -12.65
C PRO C 107 -34.69 8.33 -11.37
N VAL C 108 -34.78 7.02 -11.16
CA VAL C 108 -35.45 6.49 -9.96
C VAL C 108 -34.88 7.02 -8.67
N GLN C 109 -35.74 7.30 -7.70
CA GLN C 109 -35.30 7.72 -6.38
C GLN C 109 -35.40 6.54 -5.43
N VAL C 110 -34.42 6.36 -4.55
CA VAL C 110 -34.41 5.25 -3.60
C VAL C 110 -34.76 5.78 -2.23
N LEU C 111 -35.82 5.23 -1.63
CA LEU C 111 -36.35 5.73 -0.36
C LEU C 111 -35.87 4.98 0.87
N SER C 112 -35.11 3.91 0.67
CA SER C 112 -34.77 3.05 1.77
C SER C 112 -33.27 2.82 1.87
N PRO C 113 -32.82 2.42 3.06
CA PRO C 113 -31.39 2.20 3.24
C PRO C 113 -30.98 1.12 2.29
N GLN C 114 -29.80 1.15 1.68
CA GLN C 114 -29.59 0.04 0.80
C GLN C 114 -28.72 -1.02 1.48
N ASN C 115 -29.43 -2.05 1.92
CA ASN C 115 -28.84 -3.16 2.66
C ASN C 115 -29.59 -4.38 2.22
N ALA C 116 -28.95 -5.52 2.26
CA ALA C 116 -29.64 -6.71 1.85
C ALA C 116 -29.45 -7.76 2.92
N LEU C 117 -30.05 -8.93 2.68
CA LEU C 117 -29.96 -10.02 3.61
C LEU C 117 -29.43 -11.23 2.88
N VAL C 118 -28.37 -11.82 3.40
CA VAL C 118 -27.78 -13.01 2.80
C VAL C 118 -27.94 -14.22 3.73
N THR C 119 -28.32 -15.33 3.15
CA THR C 119 -28.64 -16.54 3.90
C THR C 119 -27.59 -17.57 3.56
N HIS C 120 -27.34 -18.52 4.45
CA HIS C 120 -26.20 -19.43 4.29
C HIS C 120 -26.18 -20.21 2.98
N ASP C 121 -27.34 -20.35 2.32
CA ASP C 121 -27.41 -21.10 1.08
C ASP C 121 -27.00 -20.27 -0.13
N GLY C 122 -26.70 -18.98 0.09
CA GLY C 122 -26.22 -18.13 -0.98
C GLY C 122 -27.32 -17.24 -1.52
N SER C 123 -28.48 -17.25 -0.89
CA SER C 123 -29.60 -16.44 -1.37
C SER C 123 -29.52 -15.05 -0.84
N VAL C 124 -29.92 -14.08 -1.64
CA VAL C 124 -29.90 -12.70 -1.22
C VAL C 124 -31.31 -12.20 -1.34
N GLN C 125 -31.79 -11.45 -0.35
CA GLN C 125 -33.06 -10.73 -0.53
C GLN C 125 -32.77 -9.26 -0.46
N TYR C 126 -33.17 -8.53 -1.49
CA TYR C 126 -32.94 -7.09 -1.56
C TYR C 126 -34.29 -6.45 -1.75
N LEU C 127 -34.63 -5.48 -0.94
CA LEU C 127 -35.98 -4.93 -1.01
C LEU C 127 -35.97 -3.41 -0.99
N PRO C 128 -35.48 -2.77 -2.07
CA PRO C 128 -35.42 -1.32 -2.20
C PRO C 128 -36.78 -0.70 -2.40
N ALA C 129 -37.04 0.41 -1.72
CA ALA C 129 -38.31 1.10 -1.84
C ALA C 129 -38.07 2.31 -2.73
N GLN C 130 -38.90 2.54 -3.74
CA GLN C 130 -38.56 3.60 -4.70
C GLN C 130 -39.69 4.52 -5.07
N ARG C 131 -39.37 5.76 -5.44
CA ARG C 131 -40.31 6.60 -6.19
C ARG C 131 -39.98 6.62 -7.68
N LEU C 132 -40.92 6.18 -8.51
CA LEU C 132 -40.68 6.08 -9.95
C LEU C 132 -41.61 6.98 -10.72
N SER C 133 -41.09 7.68 -11.72
CA SER C 133 -41.94 8.39 -12.66
C SER C 133 -41.82 7.68 -13.99
N PHE C 134 -42.95 7.20 -14.50
CA PHE C 134 -42.93 6.43 -15.73
C PHE C 134 -43.97 6.96 -16.69
N MET C 135 -43.91 6.54 -17.94
CA MET C 135 -44.83 7.02 -18.94
C MET C 135 -46.17 6.36 -18.73
N CYS C 136 -47.21 7.17 -18.56
CA CYS C 136 -48.58 6.69 -18.32
C CYS C 136 -49.53 7.74 -18.85
N ASP C 137 -50.65 7.31 -19.43
CA ASP C 137 -51.70 8.25 -19.82
C ASP C 137 -52.82 8.12 -18.85
N PRO C 138 -53.01 9.16 -18.03
CA PRO C 138 -53.98 9.22 -16.93
C PRO C 138 -55.43 9.24 -17.41
N THR C 139 -55.66 9.49 -18.70
CA THR C 139 -56.99 9.74 -19.20
C THR C 139 -57.95 8.69 -18.69
N GLY C 140 -59.06 9.17 -18.12
CA GLY C 140 -60.06 8.30 -17.56
C GLY C 140 -59.86 8.06 -16.08
N VAL C 141 -58.92 8.76 -15.48
CA VAL C 141 -58.66 8.58 -14.05
C VAL C 141 -59.80 9.13 -13.19
N ASP C 142 -60.50 10.13 -13.68
CA ASP C 142 -61.75 10.54 -13.17
C ASP C 142 -62.92 9.87 -13.84
N SER C 143 -63.19 8.61 -13.61
CA SER C 143 -64.31 8.01 -14.29
C SER C 143 -64.33 6.71 -13.60
N GLU C 144 -65.37 5.94 -13.73
CA GLU C 144 -65.47 4.66 -13.06
C GLU C 144 -64.56 3.56 -13.49
N GLU C 145 -64.15 3.56 -14.74
CA GLU C 145 -63.26 2.55 -15.27
C GLU C 145 -61.82 2.83 -14.91
N GLY C 146 -61.50 4.11 -14.75
CA GLY C 146 -60.17 4.49 -14.36
C GLY C 146 -59.22 4.51 -15.52
N ALA C 147 -57.93 4.52 -15.21
CA ALA C 147 -56.94 4.56 -16.26
C ALA C 147 -56.10 3.35 -16.08
N THR C 148 -55.38 3.02 -17.13
CA THR C 148 -54.53 1.85 -17.13
C THR C 148 -53.19 2.26 -17.70
N CYS C 149 -52.16 2.05 -16.90
CA CYS C 149 -50.84 2.30 -17.36
C CYS C 149 -50.03 1.09 -16.92
N ALA C 150 -48.96 0.82 -17.67
CA ALA C 150 -48.08 -0.27 -17.37
C ALA C 150 -46.62 0.14 -17.54
N VAL C 151 -45.71 -0.58 -16.89
CA VAL C 151 -44.28 -0.29 -16.91
C VAL C 151 -43.62 -1.64 -16.80
N LYS C 152 -42.50 -1.85 -17.48
CA LYS C 152 -41.83 -3.16 -17.43
C LYS C 152 -40.50 -3.14 -16.66
N PHE C 153 -40.14 -4.24 -16.04
CA PHE C 153 -38.87 -4.28 -15.33
C PHE C 153 -38.01 -5.43 -15.84
N GLY C 154 -36.75 -5.14 -16.15
CA GLY C 154 -35.87 -6.17 -16.60
C GLY C 154 -34.44 -5.80 -16.35
N SER C 155 -33.53 -6.72 -16.62
CA SER C 155 -32.14 -6.37 -16.70
C SER C 155 -31.93 -5.42 -17.88
N TRP C 156 -31.08 -4.43 -17.70
CA TRP C 156 -30.74 -3.54 -18.78
C TRP C 156 -29.72 -4.13 -19.76
N SER C 157 -28.65 -4.70 -19.22
CA SER C 157 -27.57 -5.24 -20.05
C SER C 157 -27.46 -6.75 -20.30
N TYR C 158 -28.34 -7.56 -19.70
CA TYR C 158 -28.25 -9.03 -19.78
C TYR C 158 -29.49 -9.66 -20.46
N SER C 159 -29.29 -10.76 -21.19
CA SER C 159 -30.41 -11.48 -21.78
C SER C 159 -30.82 -12.63 -20.87
N GLY C 160 -31.87 -13.35 -21.24
CA GLY C 160 -32.41 -14.41 -20.40
C GLY C 160 -31.39 -15.51 -20.12
N PHE C 161 -30.36 -15.60 -20.95
CA PHE C 161 -29.40 -16.70 -20.85
C PHE C 161 -28.44 -16.52 -19.71
N GLU C 162 -28.37 -15.28 -19.24
CA GLU C 162 -27.52 -14.85 -18.15
C GLU C 162 -28.28 -14.45 -16.90
N ILE C 163 -29.27 -13.56 -17.06
CA ILE C 163 -30.27 -13.28 -16.05
C ILE C 163 -31.70 -13.58 -16.49
N ASP C 164 -32.39 -14.41 -15.73
CA ASP C 164 -33.77 -14.78 -16.03
C ASP C 164 -34.63 -14.23 -14.92
N LEU C 165 -35.92 -14.07 -15.19
CA LEU C 165 -36.85 -13.48 -14.22
C LEU C 165 -38.03 -14.38 -13.96
N LYS C 166 -38.48 -14.39 -12.72
CA LYS C 166 -39.75 -14.99 -12.38
C LYS C 166 -40.43 -14.14 -11.32
N THR C 167 -41.72 -14.40 -11.12
CA THR C 167 -42.52 -13.78 -10.08
C THR C 167 -43.03 -14.88 -9.16
N ASP C 168 -43.33 -14.53 -7.90
CA ASP C 168 -43.97 -15.49 -6.99
C ASP C 168 -45.51 -15.57 -7.19
N THR C 169 -46.12 -14.44 -7.51
CA THR C 169 -47.54 -14.35 -7.81
C THR C 169 -47.64 -13.47 -9.04
N ASP C 170 -48.78 -13.42 -9.67
CA ASP C 170 -49.00 -12.39 -10.67
C ASP C 170 -49.78 -11.25 -10.05
N GLN C 171 -50.12 -11.46 -8.79
CA GLN C 171 -50.87 -10.49 -8.02
C GLN C 171 -49.92 -9.55 -7.26
N VAL C 172 -49.90 -8.28 -7.63
CA VAL C 172 -49.14 -7.27 -6.88
C VAL C 172 -49.67 -7.16 -5.45
N ASP C 173 -48.81 -6.81 -4.50
CA ASP C 173 -49.20 -6.81 -3.09
C ASP C 173 -49.73 -5.44 -2.68
N LEU C 174 -51.05 -5.39 -2.42
CA LEU C 174 -51.71 -4.14 -2.04
C LEU C 174 -51.96 -3.93 -0.53
N SER C 175 -51.49 -4.85 0.31
CA SER C 175 -51.68 -4.74 1.75
C SER C 175 -51.09 -3.48 2.42
N SER C 176 -50.08 -2.88 1.79
CA SER C 176 -49.56 -1.62 2.30
C SER C 176 -50.06 -0.35 1.62
N TYR C 177 -50.99 -0.49 0.66
CA TYR C 177 -51.39 0.67 -0.14
C TYR C 177 -52.05 1.72 0.73
N TYR C 178 -51.58 2.96 0.60
CA TYR C 178 -51.99 4.03 1.47
C TYR C 178 -53.43 4.36 1.20
N ALA C 179 -54.25 4.27 2.25
CA ALA C 179 -55.69 4.22 2.11
C ALA C 179 -56.36 5.55 1.79
N SER C 180 -55.66 6.64 2.12
CA SER C 180 -56.03 8.00 1.77
C SER C 180 -55.39 8.56 0.51
N SER C 181 -54.72 7.68 -0.23
CA SER C 181 -54.08 8.10 -1.47
C SER C 181 -55.10 8.81 -2.32
N LYS C 182 -54.69 9.83 -3.05
CA LYS C 182 -55.56 10.48 -4.03
C LYS C 182 -56.17 9.51 -5.03
N TYR C 183 -55.52 8.37 -5.24
CA TYR C 183 -55.98 7.38 -6.20
C TYR C 183 -56.22 6.06 -5.50
N GLU C 184 -57.28 5.37 -5.85
CA GLU C 184 -57.48 4.03 -5.32
C GLU C 184 -57.24 3.01 -6.41
N ILE C 185 -56.75 1.83 -6.03
CA ILE C 185 -56.32 0.80 -6.96
C ILE C 185 -57.49 -0.09 -7.40
N LEU C 186 -57.80 -0.16 -8.70
CA LEU C 186 -58.79 -1.13 -9.15
C LEU C 186 -58.20 -2.53 -9.35
N SER C 187 -57.02 -2.62 -9.96
CA SER C 187 -56.28 -3.87 -10.05
C SER C 187 -54.77 -3.60 -10.13
N ALA C 188 -53.96 -4.52 -9.61
CA ALA C 188 -52.52 -4.43 -9.86
C ALA C 188 -51.90 -5.80 -10.09
N THR C 189 -51.20 -5.98 -11.20
CA THR C 189 -50.53 -7.27 -11.46
C THR C 189 -49.07 -7.13 -11.82
N GLN C 190 -48.34 -8.24 -11.67
CA GLN C 190 -46.98 -8.35 -12.11
C GLN C 190 -46.83 -9.64 -12.89
N THR C 191 -46.57 -9.53 -14.18
CA THR C 191 -46.55 -10.69 -15.05
C THR C 191 -45.25 -10.81 -15.82
N ARG C 192 -44.70 -12.01 -15.85
CA ARG C 192 -43.47 -12.26 -16.57
C ARG C 192 -43.69 -12.52 -18.04
N GLN C 193 -42.97 -11.80 -18.89
CA GLN C 193 -43.04 -12.04 -20.33
C GLN C 193 -41.65 -12.22 -20.91
N VAL C 194 -41.60 -12.76 -22.12
CA VAL C 194 -40.37 -12.87 -22.88
C VAL C 194 -40.60 -12.23 -24.22
N ARG C 195 -39.64 -11.45 -24.71
CA ARG C 195 -39.74 -10.90 -26.05
C ARG C 195 -38.54 -11.29 -26.83
N PHE C 196 -38.69 -11.33 -28.16
CA PHE C 196 -37.53 -11.44 -28.99
C PHE C 196 -37.40 -10.18 -29.81
N TYR C 197 -36.17 -9.70 -29.88
CA TYR C 197 -35.76 -8.75 -30.88
C TYR C 197 -34.84 -9.66 -31.70
N GLU C 198 -35.08 -9.80 -33.01
CA GLU C 198 -34.38 -10.86 -33.77
C GLU C 198 -33.04 -10.43 -34.37
N CYS C 199 -32.64 -9.21 -33.98
CA CYS C 199 -31.26 -8.76 -34.08
C CYS C 199 -30.41 -9.80 -33.35
N CYS C 200 -31.08 -10.58 -32.49
CA CYS C 200 -30.44 -11.52 -31.58
C CYS C 200 -31.34 -12.76 -31.40
N LYS C 201 -30.72 -13.93 -31.30
CA LYS C 201 -31.48 -15.18 -31.29
C LYS C 201 -31.90 -15.62 -29.87
N GLU C 202 -31.67 -14.76 -28.87
CA GLU C 202 -31.94 -15.14 -27.48
C GLU C 202 -32.98 -14.27 -26.77
N PRO C 203 -33.61 -14.83 -25.72
CA PRO C 203 -34.81 -14.33 -25.04
C PRO C 203 -34.54 -13.09 -24.18
N TYR C 204 -35.46 -12.14 -24.14
CA TYR C 204 -35.43 -11.11 -23.12
C TYR C 204 -36.65 -11.12 -22.20
N PRO C 205 -36.47 -11.56 -20.95
CA PRO C 205 -37.58 -11.51 -20.01
C PRO C 205 -37.76 -10.13 -19.43
N ASP C 206 -38.98 -9.81 -19.02
CA ASP C 206 -39.27 -8.64 -18.20
C ASP C 206 -40.50 -8.96 -17.33
N VAL C 207 -40.66 -8.27 -16.20
CA VAL C 207 -41.88 -8.38 -15.40
C VAL C 207 -42.71 -7.14 -15.63
N ASN C 208 -43.94 -7.35 -16.10
CA ASN C 208 -44.81 -6.25 -16.49
C ASN C 208 -45.78 -5.87 -15.39
N LEU C 209 -45.65 -4.65 -14.90
CA LEU C 209 -46.54 -4.15 -13.89
C LEU C 209 -47.67 -3.42 -14.59
N VAL C 210 -48.89 -3.96 -14.50
CA VAL C 210 -50.07 -3.24 -15.01
C VAL C 210 -50.93 -2.78 -13.85
N VAL C 211 -51.26 -1.49 -13.83
CA VAL C 211 -52.05 -0.92 -12.75
C VAL C 211 -53.24 -0.16 -13.32
N LYS C 212 -54.45 -0.43 -12.81
CA LYS C 212 -55.60 0.41 -13.11
C LYS C 212 -56.06 1.14 -11.85
N PHE C 213 -56.18 2.46 -11.97
CA PHE C 213 -56.38 3.31 -10.80
C PHE C 213 -57.40 4.39 -11.11
N ARG C 214 -57.93 4.99 -10.06
CA ARG C 214 -59.08 5.87 -10.17
C ARG C 214 -58.95 6.92 -9.10
N GLU C 215 -59.36 8.15 -9.40
CA GLU C 215 -59.38 9.18 -8.35
C GLU C 215 -60.21 8.69 -7.17
N ARG C 216 -59.82 9.02 -5.95
CA ARG C 216 -60.58 8.52 -4.82
C ARG C 216 -61.67 9.56 -4.60
N ARG C 217 -62.91 9.15 -4.86
CA ARG C 217 -64.11 10.00 -4.86
C ARG C 217 -64.48 10.25 -3.42
N ALA C 218 -64.81 9.15 -2.73
CA ALA C 218 -65.16 9.19 -1.29
C ALA C 218 -66.14 10.33 -0.96
N LYS D 3 3.66 26.43 27.62
CA LYS D 3 3.35 26.17 29.02
C LYS D 3 2.07 25.34 29.17
N ASP D 4 0.92 26.01 29.04
CA ASP D 4 -0.40 25.35 28.93
C ASP D 4 -0.84 25.13 27.48
N ASP D 5 -0.11 25.73 26.54
CA ASP D 5 -0.25 25.43 25.12
C ASP D 5 0.15 23.97 24.92
N ASP D 6 1.26 23.63 25.55
CA ASP D 6 1.85 22.30 25.47
C ASP D 6 0.93 21.25 26.11
N ASP D 7 0.20 21.64 27.15
CA ASP D 7 -0.70 20.72 27.82
C ASP D 7 -1.94 20.43 26.97
N LYS D 8 -2.47 21.47 26.33
CA LYS D 8 -3.59 21.32 25.40
C LYS D 8 -3.20 20.42 24.25
N LEU D 9 -1.92 20.42 23.91
CA LEU D 9 -1.42 19.58 22.82
C LEU D 9 -1.48 18.10 23.20
N HIS D 10 -1.51 17.81 24.49
CA HIS D 10 -1.57 16.43 24.94
C HIS D 10 -2.99 15.90 24.82
N SER D 11 -3.99 16.70 25.18
CA SER D 11 -5.37 16.26 24.98
C SER D 11 -5.60 15.87 23.52
N GLN D 12 -5.15 16.72 22.61
CA GLN D 12 -5.31 16.51 21.18
C GLN D 12 -4.76 15.18 20.74
N ALA D 13 -3.60 14.81 21.28
CA ALA D 13 -2.97 13.56 20.92
C ALA D 13 -3.68 12.38 21.59
N ASN D 14 -4.26 12.60 22.76
CA ASN D 14 -5.06 11.57 23.43
C ASN D 14 -6.35 11.24 22.69
N LEU D 15 -7.04 12.26 22.17
CA LEU D 15 -8.24 12.01 21.37
C LEU D 15 -7.85 11.35 20.05
N MET D 16 -6.85 11.90 19.37
CA MET D 16 -6.34 11.30 18.17
C MET D 16 -6.09 9.82 18.37
N ARG D 17 -5.56 9.47 19.53
CA ARG D 17 -5.15 8.12 19.89
C ARG D 17 -6.31 7.23 20.33
N LEU D 18 -7.26 7.81 21.05
CA LEU D 18 -8.46 7.09 21.40
C LEU D 18 -9.14 6.69 20.12
N LYS D 19 -9.32 7.66 19.23
CA LYS D 19 -10.02 7.41 17.99
C LYS D 19 -9.31 6.34 17.16
N SER D 20 -8.00 6.45 17.05
CA SER D 20 -7.22 5.48 16.31
C SER D 20 -7.36 4.06 16.89
N ASP D 21 -7.44 3.94 18.21
CA ASP D 21 -7.56 2.65 18.90
C ASP D 21 -8.95 2.05 18.70
N LEU D 22 -9.97 2.86 18.91
CA LEU D 22 -11.34 2.46 18.68
C LEU D 22 -11.62 2.01 17.24
N PHE D 23 -11.31 2.88 16.27
CA PHE D 23 -11.76 2.66 14.91
C PHE D 23 -10.92 1.94 13.91
N ASN D 24 -9.74 2.44 13.65
CA ASN D 24 -8.96 1.77 12.64
C ASN D 24 -7.84 0.88 13.18
N ARG D 25 -7.80 0.75 14.50
CA ARG D 25 -7.16 -0.41 15.11
C ARG D 25 -8.23 -1.45 15.47
N SER D 26 -9.51 -1.15 15.21
CA SER D 26 -10.51 -2.23 15.25
C SER D 26 -11.32 -2.34 13.95
N PRO D 27 -11.54 -3.59 13.51
CA PRO D 27 -12.29 -3.95 12.30
C PRO D 27 -13.71 -3.43 12.35
N MET D 28 -14.27 -3.08 11.20
CA MET D 28 -15.61 -2.48 11.13
C MET D 28 -16.60 -3.40 11.85
N TYR D 29 -17.38 -2.86 12.78
CA TYR D 29 -18.45 -3.57 13.49
C TYR D 29 -19.51 -4.06 12.52
N PRO D 30 -19.84 -5.36 12.62
CA PRO D 30 -20.72 -6.08 11.68
C PRO D 30 -22.18 -5.64 11.78
N GLY D 31 -22.52 -4.93 12.85
CA GLY D 31 -23.88 -4.55 13.11
C GLY D 31 -24.45 -5.55 14.09
N PRO D 32 -25.65 -5.28 14.58
CA PRO D 32 -26.32 -6.15 15.56
C PRO D 32 -26.67 -7.53 15.03
N THR D 33 -26.68 -8.50 15.93
CA THR D 33 -27.00 -9.90 15.63
C THR D 33 -28.13 -10.28 16.55
N LYS D 34 -28.69 -11.47 16.47
CA LYS D 34 -29.65 -11.86 17.48
C LYS D 34 -28.89 -12.33 18.71
N ASP D 35 -27.63 -12.68 18.51
CA ASP D 35 -26.75 -13.02 19.62
C ASP D 35 -26.03 -11.78 20.16
N ASP D 36 -26.12 -10.67 19.44
CA ASP D 36 -25.57 -9.41 19.94
C ASP D 36 -26.51 -8.28 19.57
N PRO D 37 -27.64 -8.17 20.28
CA PRO D 37 -28.68 -7.22 19.85
C PRO D 37 -28.50 -5.87 20.46
N LEU D 38 -29.23 -4.86 19.91
CA LEU D 38 -29.22 -3.58 20.58
C LEU D 38 -30.59 -2.90 20.51
N THR D 39 -30.74 -1.83 21.27
CA THR D 39 -31.96 -1.04 21.31
C THR D 39 -31.63 0.37 20.84
N VAL D 40 -32.42 0.88 19.91
CA VAL D 40 -32.35 2.27 19.51
C VAL D 40 -33.53 3.02 20.13
N THR D 41 -33.21 4.13 20.80
CA THR D 41 -34.22 5.00 21.38
C THR D 41 -34.39 6.13 20.41
N LEU D 42 -35.63 6.38 20.01
CA LEU D 42 -35.98 7.40 19.04
C LEU D 42 -36.92 8.41 19.65
N GLY D 43 -36.85 9.64 19.15
CA GLY D 43 -37.76 10.67 19.56
C GLY D 43 -37.63 11.84 18.61
N PHE D 44 -38.69 12.62 18.49
CA PHE D 44 -38.68 13.68 17.51
C PHE D 44 -38.81 15.06 18.13
N THR D 45 -38.14 16.04 17.52
CA THR D 45 -38.41 17.43 17.78
C THR D 45 -38.97 18.01 16.49
N LEU D 46 -40.26 18.36 16.49
CA LEU D 46 -40.87 18.77 15.25
C LEU D 46 -40.76 20.26 15.14
N GLN D 47 -39.98 20.73 14.16
CA GLN D 47 -39.78 22.16 13.90
C GLN D 47 -40.86 22.84 13.06
N ASP D 48 -41.28 22.21 11.97
CA ASP D 48 -42.18 22.85 11.00
C ASP D 48 -43.06 21.87 10.25
N ILE D 49 -44.27 22.31 9.94
CA ILE D 49 -44.97 21.69 8.84
C ILE D 49 -44.87 22.71 7.71
N VAL D 50 -44.09 22.36 6.69
CA VAL D 50 -43.72 23.32 5.68
C VAL D 50 -44.81 23.49 4.65
N LYS D 51 -45.38 22.39 4.21
CA LYS D 51 -46.27 22.42 3.09
C LYS D 51 -47.20 21.24 3.22
N ALA D 52 -48.45 21.38 2.79
CA ALA D 52 -49.31 20.22 2.74
C ALA D 52 -49.96 20.22 1.35
N ASP D 53 -49.66 19.20 0.54
CA ASP D 53 -50.13 19.25 -0.83
C ASP D 53 -51.46 18.51 -0.96
N SER D 54 -52.52 19.28 -1.21
CA SER D 54 -53.87 18.75 -1.34
CA SER D 54 -53.88 18.77 -1.36
C SER D 54 -54.03 17.95 -2.64
N SER D 55 -53.22 18.31 -3.63
CA SER D 55 -53.18 17.68 -4.93
C SER D 55 -52.58 16.27 -4.96
N THR D 56 -51.38 16.13 -4.39
CA THR D 56 -50.72 14.84 -4.30
C THR D 56 -50.92 14.10 -3.00
N ASN D 57 -51.60 14.73 -2.04
CA ASN D 57 -51.75 14.16 -0.70
C ASN D 57 -50.43 13.76 -0.07
N GLU D 58 -49.49 14.69 0.01
CA GLU D 58 -48.26 14.48 0.78
C GLU D 58 -47.94 15.71 1.60
N VAL D 59 -47.29 15.49 2.74
CA VAL D 59 -46.95 16.56 3.66
C VAL D 59 -45.46 16.61 3.96
N ASP D 60 -44.92 17.82 4.01
CA ASP D 60 -43.51 18.02 4.27
C ASP D 60 -43.30 18.40 5.73
N LEU D 61 -42.55 17.61 6.49
CA LEU D 61 -42.12 17.96 7.85
C LEU D 61 -40.65 18.34 7.94
N VAL D 62 -40.30 19.27 8.82
CA VAL D 62 -38.91 19.44 9.25
C VAL D 62 -38.79 19.00 10.70
N TYR D 63 -37.88 18.09 11.00
CA TYR D 63 -37.71 17.68 12.39
C TYR D 63 -36.30 17.26 12.64
N TRP D 64 -35.90 17.27 13.91
CA TRP D 64 -34.62 16.72 14.30
C TRP D 64 -34.97 15.39 14.93
N GLU D 65 -34.24 14.35 14.52
CA GLU D 65 -34.53 13.02 14.94
C GLU D 65 -33.43 12.60 15.87
N GLN D 66 -33.76 12.44 17.14
CA GLN D 66 -32.82 11.94 18.14
C GLN D 66 -32.80 10.43 18.14
N GLN D 67 -31.64 9.84 17.85
CA GLN D 67 -31.45 8.41 18.02
C GLN D 67 -30.34 8.22 19.04
N ARG D 68 -30.49 7.25 19.96
CA ARG D 68 -29.38 6.81 20.81
C ARG D 68 -29.28 5.31 20.88
N TRP D 69 -28.06 4.81 21.03
CA TRP D 69 -27.80 3.39 21.16
C TRP D 69 -26.47 3.18 21.84
N LYS D 70 -26.19 1.97 22.33
CA LYS D 70 -24.97 1.71 23.08
C LYS D 70 -24.21 0.49 22.57
N LEU D 71 -23.01 0.72 22.02
CA LEU D 71 -22.11 -0.36 21.58
C LEU D 71 -21.00 -0.69 22.59
N ASN D 72 -20.78 -1.97 22.87
CA ASN D 72 -19.69 -2.34 23.76
C ASN D 72 -18.35 -2.03 23.16
N SER D 73 -18.25 -2.18 21.83
CA SER D 73 -17.01 -1.90 21.11
C SER D 73 -16.57 -0.43 21.19
N LEU D 74 -17.50 0.48 21.40
CA LEU D 74 -17.14 1.88 21.52
C LEU D 74 -16.82 2.27 22.97
N MET D 75 -16.92 1.32 23.88
CA MET D 75 -16.62 1.53 25.28
C MET D 75 -15.14 1.82 25.51
N TRP D 76 -14.82 2.71 26.44
CA TRP D 76 -13.42 2.95 26.85
C TRP D 76 -13.29 3.56 28.24
N ASP D 77 -12.11 3.36 28.85
CA ASP D 77 -11.82 3.87 30.19
C ASP D 77 -11.13 5.23 30.11
N PRO D 78 -11.81 6.28 30.57
CA PRO D 78 -11.26 7.63 30.43
C PRO D 78 -9.86 7.84 31.05
N ASN D 79 -9.40 6.99 31.95
CA ASN D 79 -8.11 7.24 32.56
C ASN D 79 -6.92 6.84 31.69
N GLU D 80 -7.09 5.77 30.92
CA GLU D 80 -6.10 5.39 29.90
C GLU D 80 -6.07 6.42 28.74
N TYR D 81 -7.14 7.16 28.59
CA TYR D 81 -7.23 8.23 27.59
C TYR D 81 -7.33 9.67 28.07
N GLY D 82 -6.68 10.02 29.17
CA GLY D 82 -6.50 11.44 29.46
C GLY D 82 -7.73 12.11 30.02
N ASN D 83 -8.59 11.31 30.65
CA ASN D 83 -9.81 11.86 31.20
C ASN D 83 -10.79 12.30 30.10
N ILE D 84 -10.78 11.62 28.96
CA ILE D 84 -11.70 11.96 27.87
C ILE D 84 -12.95 11.14 28.06
N THR D 85 -14.05 11.79 28.39
CA THR D 85 -15.31 11.09 28.61
C THR D 85 -16.19 10.89 27.36
N ASP D 86 -15.96 11.72 26.35
CA ASP D 86 -16.82 11.73 25.19
C ASP D 86 -16.14 12.37 24.01
N PHE D 87 -16.62 12.12 22.80
CA PHE D 87 -16.16 12.91 21.66
C PHE D 87 -17.18 13.04 20.52
N ARG D 88 -17.09 14.15 19.79
CA ARG D 88 -17.83 14.30 18.54
C ARG D 88 -17.07 13.61 17.42
N THR D 89 -17.77 12.91 16.55
CA THR D 89 -17.11 12.21 15.46
C THR D 89 -18.01 12.23 14.24
N SER D 90 -17.45 11.94 13.06
CA SER D 90 -18.23 11.94 11.84
C SER D 90 -19.10 10.72 11.79
N ALA D 91 -20.38 10.87 11.49
CA ALA D 91 -21.24 9.71 11.56
C ALA D 91 -20.85 8.63 10.53
N ALA D 92 -20.05 8.99 9.54
CA ALA D 92 -19.54 8.00 8.61
C ALA D 92 -18.49 7.11 9.25
N ASP D 93 -17.98 7.52 10.40
CA ASP D 93 -16.88 6.83 11.07
C ASP D 93 -17.38 5.70 11.94
N ILE D 94 -18.68 5.47 11.97
CA ILE D 94 -19.24 4.49 12.88
C ILE D 94 -20.48 3.84 12.32
N TRP D 95 -20.77 2.64 12.79
CA TRP D 95 -22.05 2.04 12.46
C TRP D 95 -23.16 2.98 12.94
N THR D 96 -24.20 3.12 12.14
CA THR D 96 -25.42 3.86 12.52
C THR D 96 -26.58 2.96 12.14
N PRO D 97 -27.72 3.05 12.87
CA PRO D 97 -28.84 2.17 12.51
C PRO D 97 -29.57 2.55 11.23
N ASP D 98 -30.34 1.62 10.70
CA ASP D 98 -31.00 1.74 9.40
C ASP D 98 -32.36 2.39 9.46
N ILE D 99 -32.65 3.07 10.57
CA ILE D 99 -33.94 3.70 10.77
C ILE D 99 -34.34 4.52 9.55
N THR D 100 -35.58 4.29 9.09
CA THR D 100 -36.16 5.02 7.96
C THR D 100 -37.69 5.19 8.09
N ALA D 101 -38.21 6.29 7.56
CA ALA D 101 -39.67 6.49 7.48
C ALA D 101 -40.24 5.46 6.55
N TYR D 102 -41.16 4.80 6.96
CA TYR D 102 -41.91 3.79 6.24
C TYR D 102 -42.82 4.39 5.18
N SER D 103 -43.23 5.56 5.17
CA SER D 103 -44.14 6.03 4.18
C SER D 103 -43.81 7.33 3.58
N SER D 104 -42.56 7.61 3.38
CA SER D 104 -42.10 8.76 2.63
C SER D 104 -42.32 8.60 1.17
N THR D 105 -42.59 9.69 0.50
CA THR D 105 -42.79 9.71 -0.95
C THR D 105 -41.59 10.27 -1.74
N ARG D 106 -40.56 10.70 -1.02
CA ARG D 106 -39.36 11.26 -1.64
CA ARG D 106 -39.37 11.30 -1.63
C ARG D 106 -38.14 10.89 -0.83
N PRO D 107 -36.97 10.96 -1.44
CA PRO D 107 -35.83 10.64 -0.58
C PRO D 107 -35.69 11.72 0.46
N VAL D 108 -35.39 11.31 1.69
CA VAL D 108 -35.22 12.23 2.80
C VAL D 108 -34.02 13.18 2.60
N GLN D 109 -34.13 14.44 3.05
CA GLN D 109 -33.04 15.43 2.85
C GLN D 109 -32.40 15.86 4.18
N VAL D 110 -31.08 15.78 4.30
CA VAL D 110 -30.40 16.15 5.55
C VAL D 110 -30.11 17.65 5.67
N LEU D 111 -30.58 18.26 6.75
CA LEU D 111 -30.40 19.70 6.92
C LEU D 111 -29.16 20.02 7.72
N SER D 112 -28.57 19.00 8.33
CA SER D 112 -27.63 19.18 9.43
C SER D 112 -26.35 18.47 9.11
N PRO D 113 -25.22 18.97 9.63
CA PRO D 113 -23.98 18.22 9.47
C PRO D 113 -24.19 16.86 10.04
N GLN D 114 -23.54 15.83 9.52
CA GLN D 114 -23.79 14.55 10.15
C GLN D 114 -22.60 14.17 10.97
N ASN D 115 -22.75 14.32 12.28
CA ASN D 115 -21.70 14.01 13.25
C ASN D 115 -22.43 13.41 14.42
N ALA D 116 -21.74 12.60 15.20
CA ALA D 116 -22.41 11.97 16.33
C ALA D 116 -21.58 12.22 17.56
N LEU D 117 -22.19 12.04 18.74
CA LEU D 117 -21.41 12.16 19.97
C LEU D 117 -21.18 10.78 20.52
N VAL D 118 -19.94 10.43 20.84
CA VAL D 118 -19.66 9.12 21.44
C VAL D 118 -19.20 9.26 22.89
N THR D 119 -19.80 8.48 23.77
CA THR D 119 -19.57 8.60 25.21
C THR D 119 -18.92 7.29 25.63
N HIS D 120 -18.12 7.33 26.69
CA HIS D 120 -17.25 6.20 27.03
C HIS D 120 -17.94 4.91 27.50
N ASP D 121 -19.25 4.94 27.76
CA ASP D 121 -19.98 3.71 28.03
C ASP D 121 -20.41 3.10 26.72
N GLY D 122 -20.04 3.76 25.63
CA GLY D 122 -20.29 3.22 24.32
C GLY D 122 -21.63 3.65 23.76
N SER D 123 -22.29 4.55 24.48
CA SER D 123 -23.54 5.10 24.00
C SER D 123 -23.28 6.18 22.98
N VAL D 124 -24.14 6.25 21.97
CA VAL D 124 -24.01 7.19 20.87
C VAL D 124 -25.28 8.03 20.80
N GLN D 125 -25.14 9.33 20.64
CA GLN D 125 -26.29 10.18 20.34
C GLN D 125 -26.07 10.80 18.96
N TYR D 126 -27.08 10.67 18.10
CA TYR D 126 -27.03 11.20 16.74
C TYR D 126 -28.34 11.98 16.52
N LEU D 127 -28.26 13.15 15.90
CA LEU D 127 -29.43 14.02 15.78
C LEU D 127 -29.66 14.53 14.35
N PRO D 128 -29.97 13.64 13.41
CA PRO D 128 -30.15 14.20 12.08
C PRO D 128 -31.35 15.16 11.99
N ALA D 129 -31.15 16.32 11.39
CA ALA D 129 -32.22 17.25 11.10
C ALA D 129 -32.65 16.97 9.68
N GLN D 130 -33.95 16.81 9.47
CA GLN D 130 -34.44 16.33 8.19
C GLN D 130 -35.61 17.11 7.60
N ARG D 131 -35.75 17.06 6.28
CA ARG D 131 -36.99 17.41 5.63
C ARG D 131 -37.52 16.15 5.03
N LEU D 132 -38.76 15.82 5.37
CA LEU D 132 -39.39 14.56 4.98
C LEU D 132 -40.74 14.83 4.34
N SER D 133 -40.97 14.25 3.15
CA SER D 133 -42.27 14.25 2.50
C SER D 133 -42.89 12.90 2.73
N PHE D 134 -43.95 12.82 3.54
CA PHE D 134 -44.58 11.52 3.76
C PHE D 134 -46.02 11.47 3.21
N MET D 135 -46.65 10.30 3.27
CA MET D 135 -48.00 10.16 2.71
C MET D 135 -49.03 10.68 3.68
N CYS D 136 -49.75 11.70 3.26
CA CYS D 136 -50.68 12.37 4.16
C CYS D 136 -51.86 12.98 3.43
N ASP D 137 -53.06 12.87 4.00
CA ASP D 137 -54.24 13.48 3.42
C ASP D 137 -54.57 14.70 4.26
N PRO D 138 -54.33 15.90 3.74
CA PRO D 138 -54.53 17.11 4.52
C PRO D 138 -55.93 17.61 4.32
N THR D 139 -56.91 16.79 4.66
CA THR D 139 -58.29 17.19 4.56
C THR D 139 -58.69 17.64 5.96
N GLY D 140 -59.42 18.75 6.06
CA GLY D 140 -59.81 19.27 7.36
C GLY D 140 -58.78 20.21 7.96
N VAL D 141 -57.71 20.46 7.22
CA VAL D 141 -56.66 21.33 7.69
C VAL D 141 -57.24 22.67 8.06
N ASP D 142 -58.36 22.98 7.39
CA ASP D 142 -59.13 24.20 7.55
C ASP D 142 -60.34 24.13 8.48
N SER D 143 -60.52 23.01 9.18
CA SER D 143 -61.56 22.87 10.20
C SER D 143 -60.88 23.02 11.54
N GLU D 144 -61.57 23.50 12.57
CA GLU D 144 -61.00 23.45 13.92
C GLU D 144 -60.53 22.05 14.36
N GLU D 145 -61.11 20.99 13.79
CA GLU D 145 -60.75 19.62 14.12
C GLU D 145 -59.35 19.30 13.61
N GLY D 146 -59.04 19.89 12.46
CA GLY D 146 -57.76 19.73 11.84
C GLY D 146 -57.58 18.43 11.12
N ALA D 147 -56.37 18.19 10.68
CA ALA D 147 -56.08 17.06 9.86
C ALA D 147 -55.23 16.16 10.70
N THR D 148 -55.25 14.87 10.41
CA THR D 148 -54.38 13.97 11.14
C THR D 148 -53.60 13.04 10.19
N CYS D 149 -52.28 13.05 10.31
CA CYS D 149 -51.45 12.09 9.59
C CYS D 149 -50.48 11.37 10.47
N ALA D 150 -49.97 10.27 9.94
CA ALA D 150 -49.09 9.42 10.72
C ALA D 150 -48.04 8.80 9.82
N VAL D 151 -46.86 8.61 10.38
CA VAL D 151 -45.75 8.04 9.68
C VAL D 151 -45.02 7.14 10.67
N LYS D 152 -44.59 5.97 10.23
CA LYS D 152 -43.81 5.11 11.11
C LYS D 152 -42.32 5.12 10.78
N PHE D 153 -41.49 4.99 11.80
CA PHE D 153 -40.05 4.85 11.63
C PHE D 153 -39.62 3.53 12.18
N GLY D 154 -38.59 2.92 11.62
CA GLY D 154 -38.03 1.70 12.19
C GLY D 154 -36.89 1.14 11.39
N SER D 155 -36.29 0.04 11.87
CA SER D 155 -35.27 -0.63 11.07
C SER D 155 -35.90 -1.05 9.75
N TRP D 156 -35.19 -0.83 8.65
CA TRP D 156 -35.66 -1.32 7.36
C TRP D 156 -35.33 -2.81 7.14
N SER D 157 -34.08 -3.21 7.40
CA SER D 157 -33.71 -4.63 7.28
C SER D 157 -33.58 -5.51 8.54
N TYR D 158 -33.69 -4.94 9.73
CA TYR D 158 -33.48 -5.73 10.95
C TYR D 158 -34.82 -5.95 11.68
N SER D 159 -35.02 -7.12 12.27
CA SER D 159 -36.22 -7.34 13.06
C SER D 159 -35.96 -7.01 14.52
N GLY D 160 -37.00 -7.13 15.34
CA GLY D 160 -36.92 -6.84 16.76
C GLY D 160 -35.86 -7.66 17.45
N PHE D 161 -35.42 -8.75 16.84
CA PHE D 161 -34.42 -9.65 17.41
C PHE D 161 -32.96 -9.20 17.28
N GLU D 162 -32.74 -8.26 16.36
CA GLU D 162 -31.45 -7.63 16.14
C GLU D 162 -31.46 -6.16 16.59
N ILE D 163 -32.46 -5.39 16.16
CA ILE D 163 -32.73 -4.06 16.71
C ILE D 163 -34.10 -3.89 17.39
N ASP D 164 -34.11 -3.78 18.71
CA ASP D 164 -35.30 -3.31 19.43
C ASP D 164 -35.31 -1.81 19.34
N LEU D 165 -36.49 -1.21 19.48
CA LEU D 165 -36.72 0.19 19.15
C LEU D 165 -37.66 0.76 20.21
N LYS D 166 -37.44 1.99 20.69
CA LYS D 166 -38.30 2.53 21.76
C LYS D 166 -38.24 4.03 21.89
N THR D 167 -39.05 4.59 22.79
CA THR D 167 -39.04 6.04 23.00
C THR D 167 -38.70 6.30 24.44
N ASP D 168 -38.18 7.49 24.70
CA ASP D 168 -37.98 7.97 26.07
C ASP D 168 -39.26 8.57 26.62
N THR D 169 -39.93 9.32 25.77
CA THR D 169 -41.21 9.89 26.11
C THR D 169 -42.13 9.64 24.93
N ASP D 170 -43.42 9.65 25.18
CA ASP D 170 -44.42 9.39 24.16
C ASP D 170 -44.90 10.65 23.47
N GLN D 171 -44.30 11.79 23.81
CA GLN D 171 -44.73 13.01 23.14
C GLN D 171 -43.63 13.89 22.50
N VAL D 172 -43.83 14.12 21.21
CA VAL D 172 -42.94 14.87 20.36
C VAL D 172 -42.61 16.20 21.01
N ASP D 173 -41.37 16.64 20.92
CA ASP D 173 -40.94 17.88 21.52
C ASP D 173 -41.45 18.97 20.60
N LEU D 174 -42.33 19.81 21.11
CA LEU D 174 -42.87 20.92 20.32
C LEU D 174 -42.19 22.23 20.68
N SER D 175 -41.27 22.13 21.62
CA SER D 175 -40.61 23.27 22.22
C SER D 175 -39.93 24.19 21.21
N SER D 176 -39.46 23.60 20.11
CA SER D 176 -38.86 24.36 19.03
C SER D 176 -39.77 24.69 17.84
N TYR D 177 -41.04 24.25 17.88
CA TYR D 177 -41.95 24.42 16.73
C TYR D 177 -42.20 25.85 16.30
N TYR D 178 -41.96 26.11 15.01
CA TYR D 178 -41.97 27.46 14.45
C TYR D 178 -43.34 28.08 14.70
N ALA D 179 -43.29 29.23 15.35
CA ALA D 179 -44.51 29.82 15.84
C ALA D 179 -45.29 30.45 14.70
N SER D 180 -44.65 30.79 13.62
CA SER D 180 -45.31 31.32 12.47
C SER D 180 -45.46 30.45 11.27
N SER D 181 -45.29 29.18 11.41
CA SER D 181 -45.57 28.27 10.31
C SER D 181 -47.03 28.42 9.90
N LYS D 182 -47.35 28.02 8.68
CA LYS D 182 -48.72 28.08 8.23
C LYS D 182 -49.60 27.12 9.01
N TYR D 183 -48.97 26.26 9.81
CA TYR D 183 -49.73 25.21 10.46
C TYR D 183 -49.51 25.20 11.94
N GLU D 184 -50.61 25.25 12.70
CA GLU D 184 -50.62 25.03 14.14
C GLU D 184 -50.63 23.56 14.43
N ILE D 185 -50.08 23.17 15.57
CA ILE D 185 -50.08 21.78 15.98
C ILE D 185 -51.08 21.62 17.08
N LEU D 186 -52.08 20.79 16.87
CA LEU D 186 -53.00 20.45 17.95
C LEU D 186 -52.45 19.41 18.92
N SER D 187 -51.91 18.32 18.38
CA SER D 187 -51.25 17.29 19.16
C SER D 187 -50.19 16.55 18.34
N ALA D 188 -49.07 16.18 18.97
CA ALA D 188 -48.01 15.44 18.30
C ALA D 188 -47.48 14.30 19.17
N THR D 189 -47.52 13.10 18.61
CA THR D 189 -47.28 11.87 19.34
C THR D 189 -46.15 11.01 18.75
N GLN D 190 -45.37 10.36 19.61
CA GLN D 190 -44.50 9.31 19.13
C GLN D 190 -44.62 8.07 20.04
N THR D 191 -45.15 6.98 19.54
CA THR D 191 -45.32 5.85 20.42
C THR D 191 -44.92 4.58 19.72
N ARG D 192 -44.30 3.69 20.48
CA ARG D 192 -43.85 2.41 19.98
C ARG D 192 -44.98 1.42 19.69
N GLN D 193 -44.83 0.64 18.63
CA GLN D 193 -45.75 -0.42 18.30
C GLN D 193 -44.93 -1.62 17.92
N VAL D 194 -45.45 -2.81 18.17
CA VAL D 194 -44.84 -4.03 17.67
C VAL D 194 -45.79 -4.71 16.69
N ARG D 195 -45.28 -5.09 15.51
CA ARG D 195 -46.12 -5.81 14.55
C ARG D 195 -45.62 -7.22 14.36
N PHE D 196 -46.52 -8.11 13.98
CA PHE D 196 -46.13 -9.46 13.56
C PHE D 196 -46.66 -9.74 12.18
N TYR D 197 -46.04 -10.69 11.49
CA TYR D 197 -46.51 -11.11 10.17
C TYR D 197 -46.93 -12.57 10.20
N GLU D 198 -47.90 -12.91 9.35
CA GLU D 198 -48.35 -14.29 9.28
C GLU D 198 -47.15 -15.15 8.92
N CYS D 199 -46.44 -14.70 7.89
CA CYS D 199 -45.30 -15.44 7.34
C CYS D 199 -44.25 -15.88 8.38
N CYS D 200 -43.95 -15.00 9.32
CA CYS D 200 -42.75 -15.13 10.14
C CYS D 200 -43.09 -14.92 11.62
N LYS D 201 -42.34 -15.58 12.50
CA LYS D 201 -42.67 -15.56 13.92
C LYS D 201 -42.06 -14.41 14.75
N GLU D 202 -41.09 -13.68 14.19
CA GLU D 202 -40.40 -12.60 14.92
C GLU D 202 -41.01 -11.18 14.78
N PRO D 203 -40.90 -10.36 15.85
CA PRO D 203 -41.50 -9.03 16.04
C PRO D 203 -40.90 -7.91 15.20
N TYR D 204 -41.71 -7.02 14.64
CA TYR D 204 -41.18 -5.81 14.03
C TYR D 204 -41.66 -4.55 14.71
N PRO D 205 -40.76 -3.93 15.50
CA PRO D 205 -41.11 -2.68 16.17
C PRO D 205 -41.00 -1.48 15.26
N ASP D 206 -41.81 -0.47 15.56
CA ASP D 206 -41.71 0.83 14.93
C ASP D 206 -42.23 1.89 15.87
N VAL D 207 -41.74 3.10 15.70
CA VAL D 207 -42.26 4.23 16.43
C VAL D 207 -43.26 4.98 15.55
N ASN D 208 -44.51 5.04 15.96
CA ASN D 208 -45.52 5.70 15.15
C ASN D 208 -45.66 7.18 15.53
N LEU D 209 -45.34 8.07 14.58
CA LEU D 209 -45.45 9.50 14.80
C LEU D 209 -46.77 10.03 14.26
N VAL D 210 -47.64 10.50 15.16
CA VAL D 210 -48.97 11.00 14.77
C VAL D 210 -49.10 12.50 14.97
N VAL D 211 -49.50 13.23 13.94
CA VAL D 211 -49.59 14.69 14.05
C VAL D 211 -50.98 15.20 13.67
N LYS D 212 -51.52 16.10 14.50
CA LYS D 212 -52.79 16.77 14.23
C LYS D 212 -52.50 18.24 14.04
N PHE D 213 -52.97 18.78 12.92
CA PHE D 213 -52.64 20.16 12.55
C PHE D 213 -53.77 20.95 11.86
N ARG D 214 -53.74 22.26 12.06
CA ARG D 214 -54.72 23.20 11.57
C ARG D 214 -53.99 24.22 10.74
N GLU D 215 -54.71 24.99 9.94
CA GLU D 215 -54.13 26.20 9.41
C GLU D 215 -54.11 27.22 10.55
N ARG D 216 -53.14 28.13 10.56
CA ARG D 216 -53.12 29.17 11.59
C ARG D 216 -54.13 30.27 11.30
N ARG D 217 -55.03 30.48 12.25
CA ARG D 217 -56.07 31.49 12.14
C ARG D 217 -55.47 32.88 12.22
N LYS E 3 16.35 31.00 -15.61
CA LYS E 3 16.89 31.40 -14.31
C LYS E 3 15.82 32.11 -13.51
N ASP E 4 15.16 33.05 -14.17
CA ASP E 4 14.02 33.77 -13.65
C ASP E 4 12.93 32.77 -13.29
N ASP E 5 12.90 31.67 -14.04
CA ASP E 5 11.97 30.56 -13.81
C ASP E 5 12.28 29.77 -12.54
N ASP E 6 13.54 29.40 -12.34
CA ASP E 6 13.93 28.57 -11.20
C ASP E 6 13.32 29.13 -9.90
N ASP E 7 13.39 30.45 -9.75
CA ASP E 7 12.83 31.16 -8.59
C ASP E 7 11.32 30.96 -8.48
N LYS E 8 10.61 31.06 -9.60
CA LYS E 8 9.20 30.70 -9.66
C LYS E 8 9.01 29.22 -9.30
N LEU E 9 9.82 28.35 -9.91
CA LEU E 9 9.83 26.94 -9.55
C LEU E 9 10.12 26.69 -8.08
N HIS E 10 11.13 27.37 -7.53
CA HIS E 10 11.55 27.08 -6.16
C HIS E 10 10.47 27.45 -5.13
N SER E 11 9.73 28.52 -5.41
CA SER E 11 8.63 28.95 -4.54
C SER E 11 7.52 27.90 -4.46
N GLN E 12 7.19 27.27 -5.59
CA GLN E 12 6.24 26.16 -5.58
C GLN E 12 6.73 25.06 -4.62
N ALA E 13 8.01 24.74 -4.71
CA ALA E 13 8.57 23.66 -3.94
C ALA E 13 8.36 23.94 -2.47
N ASN E 14 8.61 25.20 -2.10
CA ASN E 14 8.42 25.68 -0.75
C ASN E 14 6.98 25.53 -0.26
N LEU E 15 6.00 25.99 -1.05
CA LEU E 15 4.60 25.80 -0.71
C LEU E 15 4.24 24.31 -0.62
N MET E 16 4.56 23.53 -1.65
CA MET E 16 4.31 22.11 -1.61
C MET E 16 4.91 21.49 -0.35
N ARG E 17 6.10 21.95 0.04
CA ARG E 17 6.82 21.38 1.17
C ARG E 17 6.06 21.60 2.47
N LEU E 18 5.61 22.84 2.63
CA LEU E 18 4.81 23.24 3.77
C LEU E 18 3.49 22.47 3.86
N LYS E 19 2.77 22.36 2.75
CA LYS E 19 1.51 21.68 2.78
C LYS E 19 1.73 20.22 3.14
N SER E 20 2.86 19.69 2.74
CA SER E 20 3.15 18.31 3.06
C SER E 20 3.48 18.18 4.56
N ASP E 21 4.36 19.04 5.07
CA ASP E 21 4.67 19.00 6.51
C ASP E 21 3.38 19.15 7.32
N LEU E 22 2.55 20.10 6.91
CA LEU E 22 1.32 20.43 7.64
C LEU E 22 0.29 19.30 7.62
N PHE E 23 0.01 18.74 6.46
CA PHE E 23 -1.12 17.87 6.36
C PHE E 23 -0.91 16.38 6.29
N ASN E 24 -0.14 15.90 5.33
CA ASN E 24 0.07 14.45 5.25
C ASN E 24 1.08 13.90 6.27
N ARG E 25 1.97 14.78 6.71
CA ARG E 25 2.96 14.40 7.70
C ARG E 25 2.24 14.25 9.03
N SER E 26 1.43 15.24 9.38
CA SER E 26 0.61 15.12 10.59
C SER E 26 -0.82 14.54 10.40
N PRO E 27 -1.44 14.00 11.48
CA PRO E 27 -2.76 13.34 11.44
C PRO E 27 -3.92 14.34 11.39
N MET E 28 -5.10 13.93 10.90
CA MET E 28 -6.18 14.90 10.86
C MET E 28 -6.61 15.35 12.29
N TYR E 29 -6.62 16.66 12.50
CA TYR E 29 -7.08 17.33 13.72
C TYR E 29 -8.50 16.90 14.03
N PRO E 30 -8.70 16.33 15.23
CA PRO E 30 -9.95 15.74 15.74
C PRO E 30 -11.02 16.75 16.02
N GLY E 31 -10.64 18.03 16.03
CA GLY E 31 -11.57 19.08 16.37
C GLY E 31 -11.42 19.49 17.82
N PRO E 32 -12.12 20.55 18.21
CA PRO E 32 -12.02 21.04 19.58
C PRO E 32 -12.46 20.03 20.65
N THR E 33 -12.00 20.29 21.88
CA THR E 33 -12.34 19.53 23.07
C THR E 33 -12.56 20.54 24.20
N LYS E 34 -13.12 20.09 25.31
CA LYS E 34 -13.28 20.99 26.45
C LYS E 34 -11.91 21.46 26.92
N ASP E 35 -10.89 20.68 26.61
CA ASP E 35 -9.52 21.02 26.97
C ASP E 35 -8.80 21.83 25.88
N ASP E 36 -9.40 21.86 24.70
CA ASP E 36 -8.81 22.59 23.58
C ASP E 36 -9.91 23.35 22.86
N PRO E 37 -10.54 24.32 23.55
CA PRO E 37 -11.64 25.10 23.03
C PRO E 37 -11.19 25.90 21.85
N LEU E 38 -12.15 26.37 21.06
CA LEU E 38 -11.85 27.02 19.81
C LEU E 38 -12.85 28.13 19.61
N THR E 39 -12.42 29.27 19.09
CA THR E 39 -13.38 30.33 18.86
C THR E 39 -13.55 30.60 17.38
N VAL E 40 -14.80 30.46 16.92
CA VAL E 40 -15.19 30.70 15.53
C VAL E 40 -15.87 32.06 15.38
N THR E 41 -15.35 32.89 14.49
CA THR E 41 -15.92 34.21 14.27
C THR E 41 -16.83 34.17 13.06
N LEU E 42 -18.11 34.52 13.26
CA LEU E 42 -19.10 34.53 12.19
C LEU E 42 -19.50 35.93 11.80
N GLY E 43 -19.72 36.12 10.50
CA GLY E 43 -20.30 37.34 9.98
C GLY E 43 -20.92 37.05 8.63
N PHE E 44 -21.92 37.85 8.28
CA PHE E 44 -22.68 37.61 7.08
C PHE E 44 -22.58 38.80 6.18
N THR E 45 -22.61 38.55 4.88
CA THR E 45 -22.70 39.59 3.87
C THR E 45 -23.96 39.20 3.11
N LEU E 46 -25.00 40.02 3.19
CA LEU E 46 -26.28 39.60 2.60
C LEU E 46 -26.42 40.10 1.16
N GLN E 47 -26.35 39.17 0.21
CA GLN E 47 -26.43 39.51 -1.20
C GLN E 47 -27.84 39.69 -1.79
N ASP E 48 -28.75 38.80 -1.48
CA ASP E 48 -30.07 38.89 -2.07
C ASP E 48 -31.13 38.20 -1.22
N ILE E 49 -32.37 38.67 -1.31
CA ILE E 49 -33.53 37.93 -0.83
C ILE E 49 -34.17 37.55 -2.14
N VAL E 50 -34.09 36.26 -2.49
CA VAL E 50 -34.55 35.85 -3.81
C VAL E 50 -36.05 35.64 -3.88
N LYS E 51 -36.61 35.00 -2.87
CA LYS E 51 -38.01 34.61 -2.93
C LYS E 51 -38.63 34.51 -1.56
N ALA E 52 -39.91 34.86 -1.42
CA ALA E 52 -40.65 34.62 -0.17
C ALA E 52 -41.91 33.86 -0.51
N ASP E 53 -42.21 32.78 0.19
CA ASP E 53 -43.38 31.97 -0.17
C ASP E 53 -44.41 32.05 0.92
N SER E 54 -45.50 32.76 0.69
CA SER E 54 -46.43 33.00 1.79
C SER E 54 -47.36 31.81 1.85
N SER E 55 -47.20 30.91 0.88
CA SER E 55 -47.89 29.65 0.87
C SER E 55 -47.29 28.62 1.84
N THR E 56 -45.98 28.44 1.78
CA THR E 56 -45.29 27.57 2.71
C THR E 56 -44.57 28.22 3.86
N ASN E 57 -44.55 29.55 3.88
CA ASN E 57 -43.76 30.34 4.85
C ASN E 57 -42.29 29.96 4.91
N GLU E 58 -41.59 30.01 3.78
CA GLU E 58 -40.13 29.92 3.73
C GLU E 58 -39.60 31.12 2.94
N VAL E 59 -38.40 31.58 3.26
CA VAL E 59 -37.79 32.67 2.51
C VAL E 59 -36.43 32.22 2.02
N ASP E 60 -35.98 32.81 0.91
CA ASP E 60 -34.75 32.39 0.25
C ASP E 60 -33.70 33.50 0.17
N LEU E 61 -32.61 33.32 0.90
CA LEU E 61 -31.52 34.27 0.96
C LEU E 61 -30.31 33.76 0.18
N VAL E 62 -29.57 34.67 -0.44
CA VAL E 62 -28.25 34.35 -0.96
C VAL E 62 -27.27 35.19 -0.17
N TYR E 63 -26.34 34.57 0.53
CA TYR E 63 -25.41 35.32 1.37
C TYR E 63 -24.02 34.74 1.31
N TRP E 64 -23.02 35.51 1.71
CA TRP E 64 -21.69 34.95 1.92
C TRP E 64 -21.47 34.90 3.41
N GLU E 65 -21.06 33.75 3.91
CA GLU E 65 -20.79 33.57 5.33
C GLU E 65 -19.30 33.57 5.55
N GLN E 66 -18.79 34.40 6.43
CA GLN E 66 -17.36 34.37 6.72
CA GLN E 66 -17.38 34.38 6.74
C GLN E 66 -17.09 33.65 8.04
N GLN E 67 -16.50 32.47 7.95
CA GLN E 67 -16.01 31.77 9.11
C GLN E 67 -14.51 32.04 9.23
N ARG E 68 -14.05 32.20 10.47
CA ARG E 68 -12.65 32.36 10.74
C ARG E 68 -12.38 31.71 12.06
N TRP E 69 -11.26 31.01 12.13
CA TRP E 69 -10.89 30.33 13.36
C TRP E 69 -9.40 30.12 13.28
N LYS E 70 -8.82 29.54 14.33
CA LYS E 70 -7.38 29.33 14.36
C LYS E 70 -6.95 28.11 15.16
N LEU E 71 -5.96 27.39 14.62
CA LEU E 71 -5.44 26.20 15.28
C LEU E 71 -3.94 26.26 15.24
N ASN E 72 -3.30 25.98 16.38
CA ASN E 72 -1.84 25.88 16.42
C ASN E 72 -1.30 24.86 15.41
N SER E 73 -2.13 23.88 15.06
CA SER E 73 -1.69 22.80 14.20
C SER E 73 -1.32 23.30 12.82
N LEU E 74 -1.90 24.44 12.43
CA LEU E 74 -1.67 24.98 11.11
C LEU E 74 -0.60 26.01 11.10
N MET E 75 0.01 26.22 12.26
CA MET E 75 0.94 27.30 12.48
C MET E 75 2.30 26.98 11.88
N TRP E 76 2.92 27.96 11.21
CA TRP E 76 4.29 27.77 10.74
C TRP E 76 5.12 29.04 10.71
N ASP E 77 6.44 28.84 10.76
CA ASP E 77 7.41 29.92 10.66
C ASP E 77 7.76 30.11 9.18
N PRO E 78 7.37 31.27 8.58
CA PRO E 78 7.61 31.49 7.14
C PRO E 78 9.09 31.48 6.76
N ASN E 79 9.95 31.74 7.73
CA ASN E 79 11.39 31.71 7.49
C ASN E 79 11.91 30.35 7.01
N GLU E 80 11.30 29.28 7.49
CA GLU E 80 11.67 27.95 7.05
C GLU E 80 10.95 27.61 5.75
N TYR E 81 9.93 28.39 5.46
CA TYR E 81 9.15 28.22 4.24
C TYR E 81 9.34 29.25 3.14
N GLY E 82 10.51 29.88 3.13
CA GLY E 82 10.93 30.71 2.02
C GLY E 82 10.07 31.94 2.04
N ASN E 83 9.78 32.36 3.26
CA ASN E 83 8.93 33.51 3.52
C ASN E 83 7.45 33.36 3.08
N ILE E 84 6.86 32.19 3.26
CA ILE E 84 5.47 31.99 2.87
C ILE E 84 4.57 32.30 4.05
N THR E 85 3.79 33.37 3.90
CA THR E 85 2.85 33.89 4.89
C THR E 85 1.48 33.19 4.93
N ASP E 86 1.02 32.80 3.75
CA ASP E 86 -0.31 32.24 3.64
C ASP E 86 -0.42 31.39 2.39
N PHE E 87 -1.49 30.59 2.31
CA PHE E 87 -1.76 29.81 1.11
C PHE E 87 -3.28 29.50 0.98
N ARG E 88 -3.76 29.27 -0.24
CA ARG E 88 -5.17 28.95 -0.42
C ARG E 88 -5.21 27.45 -0.51
N THR E 89 -6.26 26.81 0.02
CA THR E 89 -6.41 25.36 -0.11
C THR E 89 -7.89 24.91 -0.17
N SER E 90 -8.14 23.66 -0.58
CA SER E 90 -9.51 23.18 -0.61
C SER E 90 -9.99 22.83 0.78
N ALA E 91 -11.27 23.04 1.04
CA ALA E 91 -11.82 22.82 2.37
C ALA E 91 -11.76 21.36 2.81
N ALA E 92 -11.64 20.45 1.84
CA ALA E 92 -11.44 19.04 2.12
C ALA E 92 -10.10 18.71 2.83
N ASP E 93 -9.10 19.56 2.62
CA ASP E 93 -7.74 19.32 3.10
C ASP E 93 -7.62 19.65 4.58
N ILE E 94 -8.62 20.34 5.11
CA ILE E 94 -8.57 20.85 6.46
C ILE E 94 -9.86 20.67 7.24
N TRP E 95 -9.76 20.76 8.56
CA TRP E 95 -10.91 20.75 9.41
C TRP E 95 -11.64 22.06 9.26
N THR E 96 -12.97 21.97 9.23
CA THR E 96 -13.88 23.09 9.18
C THR E 96 -14.92 22.84 10.25
N PRO E 97 -15.38 23.92 10.91
CA PRO E 97 -16.37 23.88 12.00
C PRO E 97 -17.71 23.41 11.46
N ASP E 98 -18.55 22.76 12.24
CA ASP E 98 -19.79 22.38 11.63
C ASP E 98 -20.78 23.44 12.04
N ILE E 99 -21.00 24.38 11.15
CA ILE E 99 -21.77 25.57 11.47
C ILE E 99 -22.97 25.47 10.59
N THR E 100 -24.14 25.51 11.20
CA THR E 100 -25.33 25.27 10.43
C THR E 100 -26.46 26.18 10.83
N ALA E 101 -27.34 26.48 9.88
CA ALA E 101 -28.52 27.23 10.20
C ALA E 101 -29.51 26.32 10.92
N TYR E 102 -29.92 26.76 12.03
CA TYR E 102 -30.82 26.03 12.91
C TYR E 102 -32.22 25.87 12.34
N SER E 103 -32.73 26.88 11.57
CA SER E 103 -34.10 26.89 11.12
C SER E 103 -34.28 26.76 9.65
N SER E 104 -33.39 26.09 8.97
CA SER E 104 -33.54 25.85 7.56
C SER E 104 -34.55 24.79 7.25
N THR E 105 -35.21 24.93 6.10
CA THR E 105 -36.14 23.96 5.55
C THR E 105 -35.59 23.14 4.37
N ARG E 106 -34.40 23.46 3.90
CA ARG E 106 -33.84 22.81 2.73
CA ARG E 106 -33.85 22.81 2.72
C ARG E 106 -32.35 22.67 2.86
N PRO E 107 -31.78 21.54 2.44
CA PRO E 107 -30.33 21.49 2.50
C PRO E 107 -29.73 22.72 1.82
N VAL E 108 -28.72 23.33 2.44
CA VAL E 108 -28.11 24.53 1.88
C VAL E 108 -27.38 24.24 0.59
N GLN E 109 -27.40 25.16 -0.35
CA GLN E 109 -26.71 24.97 -1.62
C GLN E 109 -25.51 25.90 -1.66
N VAL E 110 -24.33 25.34 -1.93
CA VAL E 110 -23.11 26.11 -1.89
C VAL E 110 -22.82 26.74 -3.24
N LEU E 111 -22.73 28.06 -3.29
CA LEU E 111 -22.58 28.74 -4.57
C LEU E 111 -21.14 28.99 -5.00
N SER E 112 -20.18 28.82 -4.09
CA SER E 112 -18.77 29.14 -4.40
C SER E 112 -17.85 27.93 -4.28
N PRO E 113 -16.70 27.97 -5.00
CA PRO E 113 -15.66 26.94 -4.91
C PRO E 113 -15.27 26.74 -3.45
N GLN E 114 -15.12 25.54 -2.92
CA GLN E 114 -14.83 25.58 -1.52
C GLN E 114 -13.37 25.38 -1.23
N ASN E 115 -12.72 26.51 -0.96
CA ASN E 115 -11.28 26.62 -0.81
C ASN E 115 -11.13 27.68 0.28
N ALA E 116 -10.18 27.53 1.20
CA ALA E 116 -10.02 28.52 2.27
C ALA E 116 -8.64 29.10 2.27
N LEU E 117 -8.41 30.04 3.17
CA LEU E 117 -7.12 30.72 3.27
C LEU E 117 -6.51 30.48 4.63
N VAL E 118 -5.35 29.81 4.66
CA VAL E 118 -4.63 29.61 5.90
C VAL E 118 -3.42 30.52 6.03
N THR E 119 -3.24 31.07 7.22
CA THR E 119 -2.17 32.00 7.49
C THR E 119 -1.23 31.36 8.49
N HIS E 120 0.04 31.78 8.45
CA HIS E 120 1.13 31.13 9.20
C HIS E 120 0.97 31.21 10.72
N ASP E 121 0.01 31.99 11.19
CA ASP E 121 -0.31 31.98 12.60
C ASP E 121 -1.35 30.94 12.92
N GLY E 122 -1.70 30.11 11.94
CA GLY E 122 -2.61 29.00 12.16
C GLY E 122 -4.08 29.35 12.02
N SER E 123 -4.38 30.41 11.29
CA SER E 123 -5.75 30.92 11.22
C SER E 123 -6.38 30.75 9.84
N VAL E 124 -7.56 30.14 9.83
CA VAL E 124 -8.26 29.82 8.58
C VAL E 124 -9.36 30.84 8.38
N GLN E 125 -9.58 31.24 7.14
CA GLN E 125 -10.68 32.13 6.82
C GLN E 125 -11.48 31.51 5.70
N TYR E 126 -12.75 31.26 5.94
CA TYR E 126 -13.53 30.50 5.00
C TYR E 126 -14.75 31.31 4.64
N LEU E 127 -14.93 31.57 3.35
CA LEU E 127 -16.02 32.43 2.91
C LEU E 127 -16.96 31.74 1.88
N PRO E 128 -17.72 30.73 2.32
CA PRO E 128 -18.69 30.04 1.48
C PRO E 128 -19.91 30.88 1.14
N ALA E 129 -20.23 30.90 -0.15
CA ALA E 129 -21.39 31.62 -0.61
C ALA E 129 -22.51 30.60 -0.65
N GLN E 130 -23.65 30.92 -0.06
CA GLN E 130 -24.72 29.94 0.01
C GLN E 130 -26.06 30.55 -0.34
N ARG E 131 -26.99 29.69 -0.74
CA ARG E 131 -28.40 30.03 -0.75
C ARG E 131 -29.09 29.23 0.35
N LEU E 132 -29.96 29.91 1.12
CA LEU E 132 -30.67 29.28 2.22
C LEU E 132 -32.18 29.52 2.18
N SER E 133 -32.94 28.46 2.39
CA SER E 133 -34.39 28.53 2.55
C SER E 133 -34.71 28.18 3.99
N PHE E 134 -35.21 29.15 4.75
CA PHE E 134 -35.47 28.92 6.18
C PHE E 134 -36.84 29.45 6.46
N MET E 135 -37.31 29.27 7.70
CA MET E 135 -38.66 29.67 8.10
C MET E 135 -38.77 31.16 8.38
N CYS E 136 -39.63 31.79 7.60
CA CYS E 136 -39.92 33.20 7.59
C CYS E 136 -41.40 33.30 7.22
N ASP E 137 -42.15 34.19 7.87
CA ASP E 137 -43.51 34.53 7.50
C ASP E 137 -43.65 35.94 7.02
N PRO E 138 -43.90 36.05 5.73
CA PRO E 138 -43.67 37.22 4.93
C PRO E 138 -44.58 38.40 5.11
N THR E 139 -45.66 38.21 5.82
CA THR E 139 -46.66 39.17 5.94
C THR E 139 -46.11 40.50 6.24
N GLY E 140 -46.52 41.51 5.51
CA GLY E 140 -46.03 42.86 5.72
C GLY E 140 -45.02 43.22 4.66
N VAL E 141 -44.52 42.23 3.96
CA VAL E 141 -43.48 42.48 2.99
C VAL E 141 -43.96 43.52 1.97
N ASP E 142 -45.23 43.80 1.97
CA ASP E 142 -45.79 44.81 1.10
C ASP E 142 -46.54 45.76 1.99
N SER E 143 -45.78 46.48 2.78
CA SER E 143 -46.27 47.27 3.81
C SER E 143 -45.10 48.14 3.96
N GLU E 144 -45.22 49.30 4.53
CA GLU E 144 -44.06 50.11 4.73
C GLU E 144 -43.19 49.54 5.80
N GLU E 145 -43.81 48.90 6.76
CA GLU E 145 -43.14 48.39 7.94
C GLU E 145 -42.30 47.19 7.57
N GLY E 146 -42.75 46.48 6.54
CA GLY E 146 -42.02 45.34 6.05
C GLY E 146 -42.19 44.12 6.90
N ALA E 147 -41.52 43.05 6.50
CA ALA E 147 -41.59 41.79 7.22
C ALA E 147 -40.27 41.61 7.90
N THR E 148 -40.30 40.93 9.04
CA THR E 148 -39.10 40.58 9.77
C THR E 148 -39.10 39.10 9.93
N CYS E 149 -38.06 38.44 9.43
CA CYS E 149 -37.83 37.06 9.80
C CYS E 149 -36.44 36.91 10.37
N ALA E 150 -36.22 35.82 11.08
CA ALA E 150 -34.91 35.66 11.72
C ALA E 150 -34.39 34.22 11.75
N VAL E 151 -33.08 34.06 11.54
CA VAL E 151 -32.44 32.73 11.60
C VAL E 151 -31.17 32.61 12.49
N LYS E 152 -31.02 31.51 13.23
CA LYS E 152 -29.82 31.29 14.04
C LYS E 152 -28.75 30.41 13.37
N PHE E 153 -27.49 30.80 13.51
CA PHE E 153 -26.38 29.96 13.08
C PHE E 153 -25.51 29.51 14.25
N GLY E 154 -25.03 28.28 14.20
CA GLY E 154 -24.12 27.86 15.23
C GLY E 154 -23.68 26.43 15.04
N SER E 155 -23.02 25.88 16.03
CA SER E 155 -22.57 24.51 15.87
C SER E 155 -23.73 23.55 16.02
N TRP E 156 -23.88 22.62 15.12
CA TRP E 156 -24.83 21.60 15.28
C TRP E 156 -24.50 20.67 16.41
N SER E 157 -23.23 20.31 16.54
CA SER E 157 -22.89 19.33 17.57
C SER E 157 -22.04 19.78 18.73
N TYR E 158 -21.61 21.03 18.76
CA TYR E 158 -20.72 21.38 19.83
C TYR E 158 -21.24 22.43 20.80
N SER E 159 -20.98 22.23 22.09
CA SER E 159 -21.41 23.21 23.09
C SER E 159 -20.44 24.38 23.21
N GLY E 160 -20.78 25.32 24.10
CA GLY E 160 -19.98 26.51 24.22
C GLY E 160 -18.61 26.14 24.74
N PHE E 161 -18.51 24.91 25.24
CA PHE E 161 -17.27 24.41 25.82
C PHE E 161 -16.22 23.93 24.81
N GLU E 162 -16.68 23.59 23.62
CA GLU E 162 -15.82 23.20 22.51
C GLU E 162 -15.63 24.22 21.40
N ILE E 163 -16.74 24.79 20.96
CA ILE E 163 -16.74 25.93 20.05
C ILE E 163 -17.49 27.12 20.62
N ASP E 164 -16.81 28.25 20.73
CA ASP E 164 -17.44 29.49 21.12
C ASP E 164 -17.62 30.39 19.90
N LEU E 165 -18.69 31.17 19.86
CA LEU E 165 -18.97 31.98 18.68
C LEU E 165 -18.79 33.45 18.98
N LYS E 166 -18.33 34.22 18.00
CA LYS E 166 -18.28 35.67 18.14
C LYS E 166 -18.53 36.29 16.82
N THR E 167 -18.61 37.60 16.77
CA THR E 167 -18.70 38.28 15.50
C THR E 167 -17.66 39.37 15.52
N ASP E 168 -17.11 39.71 14.36
CA ASP E 168 -16.16 40.81 14.32
C ASP E 168 -16.96 42.07 14.61
N THR E 169 -18.14 42.14 14.01
CA THR E 169 -19.01 43.27 14.17
C THR E 169 -20.41 42.73 14.27
N ASP E 170 -21.34 43.57 14.71
CA ASP E 170 -22.74 43.18 14.80
C ASP E 170 -23.46 43.65 13.57
N GLN E 171 -22.72 44.34 12.73
CA GLN E 171 -23.31 44.96 11.58
C GLN E 171 -23.25 44.00 10.40
N VAL E 172 -24.41 43.59 9.88
CA VAL E 172 -24.45 42.75 8.68
C VAL E 172 -24.03 43.63 7.53
N ASP E 173 -23.32 43.08 6.57
CA ASP E 173 -22.78 43.87 5.48
C ASP E 173 -23.73 43.86 4.28
N LEU E 174 -24.34 45.01 4.01
CA LEU E 174 -25.23 45.17 2.87
C LEU E 174 -24.58 45.82 1.64
N SER E 175 -23.30 46.15 1.74
CA SER E 175 -22.62 46.84 0.65
C SER E 175 -22.63 46.08 -0.67
N SER E 176 -22.78 44.76 -0.63
CA SER E 176 -22.89 43.99 -1.86
C SER E 176 -24.31 43.62 -2.28
N TYR E 177 -25.32 44.11 -1.56
CA TYR E 177 -26.71 43.71 -1.78
C TYR E 177 -27.22 44.11 -3.13
N TYR E 178 -28.04 43.24 -3.74
CA TYR E 178 -28.49 43.42 -5.11
C TYR E 178 -29.50 44.57 -5.17
N ALA E 179 -29.18 45.60 -5.96
CA ALA E 179 -29.90 46.85 -5.88
C ALA E 179 -31.30 46.64 -6.40
N SER E 180 -31.40 45.77 -7.40
CA SER E 180 -32.64 45.46 -8.10
C SER E 180 -33.41 44.26 -7.54
N SER E 181 -32.96 43.76 -6.40
CA SER E 181 -33.65 42.65 -5.73
C SER E 181 -35.14 42.95 -5.58
N LYS E 182 -36.00 41.94 -5.67
CA LYS E 182 -37.42 42.13 -5.36
C LYS E 182 -37.69 42.67 -3.96
N TYR E 183 -36.77 42.53 -3.09
CA TYR E 183 -36.98 43.08 -1.75
C TYR E 183 -35.85 44.02 -1.38
N GLU E 184 -36.20 45.23 -0.93
CA GLU E 184 -35.19 46.16 -0.40
C GLU E 184 -35.02 45.86 1.07
N ILE E 185 -33.75 45.92 1.55
CA ILE E 185 -33.46 45.60 2.95
C ILE E 185 -33.65 46.83 3.85
N LEU E 186 -34.41 46.68 4.85
CA LEU E 186 -34.64 47.75 5.81
C LEU E 186 -33.56 47.82 6.89
N SER E 187 -33.47 46.79 7.73
CA SER E 187 -32.34 46.65 8.62
C SER E 187 -31.82 45.20 8.55
N ALA E 188 -30.55 44.98 8.81
CA ALA E 188 -30.08 43.61 9.07
C ALA E 188 -29.01 43.55 10.18
N THR E 189 -29.19 42.69 11.16
CA THR E 189 -28.33 42.69 12.32
C THR E 189 -27.87 41.27 12.59
N GLN E 190 -26.60 41.13 12.98
CA GLN E 190 -26.07 39.84 13.39
C GLN E 190 -25.59 39.91 14.85
N THR E 191 -26.27 39.19 15.72
CA THR E 191 -26.03 39.32 17.15
C THR E 191 -25.71 37.97 17.78
N ARG E 192 -24.66 37.94 18.60
CA ARG E 192 -24.36 36.79 19.43
C ARG E 192 -25.40 36.52 20.54
N GLN E 193 -25.88 35.29 20.61
CA GLN E 193 -26.71 34.86 21.71
C GLN E 193 -26.11 33.61 22.32
N VAL E 194 -26.44 33.37 23.59
CA VAL E 194 -26.09 32.13 24.30
C VAL E 194 -27.36 31.51 24.86
N ARG E 195 -27.58 30.24 24.57
CA ARG E 195 -28.75 29.50 25.06
C ARG E 195 -28.34 28.59 26.19
N PHE E 196 -29.24 28.37 27.13
CA PHE E 196 -29.04 27.37 28.17
C PHE E 196 -30.24 26.42 28.16
N TYR E 197 -30.01 25.15 28.48
CA TYR E 197 -31.12 24.25 28.67
C TYR E 197 -31.18 23.82 30.14
N GLU E 198 -32.39 23.58 30.65
CA GLU E 198 -32.55 23.00 31.97
C GLU E 198 -31.88 21.64 31.97
N CYS E 199 -32.17 20.86 30.94
CA CYS E 199 -31.69 19.50 30.85
C CYS E 199 -30.17 19.46 31.11
N CYS E 200 -29.44 20.31 30.39
CA CYS E 200 -27.99 20.27 30.43
C CYS E 200 -27.36 21.56 30.97
N LYS E 201 -26.18 21.40 31.58
CA LYS E 201 -25.48 22.46 32.31
C LYS E 201 -24.80 23.52 31.42
N GLU E 202 -24.40 23.10 30.21
CA GLU E 202 -23.53 23.90 29.32
C GLU E 202 -24.26 24.87 28.39
N PRO E 203 -23.54 25.88 27.97
CA PRO E 203 -23.99 26.96 27.11
C PRO E 203 -24.00 26.69 25.65
N TYR E 204 -24.99 27.14 24.93
CA TYR E 204 -24.94 27.05 23.48
C TYR E 204 -24.98 28.42 22.84
N PRO E 205 -23.86 28.86 22.24
CA PRO E 205 -24.05 30.15 21.61
C PRO E 205 -24.66 29.96 20.25
N ASP E 206 -25.03 31.05 19.59
CA ASP E 206 -25.43 31.06 18.19
C ASP E 206 -25.29 32.49 17.75
N VAL E 207 -25.24 32.76 16.45
CA VAL E 207 -25.39 34.12 15.94
C VAL E 207 -26.80 34.25 15.30
N ASN E 208 -27.63 35.15 15.82
CA ASN E 208 -29.00 35.35 15.33
C ASN E 208 -28.94 36.41 14.26
N LEU E 209 -29.26 36.04 13.02
CA LEU E 209 -29.31 37.00 11.94
C LEU E 209 -30.75 37.45 11.87
N VAL E 210 -30.97 38.76 11.90
CA VAL E 210 -32.32 39.32 11.80
C VAL E 210 -32.47 40.26 10.58
N VAL E 211 -33.50 40.00 9.78
CA VAL E 211 -33.73 40.75 8.54
C VAL E 211 -35.15 41.35 8.44
N LYS E 212 -35.21 42.67 8.29
CA LYS E 212 -36.46 43.41 8.03
C LYS E 212 -36.44 43.86 6.59
N PHE E 213 -37.46 43.48 5.84
CA PHE E 213 -37.45 43.75 4.43
C PHE E 213 -38.84 44.02 3.92
N ARG E 214 -38.94 44.62 2.74
CA ARG E 214 -40.24 44.86 2.11
C ARG E 214 -40.00 44.90 0.62
N GLU E 215 -41.05 44.84 -0.18
CA GLU E 215 -40.89 44.92 -1.63
C GLU E 215 -40.43 46.28 -2.13
N ARG E 216 -39.90 46.31 -3.35
CA ARG E 216 -39.54 47.57 -3.99
C ARG E 216 -40.71 48.13 -4.80
N LYS F 3 9.59 22.85 28.91
CA LYS F 3 10.62 23.87 28.78
C LYS F 3 11.86 23.32 28.06
N ASP F 4 12.83 22.77 28.81
CA ASP F 4 14.00 22.13 28.20
C ASP F 4 13.60 20.90 27.35
N ASP F 5 12.61 20.15 27.84
CA ASP F 5 12.12 18.95 27.15
C ASP F 5 11.50 19.22 25.79
N ASP F 6 10.66 20.26 25.69
CA ASP F 6 10.02 20.67 24.44
C ASP F 6 11.06 21.04 23.38
N ASP F 7 12.09 21.78 23.79
CA ASP F 7 13.15 22.22 22.89
C ASP F 7 13.93 21.03 22.33
N LYS F 8 14.25 20.06 23.19
CA LYS F 8 14.85 18.80 22.77
C LYS F 8 13.98 18.14 21.70
N LEU F 9 12.68 18.13 21.97
CA LEU F 9 11.67 17.50 21.15
C LEU F 9 11.54 18.16 19.77
N HIS F 10 11.82 19.46 19.73
CA HIS F 10 11.77 20.23 18.49
C HIS F 10 12.98 19.97 17.57
N SER F 11 14.15 19.78 18.18
CA SER F 11 15.34 19.48 17.39
C SER F 11 15.20 18.12 16.68
N GLN F 12 14.57 17.13 17.33
CA GLN F 12 14.33 15.82 16.70
C GLN F 12 13.45 16.04 15.50
N ALA F 13 12.33 16.71 15.75
CA ALA F 13 11.40 17.08 14.71
C ALA F 13 12.09 17.78 13.53
N ASN F 14 12.92 18.79 13.79
CA ASN F 14 13.63 19.44 12.72
C ASN F 14 14.52 18.48 11.93
N LEU F 15 15.22 17.59 12.63
CA LEU F 15 16.06 16.59 11.97
C LEU F 15 15.24 15.55 11.19
N MET F 16 14.18 15.00 11.79
CA MET F 16 13.31 14.07 11.10
C MET F 16 12.77 14.67 9.81
N ARG F 17 12.48 15.98 9.83
CA ARG F 17 11.88 16.69 8.69
C ARG F 17 12.88 16.84 7.55
N LEU F 18 14.11 17.19 7.92
CA LEU F 18 15.22 17.25 6.99
C LEU F 18 15.53 15.90 6.36
N LYS F 19 15.56 14.84 7.15
CA LYS F 19 15.96 13.55 6.62
C LYS F 19 14.93 13.08 5.62
N SER F 20 13.67 13.28 5.99
CA SER F 20 12.57 13.01 5.09
C SER F 20 12.66 13.91 3.84
N ASP F 21 12.89 15.19 4.02
CA ASP F 21 12.92 16.06 2.86
C ASP F 21 13.99 15.62 1.83
N LEU F 22 15.14 15.15 2.28
CA LEU F 22 16.17 14.68 1.36
C LEU F 22 15.88 13.27 0.84
N PHE F 23 15.57 12.33 1.74
CA PHE F 23 15.32 10.91 1.37
C PHE F 23 13.91 10.46 0.89
N ASN F 24 12.85 10.93 1.56
CA ASN F 24 11.47 10.62 1.15
C ASN F 24 10.85 11.50 0.07
N ARG F 25 11.34 12.73 -0.11
CA ARG F 25 10.69 13.65 -1.04
CA ARG F 25 10.70 13.64 -1.05
C ARG F 25 11.34 13.63 -2.42
N SER F 26 12.35 12.78 -2.57
CA SER F 26 13.07 12.69 -3.84
C SER F 26 13.47 11.24 -4.09
N PRO F 27 13.58 10.85 -5.36
CA PRO F 27 14.02 9.48 -5.69
C PRO F 27 15.50 9.40 -5.43
N MET F 28 16.07 8.25 -5.10
CA MET F 28 17.48 8.32 -4.74
C MET F 28 18.35 8.71 -5.92
N TYR F 29 19.46 9.40 -5.63
CA TYR F 29 20.45 9.84 -6.59
C TYR F 29 20.90 8.61 -7.40
N PRO F 30 20.81 8.70 -8.74
CA PRO F 30 21.09 7.66 -9.72
C PRO F 30 22.56 7.29 -9.80
N GLY F 31 23.38 8.14 -9.21
CA GLY F 31 24.81 7.99 -9.20
C GLY F 31 25.34 8.99 -10.18
N PRO F 32 26.65 9.14 -10.25
CA PRO F 32 27.32 10.14 -11.10
C PRO F 32 27.35 9.72 -12.56
N THR F 33 27.45 10.69 -13.47
CA THR F 33 27.53 10.38 -14.88
C THR F 33 28.61 11.18 -15.57
N LYS F 34 28.80 10.90 -16.85
CA LYS F 34 29.63 11.71 -17.72
C LYS F 34 29.26 13.18 -17.59
N ASP F 35 27.96 13.46 -17.63
CA ASP F 35 27.45 14.83 -17.58
C ASP F 35 27.50 15.43 -16.18
N ASP F 36 27.40 14.58 -15.17
CA ASP F 36 27.53 15.01 -13.79
C ASP F 36 28.49 14.09 -13.06
N PRO F 37 29.80 14.25 -13.32
CA PRO F 37 30.88 13.51 -12.67
C PRO F 37 31.01 13.86 -11.22
N LEU F 38 31.74 13.04 -10.49
CA LEU F 38 31.91 13.17 -9.06
C LEU F 38 33.36 12.90 -8.69
N THR F 39 33.88 13.62 -7.72
CA THR F 39 35.25 13.41 -7.25
C THR F 39 35.20 12.86 -5.85
N VAL F 40 35.88 11.74 -5.63
CA VAL F 40 35.96 11.12 -4.32
C VAL F 40 37.35 11.30 -3.79
N THR F 41 37.47 11.73 -2.54
CA THR F 41 38.78 11.83 -1.93
C THR F 41 39.02 10.61 -1.05
N LEU F 42 40.13 9.90 -1.23
CA LEU F 42 40.50 8.79 -0.35
C LEU F 42 41.75 9.08 0.44
N GLY F 43 41.88 8.43 1.58
CA GLY F 43 43.16 8.36 2.24
C GLY F 43 43.01 7.27 3.27
N PHE F 44 44.11 6.64 3.64
CA PHE F 44 43.99 5.48 4.51
C PHE F 44 44.63 5.75 5.83
N THR F 45 44.01 5.23 6.89
CA THR F 45 44.69 5.11 8.18
C THR F 45 45.03 3.63 8.40
N LEU F 46 46.31 3.28 8.41
CA LEU F 46 46.69 1.88 8.48
C LEU F 46 46.84 1.51 9.95
N GLN F 47 45.92 0.70 10.44
CA GLN F 47 45.94 0.26 11.82
C GLN F 47 46.90 -0.89 12.15
N ASP F 48 46.86 -1.97 11.40
CA ASP F 48 47.63 -3.13 11.77
C ASP F 48 47.93 -4.04 10.59
N ILE F 49 49.08 -4.69 10.58
CA ILE F 49 49.27 -5.80 9.68
C ILE F 49 49.10 -7.08 10.44
N VAL F 50 47.99 -7.76 10.21
CA VAL F 50 47.66 -8.87 11.08
C VAL F 50 48.40 -10.16 10.76
N LYS F 51 48.55 -10.46 9.48
CA LYS F 51 49.05 -11.76 9.11
C LYS F 51 49.81 -11.59 7.86
N ALA F 52 50.93 -12.30 7.72
CA ALA F 52 51.57 -12.42 6.42
C ALA F 52 51.70 -13.91 6.16
N ASP F 53 51.03 -14.40 5.12
CA ASP F 53 51.00 -15.82 4.83
C ASP F 53 51.83 -16.08 3.60
N SER F 54 52.95 -16.78 3.74
CA SER F 54 53.90 -16.96 2.64
C SER F 54 53.68 -18.24 1.84
N SER F 55 52.79 -19.08 2.32
CA SER F 55 52.41 -20.23 1.51
C SER F 55 51.41 -19.85 0.41
N THR F 56 50.44 -19.01 0.76
CA THR F 56 49.49 -18.45 -0.21
C THR F 56 49.83 -17.07 -0.76
N ASN F 57 50.84 -16.43 -0.20
CA ASN F 57 51.19 -15.05 -0.55
C ASN F 57 50.02 -14.06 -0.39
N GLU F 58 49.32 -14.15 0.75
CA GLU F 58 48.28 -13.19 1.12
C GLU F 58 48.72 -12.39 2.35
N VAL F 59 48.41 -11.10 2.39
CA VAL F 59 48.62 -10.39 3.63
C VAL F 59 47.33 -9.73 4.08
N ASP F 60 47.14 -9.69 5.39
CA ASP F 60 45.92 -9.22 6.01
C ASP F 60 46.17 -7.87 6.68
N LEU F 61 45.41 -6.85 6.28
CA LEU F 61 45.58 -5.51 6.86
C LEU F 61 44.32 -5.08 7.59
N VAL F 62 44.50 -4.23 8.60
CA VAL F 62 43.38 -3.54 9.16
C VAL F 62 43.65 -2.06 8.98
N TYR F 63 42.74 -1.37 8.28
CA TYR F 63 42.87 0.05 8.03
C TYR F 63 41.53 0.74 8.22
N TRP F 64 41.51 2.06 8.06
CA TRP F 64 40.28 2.80 7.93
C TRP F 64 40.41 3.63 6.71
N GLU F 65 39.49 3.44 5.78
CA GLU F 65 39.39 4.23 4.57
C GLU F 65 38.51 5.46 4.82
N GLN F 66 39.07 6.67 4.69
CA GLN F 66 38.21 7.84 4.70
C GLN F 66 37.78 8.15 3.29
N GLN F 67 36.48 8.32 3.11
CA GLN F 67 35.92 8.66 1.82
C GLN F 67 35.22 9.99 1.92
N ARG F 68 35.52 10.91 1.00
CA ARG F 68 34.80 12.16 0.94
C ARG F 68 34.33 12.42 -0.47
N TRP F 69 33.05 12.76 -0.59
CA TRP F 69 32.47 13.23 -1.84
C TRP F 69 31.43 14.31 -1.50
N LYS F 70 31.00 15.08 -2.49
CA LYS F 70 29.94 16.05 -2.25
C LYS F 70 28.89 16.11 -3.37
N LEU F 71 27.61 16.08 -2.96
CA LEU F 71 26.47 16.06 -3.89
C LEU F 71 25.57 17.29 -3.72
N ASN F 72 25.22 17.94 -4.83
CA ASN F 72 24.25 19.04 -4.79
C ASN F 72 22.91 18.60 -4.21
N SER F 73 22.48 17.38 -4.55
CA SER F 73 21.27 16.77 -4.02
C SER F 73 21.21 16.64 -2.51
N LEU F 74 22.35 16.72 -1.84
CA LEU F 74 22.41 16.68 -0.39
C LEU F 74 22.53 18.02 0.35
N MET F 75 22.47 19.15 -0.36
CA MET F 75 22.56 20.48 0.28
C MET F 75 21.26 20.87 0.93
N TRP F 76 21.35 21.68 1.96
CA TRP F 76 20.16 22.28 2.56
C TRP F 76 20.56 23.58 3.25
N ASP F 77 19.59 24.45 3.49
CA ASP F 77 19.83 25.69 4.22
C ASP F 77 19.51 25.52 5.68
N PRO F 78 20.52 25.59 6.55
CA PRO F 78 20.30 25.36 7.98
C PRO F 78 19.19 26.23 8.61
N ASN F 79 18.82 27.36 8.02
CA ASN F 79 17.80 28.20 8.62
C ASN F 79 16.40 27.67 8.42
N GLU F 80 16.20 26.88 7.38
CA GLU F 80 14.91 26.23 7.18
C GLU F 80 14.87 24.98 8.06
N TYR F 81 16.05 24.56 8.48
CA TYR F 81 16.22 23.41 9.35
C TYR F 81 16.83 23.65 10.74
N GLY F 82 16.38 24.65 11.49
CA GLY F 82 16.55 24.70 12.93
C GLY F 82 18.02 24.77 13.23
N ASN F 83 18.73 25.31 12.25
CA ASN F 83 20.16 25.51 12.33
CA ASN F 83 20.17 25.49 12.31
C ASN F 83 20.96 24.21 12.44
N ILE F 84 20.54 23.16 11.70
CA ILE F 84 21.25 21.90 11.67
C ILE F 84 22.31 21.99 10.55
N THR F 85 23.58 21.98 10.92
CA THR F 85 24.70 22.01 9.97
C THR F 85 25.11 20.65 9.37
N ASP F 86 24.87 19.58 10.12
CA ASP F 86 25.31 18.25 9.73
C ASP F 86 24.47 17.21 10.44
N PHE F 87 24.52 15.95 9.98
CA PHE F 87 23.85 14.85 10.68
C PHE F 87 24.43 13.46 10.39
N ARG F 88 24.16 12.52 11.28
CA ARG F 88 24.60 11.15 11.10
C ARG F 88 23.46 10.35 10.51
N THR F 89 23.79 9.42 9.64
CA THR F 89 22.80 8.56 9.05
C THR F 89 23.50 7.29 8.63
N SER F 90 22.75 6.20 8.44
CA SER F 90 23.35 4.95 8.00
C SER F 90 23.66 5.06 6.52
N ALA F 91 24.67 4.37 6.03
CA ALA F 91 25.10 4.59 4.67
C ALA F 91 24.09 4.01 3.68
N ALA F 92 23.17 3.21 4.21
CA ALA F 92 22.11 2.61 3.42
C ALA F 92 21.17 3.67 2.87
N ASP F 93 21.04 4.78 3.59
CA ASP F 93 20.06 5.79 3.30
C ASP F 93 20.55 6.69 2.18
N ILE F 94 21.80 6.52 1.79
CA ILE F 94 22.41 7.39 0.80
C ILE F 94 23.26 6.58 -0.15
N TRP F 95 23.47 7.14 -1.34
CA TRP F 95 24.35 6.56 -2.32
C TRP F 95 25.76 6.65 -1.77
N THR F 96 26.53 5.58 -1.87
CA THR F 96 27.94 5.57 -1.49
C THR F 96 28.73 4.97 -2.66
N PRO F 97 29.97 5.36 -2.84
CA PRO F 97 30.80 4.90 -3.93
C PRO F 97 31.35 3.51 -3.86
N ASP F 98 31.66 2.91 -4.99
CA ASP F 98 32.19 1.58 -4.96
C ASP F 98 33.66 1.41 -4.84
N ILE F 99 34.31 2.04 -3.90
CA ILE F 99 35.71 1.87 -3.82
C ILE F 99 35.97 0.47 -3.42
N THR F 100 36.89 -0.17 -4.12
CA THR F 100 37.13 -1.60 -3.94
C THR F 100 38.62 -1.83 -4.15
N ALA F 101 39.19 -2.77 -3.40
CA ALA F 101 40.55 -3.18 -3.66
C ALA F 101 40.53 -4.09 -4.91
N TYR F 102 41.47 -3.88 -5.82
CA TYR F 102 41.57 -4.69 -7.01
C TYR F 102 42.34 -6.00 -6.80
N SER F 103 43.12 -6.06 -5.72
CA SER F 103 43.87 -7.25 -5.30
C SER F 103 43.30 -8.14 -4.17
N SER F 104 42.12 -7.88 -3.63
CA SER F 104 41.67 -8.69 -2.49
C SER F 104 41.59 -10.15 -2.86
N THR F 105 42.02 -11.04 -1.97
CA THR F 105 41.80 -12.47 -2.15
C THR F 105 40.61 -13.08 -1.38
N ARG F 106 39.94 -12.26 -0.57
CA ARG F 106 38.81 -12.66 0.26
CA ARG F 106 38.77 -12.68 0.16
C ARG F 106 37.84 -11.49 0.30
N PRO F 107 36.53 -11.74 0.31
CA PRO F 107 35.63 -10.59 0.41
C PRO F 107 36.03 -9.72 1.56
N VAL F 108 35.95 -8.40 1.42
CA VAL F 108 36.39 -7.50 2.49
C VAL F 108 35.51 -7.66 3.71
N GLN F 109 35.98 -7.28 4.89
CA GLN F 109 35.12 -7.36 6.08
C GLN F 109 35.08 -6.03 6.78
N VAL F 110 33.87 -5.60 7.12
CA VAL F 110 33.65 -4.30 7.76
C VAL F 110 33.66 -4.37 9.29
N LEU F 111 34.58 -3.63 9.89
CA LEU F 111 34.77 -3.68 11.33
C LEU F 111 34.00 -2.59 12.05
N SER F 112 33.46 -1.62 11.33
CA SER F 112 32.76 -0.51 11.96
C SER F 112 31.31 -0.40 11.50
N PRO F 113 30.47 0.21 12.35
CA PRO F 113 29.07 0.47 11.99
C PRO F 113 29.07 1.29 10.73
N GLN F 114 28.15 1.05 9.79
CA GLN F 114 28.29 1.83 8.59
C GLN F 114 27.29 2.96 8.65
N ASN F 115 27.84 4.13 8.96
CA ASN F 115 27.07 5.35 9.20
C ASN F 115 27.98 6.42 8.69
N ALA F 116 27.42 7.55 8.28
CA ALA F 116 28.24 8.55 7.63
C ALA F 116 27.84 9.88 8.16
N LEU F 117 28.56 10.91 7.74
CA LEU F 117 28.26 12.23 8.24
C LEU F 117 27.96 13.08 7.07
N VAL F 118 26.75 13.62 7.02
CA VAL F 118 26.34 14.47 5.93
C VAL F 118 26.34 15.89 6.45
N THR F 119 26.90 16.83 5.68
CA THR F 119 26.93 18.23 6.10
C THR F 119 26.16 19.06 5.07
N HIS F 120 25.69 20.23 5.46
CA HIS F 120 24.70 20.98 4.69
C HIS F 120 25.15 21.46 3.34
N ASP F 121 26.44 21.51 3.08
CA ASP F 121 26.93 21.94 1.79
C ASP F 121 26.89 20.75 0.86
N GLY F 122 26.46 19.62 1.38
CA GLY F 122 26.26 18.45 0.55
C GLY F 122 27.40 17.47 0.59
N SER F 123 28.36 17.69 1.47
CA SER F 123 29.52 16.81 1.58
C SER F 123 29.22 15.59 2.43
N VAL F 124 29.84 14.46 2.10
CA VAL F 124 29.64 13.27 2.88
C VAL F 124 31.00 12.79 3.39
N GLN F 125 31.07 12.36 4.65
CA GLN F 125 32.26 11.68 5.16
C GLN F 125 31.87 10.27 5.56
N TYR F 126 32.51 9.29 4.95
CA TYR F 126 32.26 7.92 5.30
C TYR F 126 33.62 7.38 5.71
N LEU F 127 33.66 6.64 6.81
CA LEU F 127 34.95 6.17 7.32
C LEU F 127 34.93 4.71 7.74
N PRO F 128 34.80 3.81 6.77
CA PRO F 128 34.77 2.37 7.05
C PRO F 128 36.08 1.80 7.56
N ALA F 129 36.04 1.04 8.65
CA ALA F 129 37.18 0.23 9.02
C ALA F 129 36.98 -1.15 8.43
N GLN F 130 37.99 -1.67 7.75
CA GLN F 130 37.90 -2.96 7.08
C GLN F 130 39.10 -3.83 7.42
N ARG F 131 38.94 -5.15 7.33
CA ARG F 131 40.10 -6.05 7.31
C ARG F 131 40.26 -6.65 5.92
N LEU F 132 41.45 -6.51 5.32
CA LEU F 132 41.62 -6.94 3.93
C LEU F 132 42.75 -7.95 3.72
N SER F 133 42.41 -9.06 3.08
CA SER F 133 43.37 -10.04 2.58
C SER F 133 43.67 -9.77 1.11
N PHE F 134 44.90 -9.37 0.79
CA PHE F 134 45.27 -9.04 -0.58
C PHE F 134 46.56 -9.72 -1.00
N MET F 135 46.85 -9.64 -2.30
CA MET F 135 47.94 -10.40 -2.87
C MET F 135 49.26 -9.72 -2.55
N CYS F 136 50.09 -10.44 -1.82
CA CYS F 136 51.37 -9.93 -1.33
C CYS F 136 52.36 -11.06 -1.15
N ASP F 137 53.62 -10.80 -1.48
CA ASP F 137 54.67 -11.77 -1.27
C ASP F 137 55.58 -11.20 -0.19
N PRO F 138 55.48 -11.79 1.00
CA PRO F 138 56.14 -11.33 2.23
C PRO F 138 57.65 -11.51 2.18
N THR F 139 58.15 -12.23 1.19
CA THR F 139 59.55 -12.55 1.11
C THR F 139 60.36 -11.29 1.34
N GLY F 140 61.32 -11.40 2.27
CA GLY F 140 62.10 -10.27 2.71
C GLY F 140 61.58 -9.72 4.04
N VAL F 141 60.46 -10.26 4.49
CA VAL F 141 59.78 -9.69 5.63
C VAL F 141 60.69 -9.79 6.86
N ASP F 142 61.50 -10.84 6.86
CA ASP F 142 62.45 -11.10 7.94
C ASP F 142 63.84 -10.59 7.62
N SER F 143 64.04 -10.01 6.44
CA SER F 143 65.29 -9.33 6.20
C SER F 143 65.11 -8.04 6.94
N GLU F 144 66.13 -7.21 7.01
CA GLU F 144 65.93 -5.95 7.72
C GLU F 144 65.60 -4.83 6.73
N GLU F 145 65.61 -5.18 5.44
CA GLU F 145 65.23 -4.24 4.40
C GLU F 145 63.73 -4.30 4.13
N GLY F 146 63.09 -5.33 4.67
CA GLY F 146 61.65 -5.44 4.64
C GLY F 146 61.11 -6.12 3.40
N ALA F 147 59.79 -6.31 3.37
CA ALA F 147 59.08 -6.86 2.23
C ALA F 147 58.22 -5.74 1.71
N THR F 148 57.85 -5.76 0.45
CA THR F 148 57.10 -4.63 -0.09
C THR F 148 55.89 -5.13 -0.82
N CYS F 149 54.73 -4.62 -0.44
CA CYS F 149 53.54 -4.94 -1.20
C CYS F 149 52.73 -3.74 -1.51
N ALA F 150 51.83 -3.89 -2.46
CA ALA F 150 50.96 -2.79 -2.81
C ALA F 150 49.60 -3.30 -3.24
N VAL F 151 48.61 -2.43 -3.12
CA VAL F 151 47.26 -2.78 -3.51
C VAL F 151 46.54 -1.54 -4.07
N LYS F 152 45.72 -1.72 -5.12
CA LYS F 152 45.05 -0.59 -5.76
C LYS F 152 43.59 -0.43 -5.32
N PHE F 153 43.17 0.80 -5.02
CA PHE F 153 41.78 1.07 -4.71
C PHE F 153 41.14 1.99 -5.76
N GLY F 154 39.91 1.67 -6.18
CA GLY F 154 39.16 2.58 -7.03
C GLY F 154 37.75 2.08 -7.32
N SER F 155 36.96 2.90 -8.00
CA SER F 155 35.63 2.46 -8.41
C SER F 155 35.79 1.15 -9.16
N TRP F 156 34.94 0.18 -8.87
CA TRP F 156 34.97 -1.04 -9.66
C TRP F 156 34.32 -0.77 -11.01
N SER F 157 33.13 -0.20 -10.99
CA SER F 157 32.40 0.07 -12.23
C SER F 157 32.23 1.50 -12.81
N TYR F 158 32.92 2.50 -12.31
CA TYR F 158 32.79 3.80 -12.94
C TYR F 158 34.14 4.25 -13.47
N SER F 159 34.15 4.89 -14.63
CA SER F 159 35.41 5.37 -15.21
C SER F 159 35.81 6.71 -14.63
N GLY F 160 36.89 7.26 -15.15
CA GLY F 160 37.39 8.52 -14.65
C GLY F 160 36.47 9.63 -15.12
N PHE F 161 35.64 9.29 -16.10
CA PHE F 161 34.69 10.23 -16.60
C PHE F 161 33.55 10.42 -15.60
N GLU F 162 33.09 9.33 -15.00
CA GLU F 162 32.10 9.40 -13.90
C GLU F 162 32.65 9.70 -12.50
N ILE F 163 33.75 9.04 -12.13
CA ILE F 163 34.32 9.18 -10.79
C ILE F 163 35.81 9.42 -10.82
N ASP F 164 36.24 10.49 -10.19
CA ASP F 164 37.65 10.81 -10.17
C ASP F 164 38.10 10.66 -8.72
N LEU F 165 39.36 10.34 -8.50
CA LEU F 165 39.88 10.19 -7.15
C LEU F 165 41.01 11.16 -6.93
N LYS F 166 41.23 11.58 -5.69
CA LYS F 166 42.38 12.39 -5.34
C LYS F 166 42.68 12.08 -3.89
N THR F 167 43.89 12.41 -3.45
CA THR F 167 44.25 12.24 -2.05
C THR F 167 44.54 13.62 -1.50
N ASP F 168 44.39 13.79 -0.20
CA ASP F 168 44.83 15.05 0.39
C ASP F 168 46.33 15.02 0.67
N THR F 169 46.88 13.82 0.76
CA THR F 169 48.30 13.64 1.00
C THR F 169 48.78 12.29 0.44
N ASP F 170 50.08 12.13 0.27
CA ASP F 170 50.60 10.87 -0.21
C ASP F 170 51.07 9.98 0.93
N GLN F 171 50.87 10.45 2.15
CA GLN F 171 51.33 9.73 3.31
C GLN F 171 50.20 8.96 3.96
N VAL F 172 50.24 7.63 3.94
CA VAL F 172 49.27 6.85 4.72
C VAL F 172 49.40 7.27 6.17
N ASP F 173 48.32 7.26 6.93
CA ASP F 173 48.36 7.83 8.25
C ASP F 173 48.69 6.72 9.21
N LEU F 174 49.88 6.78 9.77
CA LEU F 174 50.36 5.74 10.65
C LEU F 174 50.22 6.04 12.15
N SER F 175 49.66 7.19 12.48
CA SER F 175 49.53 7.62 13.87
C SER F 175 48.70 6.68 14.75
N SER F 176 47.72 5.98 14.17
CA SER F 176 46.96 4.99 14.94
C SER F 176 47.50 3.56 14.84
N TYR F 177 48.62 3.38 14.12
CA TYR F 177 49.17 2.04 13.93
C TYR F 177 49.45 1.32 15.25
N TYR F 178 49.10 0.03 15.31
CA TYR F 178 49.23 -0.75 16.52
C TYR F 178 50.70 -0.94 16.76
N ALA F 179 51.15 -0.51 17.93
CA ALA F 179 52.57 -0.38 18.23
C ALA F 179 53.21 -1.75 18.35
N SER F 180 52.42 -2.68 18.86
CA SER F 180 52.85 -4.03 19.18
C SER F 180 52.59 -5.03 18.06
N SER F 181 52.18 -4.53 16.90
CA SER F 181 51.87 -5.40 15.78
C SER F 181 53.03 -6.30 15.53
N LYS F 182 52.73 -7.49 15.05
CA LYS F 182 53.76 -8.43 14.68
C LYS F 182 54.71 -7.75 13.68
N TYR F 183 54.25 -6.68 13.05
CA TYR F 183 55.02 -6.07 11.97
C TYR F 183 55.24 -4.58 12.11
N GLU F 184 56.44 -4.15 11.70
CA GLU F 184 56.89 -2.75 11.73
C GLU F 184 56.66 -2.13 10.37
N ILE F 185 56.30 -0.85 10.33
CA ILE F 185 56.06 -0.16 9.07
C ILE F 185 57.21 0.80 8.73
N LEU F 186 57.97 0.48 7.70
CA LEU F 186 59.04 1.35 7.24
C LEU F 186 58.48 2.56 6.49
N SER F 187 57.61 2.29 5.52
CA SER F 187 56.98 3.37 4.77
C SER F 187 55.59 2.92 4.38
N ALA F 188 54.67 3.87 4.29
CA ALA F 188 53.40 3.62 3.65
C ALA F 188 53.02 4.85 2.84
N THR F 189 52.72 4.67 1.54
CA THR F 189 52.23 5.74 0.67
C THR F 189 50.87 5.44 0.06
N GLN F 190 50.15 6.50 -0.31
CA GLN F 190 48.94 6.37 -1.10
C GLN F 190 49.07 7.32 -2.28
N THR F 191 49.20 6.77 -3.47
CA THR F 191 49.49 7.58 -4.63
C THR F 191 48.42 7.36 -5.66
N ARG F 192 48.00 8.44 -6.31
CA ARG F 192 46.89 8.36 -7.24
C ARG F 192 47.42 8.01 -8.61
N GLN F 193 46.80 7.04 -9.26
CA GLN F 193 47.23 6.59 -10.58
C GLN F 193 46.07 6.58 -11.56
N VAL F 194 46.38 6.48 -12.83
CA VAL F 194 45.39 6.25 -13.87
C VAL F 194 45.85 5.08 -14.74
N ARG F 195 44.92 4.35 -15.35
CA ARG F 195 45.29 3.36 -16.38
C ARG F 195 44.20 2.43 -16.90
N PHE F 196 44.51 1.75 -17.99
CA PHE F 196 43.54 1.03 -18.81
C PHE F 196 43.46 -0.43 -18.48
N TYR F 197 42.28 -0.99 -18.69
CA TYR F 197 42.12 -2.42 -18.57
C TYR F 197 41.61 -3.02 -19.88
N GLU F 198 41.91 -4.30 -20.07
CA GLU F 198 41.56 -5.04 -21.27
C GLU F 198 40.06 -5.01 -21.54
N CYS F 199 39.29 -5.14 -20.47
CA CYS F 199 37.85 -5.35 -20.55
C CYS F 199 37.15 -4.08 -21.04
N CYS F 200 37.81 -2.95 -20.90
CA CYS F 200 37.11 -1.67 -21.05
C CYS F 200 37.94 -0.63 -21.81
N LYS F 201 37.24 0.30 -22.43
CA LYS F 201 37.87 1.35 -23.20
C LYS F 201 38.40 2.52 -22.38
N GLU F 202 37.65 2.93 -21.34
CA GLU F 202 37.96 4.13 -20.56
C GLU F 202 38.98 3.94 -19.44
N PRO F 203 39.74 5.00 -19.13
CA PRO F 203 40.73 5.09 -18.06
C PRO F 203 40.16 5.10 -16.64
N TYR F 204 40.75 4.31 -15.74
CA TYR F 204 40.28 4.20 -14.38
C TYR F 204 41.32 4.69 -13.39
N PRO F 205 41.05 5.82 -12.73
CA PRO F 205 41.98 6.29 -11.69
C PRO F 205 41.97 5.34 -10.50
N ASP F 206 43.11 5.21 -9.81
CA ASP F 206 43.16 4.42 -8.57
C ASP F 206 44.08 5.07 -7.54
N VAL F 207 43.99 4.63 -6.30
CA VAL F 207 44.91 5.09 -5.29
C VAL F 207 45.69 3.86 -4.96
N ASN F 208 46.99 3.92 -5.19
CA ASN F 208 47.86 2.78 -4.98
C ASN F 208 48.43 2.88 -3.58
N LEU F 209 48.21 1.85 -2.78
CA LEU F 209 48.67 1.81 -1.39
C LEU F 209 49.91 0.95 -1.35
N VAL F 210 51.02 1.55 -0.94
CA VAL F 210 52.27 0.85 -0.97
C VAL F 210 52.83 0.75 0.44
N VAL F 211 53.07 -0.48 0.87
CA VAL F 211 53.51 -0.72 2.24
C VAL F 211 54.78 -1.56 2.31
N LYS F 212 55.79 -0.99 2.94
CA LYS F 212 57.06 -1.65 3.13
C LYS F 212 57.08 -1.98 4.61
N PHE F 213 57.33 -3.24 4.94
CA PHE F 213 57.27 -3.64 6.34
C PHE F 213 58.21 -4.81 6.59
N ARG F 214 58.63 -4.99 7.84
CA ARG F 214 59.36 -6.18 8.23
C ARG F 214 58.85 -6.63 9.58
N GLU F 215 59.26 -7.82 10.03
CA GLU F 215 58.79 -8.37 11.28
C GLU F 215 59.54 -7.68 12.40
N ARG F 216 59.07 -7.84 13.61
CA ARG F 216 59.71 -7.29 14.75
C ARG F 216 59.06 -5.98 14.84
N TYR G 2 -11.51 -6.57 38.09
CA TYR G 2 -12.50 -5.52 37.83
C TYR G 2 -11.81 -4.25 37.28
N LYS G 3 -10.68 -3.84 37.89
CA LYS G 3 -10.17 -2.48 37.68
C LYS G 3 -8.68 -2.33 37.35
N ASP G 4 -7.94 -2.35 38.45
CA ASP G 4 -6.58 -1.90 38.69
C ASP G 4 -5.90 -3.15 39.25
N ASP G 5 -6.42 -3.62 40.37
CA ASP G 5 -6.11 -4.96 40.86
C ASP G 5 -6.30 -6.00 39.74
N ASP G 6 -7.33 -5.85 38.90
CA ASP G 6 -7.27 -6.55 37.62
C ASP G 6 -7.18 -5.52 36.49
N ASP G 7 -5.96 -5.35 36.00
CA ASP G 7 -5.61 -4.91 34.66
C ASP G 7 -5.21 -6.17 33.91
N LYS G 8 -5.24 -7.28 34.64
CA LYS G 8 -4.52 -8.50 34.28
C LYS G 8 -4.96 -9.25 33.03
N LEU G 9 -6.26 -9.25 32.74
CA LEU G 9 -6.76 -10.06 31.63
C LEU G 9 -6.28 -9.59 30.25
N HIS G 10 -6.22 -8.27 30.04
CA HIS G 10 -5.91 -7.69 28.74
C HIS G 10 -4.41 -7.45 28.51
N SER G 11 -3.56 -7.91 29.43
CA SER G 11 -2.15 -7.58 29.40
C SER G 11 -1.61 -7.67 27.97
N GLN G 12 -1.89 -8.78 27.30
CA GLN G 12 -1.42 -8.97 25.95
C GLN G 12 -1.79 -7.79 25.08
N ALA G 13 -3.03 -7.36 25.21
CA ALA G 13 -3.57 -6.33 24.34
C ALA G 13 -2.99 -4.99 24.72
N ASN G 14 -2.84 -4.78 26.02
CA ASN G 14 -2.33 -3.51 26.55
C ASN G 14 -0.88 -3.32 26.14
N LEU G 15 -0.15 -4.42 26.06
CA LEU G 15 1.22 -4.37 25.58
C LEU G 15 1.20 -4.06 24.10
N MET G 16 0.48 -4.85 23.31
CA MET G 16 0.44 -4.67 21.87
C MET G 16 0.08 -3.22 21.51
N ARG G 17 -0.80 -2.62 22.30
CA ARG G 17 -1.23 -1.26 22.04
C ARG G 17 -0.13 -0.26 22.43
N LEU G 18 0.52 -0.50 23.56
CA LEU G 18 1.68 0.32 23.95
C LEU G 18 2.78 0.32 22.90
N LYS G 19 3.21 -0.87 22.50
CA LYS G 19 4.24 -1.01 21.46
C LYS G 19 3.83 -0.31 20.19
N SER G 20 2.56 -0.41 19.83
CA SER G 20 2.08 0.22 18.61
C SER G 20 2.14 1.72 18.78
N ASP G 21 1.72 2.23 19.93
CA ASP G 21 1.75 3.69 20.16
C ASP G 21 3.16 4.24 20.10
N LEU G 22 4.12 3.53 20.70
CA LEU G 22 5.49 3.99 20.68
C LEU G 22 6.08 3.97 19.26
N PHE G 23 6.07 2.79 18.65
CA PHE G 23 6.73 2.55 17.36
C PHE G 23 5.92 2.98 16.13
N ASN G 24 4.63 2.66 16.13
CA ASN G 24 3.74 2.84 14.97
C ASN G 24 2.92 4.13 14.91
N ARG G 25 3.15 5.06 15.83
CA ARG G 25 2.51 6.36 15.75
C ARG G 25 3.54 7.48 15.59
N SER G 26 4.42 7.63 16.58
CA SER G 26 5.56 8.52 16.42
C SER G 26 6.61 7.84 15.52
N PRO G 27 7.35 8.63 14.71
CA PRO G 27 8.23 8.12 13.64
C PRO G 27 9.60 7.63 14.11
N MET G 28 10.46 7.29 13.16
CA MET G 28 11.80 6.81 13.51
C MET G 28 12.61 7.88 14.27
N TYR G 29 13.36 7.45 15.29
CA TYR G 29 14.24 8.34 16.06
C TYR G 29 15.56 8.49 15.30
N PRO G 30 15.92 9.74 14.95
CA PRO G 30 17.09 10.16 14.15
C PRO G 30 18.39 9.92 14.89
N GLY G 31 18.28 9.61 16.18
CA GLY G 31 19.42 9.42 17.04
C GLY G 31 19.73 10.75 17.62
N PRO G 32 20.64 10.81 18.58
CA PRO G 32 21.01 12.01 19.33
C PRO G 32 21.50 13.13 18.45
N THR G 33 21.42 14.35 18.96
CA THR G 33 21.95 15.54 18.31
C THR G 33 22.61 16.39 19.38
N LYS G 34 23.33 17.41 18.98
CA LYS G 34 23.97 18.24 19.96
C LYS G 34 22.93 18.88 20.85
N ASP G 35 21.73 19.04 20.31
CA ASP G 35 20.60 19.61 21.08
C ASP G 35 19.74 18.56 21.78
N ASP G 36 19.96 17.28 21.47
CA ASP G 36 19.26 16.18 22.10
C ASP G 36 20.31 15.13 22.43
N PRO G 37 21.22 15.47 23.35
CA PRO G 37 22.30 14.57 23.76
C PRO G 37 21.80 13.39 24.56
N LEU G 38 22.66 12.38 24.67
CA LEU G 38 22.30 11.09 25.21
C LEU G 38 23.54 10.53 25.88
N THR G 39 23.37 9.71 26.90
CA THR G 39 24.51 9.13 27.61
C THR G 39 24.33 7.63 27.72
N VAL G 40 25.32 6.89 27.19
CA VAL G 40 25.33 5.43 27.27
C VAL G 40 26.22 4.97 28.39
N THR G 41 25.68 4.12 29.26
CA THR G 41 26.44 3.55 30.35
C THR G 41 26.92 2.15 29.98
N LEU G 42 28.24 1.97 29.98
CA LEU G 42 28.84 0.71 29.53
C LEU G 42 29.51 -0.08 30.61
N GLY G 43 29.42 -1.40 30.49
CA GLY G 43 30.19 -2.22 31.36
C GLY G 43 30.31 -3.60 30.79
N PHE G 44 31.37 -4.29 31.18
CA PHE G 44 31.67 -5.60 30.65
C PHE G 44 31.61 -6.68 31.69
N THR G 45 31.05 -7.82 31.30
CA THR G 45 31.18 -9.02 32.07
C THR G 45 32.12 -9.92 31.27
N LEU G 46 33.37 -10.07 31.70
CA LEU G 46 34.29 -10.85 30.89
C LEU G 46 34.06 -12.31 31.21
N GLN G 47 33.61 -13.07 30.23
CA GLN G 47 33.33 -14.49 30.44
C GLN G 47 34.43 -15.52 30.07
N ASP G 48 35.48 -15.10 29.36
CA ASP G 48 36.50 -16.04 28.93
C ASP G 48 37.59 -15.26 28.22
N ILE G 49 38.70 -15.93 27.96
CA ILE G 49 39.67 -15.59 26.93
C ILE G 49 39.84 -16.91 26.24
N VAL G 50 39.36 -16.99 25.01
CA VAL G 50 39.36 -18.22 24.27
C VAL G 50 40.74 -18.49 23.69
N LYS G 51 41.38 -17.44 23.18
CA LYS G 51 42.63 -17.62 22.44
C LYS G 51 43.56 -16.43 22.53
N ALA G 52 44.86 -16.69 22.59
CA ALA G 52 45.86 -15.66 22.35
C ALA G 52 46.73 -16.17 21.24
N ASP G 53 47.00 -15.33 20.24
CA ASP G 53 47.72 -15.83 19.09
C ASP G 53 49.02 -15.07 18.89
N SER G 54 50.13 -15.74 19.12
CA SER G 54 51.42 -15.07 19.10
C SER G 54 51.89 -14.91 17.68
N SER G 55 51.26 -15.61 16.75
CA SER G 55 51.66 -15.48 15.36
C SER G 55 51.16 -14.17 14.78
N THR G 56 49.88 -13.90 14.93
CA THR G 56 49.30 -12.65 14.47
C THR G 56 49.12 -11.55 15.51
N ASN G 57 49.41 -11.84 16.76
CA ASN G 57 49.16 -10.88 17.81
C ASN G 57 47.71 -10.43 17.93
N GLU G 58 46.78 -11.37 18.00
CA GLU G 58 45.41 -11.00 18.27
C GLU G 58 44.81 -12.00 19.27
N VAL G 59 43.96 -11.47 20.16
CA VAL G 59 43.38 -12.22 21.28
C VAL G 59 41.86 -12.22 21.19
N ASP G 60 41.25 -13.33 21.62
CA ASP G 60 39.83 -13.56 21.39
C ASP G 60 39.03 -13.60 22.70
N LEU G 61 38.21 -12.59 22.94
CA LEU G 61 37.42 -12.48 24.15
C LEU G 61 35.96 -12.80 23.92
N VAL G 62 35.30 -13.37 24.93
CA VAL G 62 33.84 -13.49 24.96
C VAL G 62 33.41 -12.74 26.20
N TYR G 63 32.43 -11.85 26.05
CA TYR G 63 32.01 -10.97 27.14
C TYR G 63 30.58 -10.49 26.89
N TRP G 64 29.95 -9.94 27.92
CA TRP G 64 28.65 -9.33 27.73
C TRP G 64 28.79 -7.84 27.87
N GLU G 65 28.32 -7.12 26.85
CA GLU G 65 28.35 -5.67 26.88
C GLU G 65 27.02 -5.12 27.41
N GLN G 66 27.09 -4.45 28.55
CA GLN G 66 25.91 -3.91 29.20
C GLN G 66 25.82 -2.44 28.76
N GLN G 67 24.78 -2.13 27.98
CA GLN G 67 24.54 -0.76 27.54
C GLN G 67 23.19 -0.25 28.01
N ARG G 68 23.20 0.89 28.69
CA ARG G 68 21.95 1.52 29.06
C ARG G 68 22.00 2.93 28.50
N TRP G 69 20.86 3.38 27.99
CA TRP G 69 20.71 4.78 27.63
C TRP G 69 19.29 5.13 28.00
N LYS G 70 18.89 6.36 27.75
CA LYS G 70 17.53 6.76 28.03
C LYS G 70 17.02 7.74 26.96
N LEU G 71 15.79 7.53 26.51
CA LEU G 71 15.15 8.38 25.50
C LEU G 71 13.80 8.88 26.01
N ASN G 72 13.51 10.16 25.84
CA ASN G 72 12.18 10.63 26.21
C ASN G 72 11.17 9.98 25.26
N SER G 73 11.57 9.78 24.01
CA SER G 73 10.72 9.15 22.99
C SER G 73 10.15 7.83 23.43
N LEU G 74 10.83 7.16 24.35
CA LEU G 74 10.36 5.86 24.81
C LEU G 74 9.58 5.90 26.12
N MET G 75 9.35 7.09 26.69
CA MET G 75 8.58 7.21 27.95
C MET G 75 7.14 6.92 27.73
N TRP G 76 6.52 6.30 28.71
CA TRP G 76 5.09 6.22 28.73
C TRP G 76 4.61 6.17 30.16
N ASP G 77 3.29 6.18 30.34
CA ASP G 77 2.67 6.21 31.66
C ASP G 77 2.09 4.83 31.96
N PRO G 78 2.63 4.14 32.97
CA PRO G 78 2.16 2.78 33.20
C PRO G 78 0.66 2.76 33.42
N ASN G 79 0.13 3.84 33.98
CA ASN G 79 -1.31 3.95 34.27
C ASN G 79 -2.19 3.75 33.05
N GLU G 80 -1.87 4.45 31.96
CA GLU G 80 -2.65 4.40 30.74
C GLU G 80 -2.52 3.04 30.02
N TYR G 81 -1.48 2.30 30.36
CA TYR G 81 -1.21 0.99 29.79
C TYR G 81 -1.33 -0.23 30.70
N GLY G 82 -2.24 -0.25 31.65
CA GLY G 82 -2.52 -1.51 32.33
C GLY G 82 -1.44 -1.80 33.33
N ASN G 83 -0.82 -0.71 33.81
CA ASN G 83 0.25 -0.77 34.80
C ASN G 83 1.41 -1.59 34.26
N ILE G 84 1.73 -1.38 32.99
CA ILE G 84 2.86 -2.05 32.39
C ILE G 84 4.07 -1.16 32.58
N THR G 85 5.01 -1.62 33.40
CA THR G 85 6.22 -0.88 33.72
C THR G 85 7.34 -0.98 32.67
N ASP G 86 7.46 -2.15 32.05
CA ASP G 86 8.53 -2.43 31.12
C ASP G 86 8.16 -3.52 30.11
N PHE G 87 8.93 -3.65 29.04
CA PHE G 87 8.69 -4.75 28.11
C PHE G 87 9.96 -5.20 27.37
N ARG G 88 10.00 -6.45 26.93
CA ARG G 88 11.14 -6.95 26.19
C ARG G 88 10.83 -6.76 24.72
N THR G 89 11.78 -6.26 23.94
CA THR G 89 11.54 -6.14 22.51
C THR G 89 12.76 -6.44 21.64
N SER G 90 12.51 -6.68 20.37
CA SER G 90 13.57 -6.86 19.39
C SER G 90 14.37 -5.56 19.27
N ALA G 91 15.66 -5.65 19.05
CA ALA G 91 16.47 -4.44 18.99
C ALA G 91 16.35 -3.74 17.64
N ALA G 92 15.93 -4.51 16.63
CA ALA G 92 15.53 -3.95 15.35
C ALA G 92 14.52 -2.82 15.55
N ASP G 93 13.63 -2.99 16.53
CA ASP G 93 12.51 -2.09 16.75
C ASP G 93 12.90 -0.75 17.36
N ILE G 94 14.17 -0.62 17.74
CA ILE G 94 14.64 0.58 18.43
C ILE G 94 16.00 1.11 17.99
N TRP G 95 16.25 2.40 18.23
CA TRP G 95 17.56 2.95 17.99
C TRP G 95 18.57 2.37 18.96
N THR G 96 19.69 1.87 18.43
CA THR G 96 20.79 1.44 19.29
C THR G 96 22.07 2.22 18.97
N PRO G 97 22.93 2.43 19.97
CA PRO G 97 24.12 3.27 19.77
C PRO G 97 25.16 2.53 18.94
N ASP G 98 26.08 3.25 18.29
CA ASP G 98 27.06 2.52 17.54
C ASP G 98 28.29 2.50 18.39
N ILE G 99 28.47 1.38 19.10
CA ILE G 99 29.56 1.26 20.04
C ILE G 99 30.38 0.16 19.46
N THR G 100 31.62 0.48 19.11
CA THR G 100 32.51 -0.52 18.58
C THR G 100 33.84 -0.46 19.30
N ALA G 101 34.50 -1.60 19.32
CA ALA G 101 35.86 -1.71 19.74
C ALA G 101 36.66 -1.02 18.66
N TYR G 102 37.61 -0.19 19.04
CA TYR G 102 38.43 0.49 18.07
C TYR G 102 39.56 -0.39 17.50
N SER G 103 40.01 -1.36 18.30
CA SER G 103 41.08 -2.26 17.90
C SER G 103 40.70 -3.62 17.29
N SER G 104 39.43 -3.87 16.99
CA SER G 104 39.06 -5.18 16.44
C SER G 104 39.78 -5.53 15.12
N THR G 105 40.23 -6.78 15.03
CA THR G 105 40.76 -7.33 13.78
C THR G 105 39.83 -8.21 12.94
N ARG G 106 38.63 -8.49 13.44
CA ARG G 106 37.63 -9.25 12.70
CA ARG G 106 37.63 -9.27 12.72
C ARG G 106 36.27 -8.73 13.10
N PRO G 107 35.25 -8.94 12.26
CA PRO G 107 33.96 -8.41 12.71
C PRO G 107 33.48 -9.16 13.93
N VAL G 108 32.92 -8.45 14.91
CA VAL G 108 32.42 -9.08 16.13
C VAL G 108 31.33 -10.08 15.81
N GLN G 109 31.38 -11.26 16.44
CA GLN G 109 30.30 -12.23 16.34
C GLN G 109 29.31 -12.10 17.51
N VAL G 110 28.02 -12.28 17.22
CA VAL G 110 26.96 -12.10 18.22
C VAL G 110 26.48 -13.47 18.72
N LEU G 111 26.70 -13.72 20.01
CA LEU G 111 26.37 -14.98 20.62
C LEU G 111 24.96 -15.11 21.21
N SER G 112 24.29 -13.97 21.39
CA SER G 112 23.02 -13.91 22.11
C SER G 112 21.94 -13.30 21.23
N PRO G 113 20.67 -13.63 21.53
CA PRO G 113 19.53 -13.07 20.77
C PRO G 113 19.52 -11.55 20.85
N GLN G 114 19.10 -10.83 19.82
CA GLN G 114 19.21 -9.41 20.00
C GLN G 114 17.83 -8.85 20.29
N ASN G 115 17.66 -8.56 21.57
CA ASN G 115 16.41 -8.17 22.17
C ASN G 115 16.82 -7.28 23.30
N ALA G 116 15.98 -6.34 23.66
CA ALA G 116 16.38 -5.34 24.62
C ALA G 116 15.21 -5.09 25.56
N LEU G 117 15.51 -4.51 26.72
CA LEU G 117 14.48 -4.24 27.70
C LEU G 117 14.22 -2.74 27.76
N VAL G 118 12.96 -2.37 27.58
CA VAL G 118 12.52 -0.97 27.58
C VAL G 118 11.66 -0.75 28.82
N THR G 119 11.92 0.34 29.53
CA THR G 119 11.23 0.67 30.79
C THR G 119 10.55 2.05 30.66
N HIS G 120 9.48 2.28 31.42
CA HIS G 120 8.60 3.42 31.22
C HIS G 120 9.19 4.79 31.51
N ASP G 121 10.35 4.85 32.15
CA ASP G 121 11.00 6.12 32.39
C ASP G 121 11.74 6.48 31.13
N GLY G 122 11.65 5.60 30.15
CA GLY G 122 12.19 5.85 28.84
C GLY G 122 13.52 5.17 28.61
N SER G 123 13.93 4.38 29.59
CA SER G 123 15.29 3.82 29.61
C SER G 123 15.41 2.45 28.93
N VAL G 124 16.50 2.25 28.20
CA VAL G 124 16.70 0.99 27.50
C VAL G 124 17.89 0.28 28.07
N GLN G 125 17.79 -1.06 28.17
CA GLN G 125 18.90 -1.93 28.59
C GLN G 125 19.13 -3.03 27.58
N TYR G 126 20.31 -3.03 26.99
CA TYR G 126 20.67 -4.00 25.97
C TYR G 126 21.91 -4.71 26.51
N LEU G 127 21.99 -6.01 26.30
CA LEU G 127 23.06 -6.80 26.87
C LEU G 127 23.54 -7.87 25.90
N PRO G 128 24.16 -7.45 24.79
CA PRO G 128 24.65 -8.36 23.76
C PRO G 128 25.87 -9.13 24.23
N ALA G 129 25.89 -10.44 24.00
CA ALA G 129 27.07 -11.23 24.28
C ALA G 129 27.85 -11.41 22.99
N GLN G 130 29.13 -11.08 23.01
CA GLN G 130 29.93 -11.10 21.80
C GLN G 130 31.26 -11.82 21.91
N ARG G 131 31.68 -12.40 20.80
CA ARG G 131 33.04 -12.88 20.63
C ARG G 131 33.84 -11.86 19.81
N LEU G 132 34.99 -11.39 20.35
CA LEU G 132 35.79 -10.29 19.77
C LEU G 132 37.29 -10.58 19.62
N SER G 133 37.82 -10.33 18.43
CA SER G 133 39.24 -10.44 18.14
C SER G 133 39.80 -9.04 18.03
N PHE G 134 40.76 -8.72 18.89
CA PHE G 134 41.38 -7.40 18.84
C PHE G 134 42.88 -7.51 18.90
N MET G 135 43.56 -6.42 18.60
CA MET G 135 44.99 -6.47 18.56
C MET G 135 45.53 -6.52 19.98
N CYS G 136 46.32 -7.56 20.25
CA CYS G 136 46.88 -7.83 21.57
C CYS G 136 48.24 -8.50 21.37
N ASP G 137 49.26 -8.13 22.16
CA ASP G 137 50.54 -8.86 22.14
C ASP G 137 50.68 -9.74 23.37
N PRO G 138 50.51 -11.04 23.18
CA PRO G 138 50.45 -12.07 24.23
C PRO G 138 51.73 -12.17 25.05
N THR G 139 52.82 -11.55 24.59
CA THR G 139 54.12 -11.77 25.18
C THR G 139 54.03 -11.65 26.69
N GLY G 140 54.57 -12.64 27.38
CA GLY G 140 54.51 -12.66 28.82
C GLY G 140 53.33 -13.45 29.37
N VAL G 141 52.56 -14.09 28.50
CA VAL G 141 51.34 -14.77 28.92
C VAL G 141 51.71 -16.04 29.66
N ASP G 142 52.79 -16.66 29.23
CA ASP G 142 53.32 -17.86 29.87
C ASP G 142 54.26 -17.55 31.05
N SER G 143 54.62 -16.28 31.21
CA SER G 143 55.41 -15.84 32.34
C SER G 143 54.50 -15.83 33.55
N GLU G 144 55.00 -15.41 34.70
CA GLU G 144 54.14 -15.30 35.88
C GLU G 144 53.45 -13.95 36.10
N GLU G 145 53.90 -12.90 35.42
CA GLU G 145 53.25 -11.60 35.61
C GLU G 145 52.24 -11.43 34.51
N GLY G 146 52.18 -12.44 33.66
CA GLY G 146 51.21 -12.48 32.59
C GLY G 146 51.42 -11.41 31.54
N ALA G 147 50.42 -11.24 30.67
CA ALA G 147 50.48 -10.23 29.64
C ALA G 147 49.46 -9.14 29.93
N THR G 148 49.50 -8.09 29.13
CA THR G 148 48.58 -7.00 29.30
C THR G 148 48.14 -6.53 27.92
N CYS G 149 46.83 -6.56 27.69
CA CYS G 149 46.25 -5.97 26.50
C CYS G 149 45.08 -5.08 26.85
N ALA G 150 44.78 -4.15 25.96
CA ALA G 150 43.69 -3.23 26.21
C ALA G 150 43.04 -2.84 24.91
N VAL G 151 41.72 -2.64 24.96
CA VAL G 151 40.93 -2.27 23.78
C VAL G 151 39.90 -1.21 24.17
N LYS G 152 39.75 -0.17 23.35
CA LYS G 152 38.80 0.90 23.62
C LYS G 152 37.49 0.73 22.87
N PHE G 153 36.38 1.10 23.51
CA PHE G 153 35.06 1.06 22.90
C PHE G 153 34.50 2.47 22.97
N GLY G 154 33.63 2.81 22.02
CA GLY G 154 32.99 4.12 22.01
C GLY G 154 32.13 4.26 20.78
N SER G 155 31.67 5.47 20.51
CA SER G 155 30.92 5.72 19.27
C SER G 155 31.86 5.78 18.08
N TRP G 156 31.47 5.14 16.98
CA TRP G 156 32.23 5.29 15.72
C TRP G 156 31.99 6.65 15.02
N SER G 157 30.73 7.02 14.81
CA SER G 157 30.42 8.32 14.20
C SER G 157 30.05 9.53 15.08
N TYR G 158 29.79 9.33 16.35
CA TYR G 158 29.27 10.43 17.15
C TYR G 158 30.29 11.02 18.12
N SER G 159 30.35 12.35 18.21
CA SER G 159 31.23 12.95 19.18
C SER G 159 30.59 12.82 20.55
N GLY G 160 31.17 13.46 21.55
CA GLY G 160 30.66 13.33 22.90
C GLY G 160 29.55 14.32 23.18
N PHE G 161 29.34 15.25 22.25
CA PHE G 161 28.26 16.20 22.38
C PHE G 161 26.93 15.55 22.05
N GLU G 162 27.00 14.39 21.42
CA GLU G 162 25.82 13.67 20.98
C GLU G 162 25.68 12.41 21.84
N ILE G 163 26.67 11.53 21.78
CA ILE G 163 26.76 10.41 22.70
C ILE G 163 27.88 10.57 23.73
N ASP G 164 27.54 10.37 25.00
CA ASP G 164 28.55 10.34 26.05
C ASP G 164 28.57 9.00 26.78
N LEU G 165 29.76 8.58 27.21
CA LEU G 165 29.97 7.28 27.85
C LEU G 165 30.33 7.42 29.31
N LYS G 166 29.91 6.44 30.10
CA LYS G 166 30.00 6.52 31.54
C LYS G 166 30.08 5.09 32.02
N THR G 167 30.62 4.88 33.20
CA THR G 167 30.70 3.54 33.76
C THR G 167 30.14 3.65 35.16
N ASP G 168 29.47 2.59 35.59
CA ASP G 168 28.95 2.51 36.95
C ASP G 168 30.09 2.26 37.91
N THR G 169 30.82 1.23 37.62
CA THR G 169 31.99 0.94 38.36
C THR G 169 32.99 0.68 37.33
N ASP G 170 34.24 0.84 37.63
CA ASP G 170 35.19 0.61 36.61
C ASP G 170 36.02 -0.65 36.81
N GLN G 171 35.34 -1.66 37.27
CA GLN G 171 35.89 -2.94 37.40
C GLN G 171 35.04 -3.86 36.61
N VAL G 172 35.63 -4.61 35.72
CA VAL G 172 34.95 -5.62 34.90
C VAL G 172 34.39 -6.71 35.79
N ASP G 173 33.25 -7.26 35.43
CA ASP G 173 32.53 -8.13 36.32
C ASP G 173 33.13 -9.49 36.03
N LEU G 174 33.86 -10.05 36.97
CA LEU G 174 34.54 -11.31 36.74
C LEU G 174 33.75 -12.48 37.30
N SER G 175 32.65 -12.17 37.96
CA SER G 175 31.88 -13.20 38.66
C SER G 175 31.46 -14.33 37.75
N SER G 176 31.33 -14.04 36.45
CA SER G 176 31.01 -15.08 35.48
C SER G 176 32.18 -15.64 34.69
N TYR G 177 33.41 -15.22 34.98
CA TYR G 177 34.57 -15.74 34.26
C TYR G 177 34.66 -17.26 34.32
N TYR G 178 34.85 -17.91 33.18
CA TYR G 178 34.94 -19.37 33.12
C TYR G 178 36.16 -19.86 33.88
N ALA G 179 35.95 -20.77 34.83
CA ALA G 179 37.00 -21.12 35.77
C ALA G 179 38.12 -21.93 35.10
N SER G 180 37.73 -22.72 34.11
CA SER G 180 38.63 -23.59 33.38
C SER G 180 39.20 -23.02 32.08
N SER G 181 38.94 -21.74 31.83
CA SER G 181 39.53 -20.99 30.71
C SER G 181 41.04 -21.16 30.70
N LYS G 182 41.60 -21.32 29.50
CA LYS G 182 43.04 -21.51 29.33
C LYS G 182 43.86 -20.44 30.00
N TYR G 183 43.25 -19.28 30.23
CA TYR G 183 43.98 -18.16 30.82
C TYR G 183 43.29 -17.71 32.09
N GLU G 184 44.05 -17.30 33.10
CA GLU G 184 43.45 -16.82 34.34
C GLU G 184 43.65 -15.31 34.39
N ILE G 185 42.70 -14.63 35.01
CA ILE G 185 42.68 -13.17 35.00
C ILE G 185 43.32 -12.56 36.24
N LEU G 186 44.39 -11.81 36.04
CA LEU G 186 45.04 -11.08 37.11
C LEU G 186 44.22 -9.85 37.47
N SER G 187 43.83 -9.05 36.47
CA SER G 187 42.91 -7.96 36.73
C SER G 187 42.11 -7.62 35.48
N ALA G 188 40.92 -7.06 35.66
CA ALA G 188 40.17 -6.52 34.54
C ALA G 188 39.61 -5.15 34.84
N THR G 189 40.07 -4.15 34.11
CA THR G 189 39.65 -2.78 34.35
C THR G 189 38.85 -2.26 33.18
N GLN G 190 37.76 -1.53 33.46
CA GLN G 190 37.06 -0.81 32.42
C GLN G 190 36.98 0.64 32.84
N THR G 191 37.72 1.49 32.16
CA THR G 191 37.86 2.86 32.62
C THR G 191 37.39 3.83 31.56
N ARG G 192 36.89 4.97 31.99
CA ARG G 192 36.37 5.94 31.05
C ARG G 192 37.49 6.90 30.72
N GLN G 193 37.52 7.34 29.47
CA GLN G 193 38.52 8.31 29.02
C GLN G 193 37.88 9.30 28.04
N VAL G 194 38.48 10.47 27.91
CA VAL G 194 37.98 11.46 26.97
C VAL G 194 39.17 11.92 26.12
N ARG G 195 39.01 11.93 24.80
CA ARG G 195 40.10 12.30 23.90
C ARG G 195 39.79 13.64 23.26
N PHE G 196 40.83 14.39 22.90
CA PHE G 196 40.65 15.67 22.24
C PHE G 196 41.61 15.79 21.07
N TYR G 197 41.24 16.62 20.09
CA TYR G 197 42.09 16.84 18.93
C TYR G 197 42.24 18.31 18.70
N GLU G 198 43.32 18.70 18.05
CA GLU G 198 43.65 20.11 18.02
C GLU G 198 42.69 20.75 17.06
N CYS G 199 42.22 19.96 16.11
CA CYS G 199 41.35 20.42 15.04
C CYS G 199 39.98 20.87 15.53
N CYS G 200 39.55 20.36 16.67
CA CYS G 200 38.14 20.41 17.02
C CYS G 200 37.91 20.74 18.48
N LYS G 201 36.75 21.28 18.78
CA LYS G 201 36.43 21.62 20.15
C LYS G 201 35.73 20.52 20.94
N GLU G 202 35.34 19.42 20.30
CA GLU G 202 34.56 18.37 20.96
C GLU G 202 35.38 17.23 21.60
N PRO G 203 34.92 16.76 22.76
CA PRO G 203 35.44 15.58 23.46
C PRO G 203 35.02 14.28 22.77
N TYR G 204 35.87 13.27 22.72
CA TYR G 204 35.41 11.97 22.28
C TYR G 204 35.60 11.00 23.39
N PRO G 205 34.57 10.49 24.01
CA PRO G 205 34.78 9.51 25.05
C PRO G 205 34.88 8.08 24.64
N ASP G 206 35.53 7.29 25.46
CA ASP G 206 35.61 5.89 25.19
C ASP G 206 35.65 5.17 26.47
N VAL G 207 35.36 3.89 26.47
CA VAL G 207 35.63 3.06 27.64
C VAL G 207 36.79 2.13 27.34
N ASN G 208 37.85 2.24 28.14
CA ASN G 208 39.06 1.44 27.96
C ASN G 208 39.02 0.18 28.82
N LEU G 209 39.16 -0.97 28.16
CA LEU G 209 39.12 -2.25 28.84
C LEU G 209 40.53 -2.78 28.88
N VAL G 210 41.12 -2.86 30.07
CA VAL G 210 42.48 -3.40 30.24
C VAL G 210 42.44 -4.79 30.86
N VAL G 211 43.16 -5.74 30.26
CA VAL G 211 43.15 -7.10 30.79
C VAL G 211 44.56 -7.60 31.09
N LYS G 212 44.79 -7.99 32.35
CA LYS G 212 46.03 -8.64 32.80
C LYS G 212 45.74 -10.10 32.94
N PHE G 213 46.41 -10.93 32.15
CA PHE G 213 46.15 -12.37 32.19
C PHE G 213 47.40 -13.18 31.96
N ARG G 214 47.32 -14.46 32.32
CA ARG G 214 48.39 -15.43 32.10
C ARG G 214 47.75 -16.82 32.09
N GLU G 215 48.47 -17.80 31.57
CA GLU G 215 47.96 -19.17 31.49
C GLU G 215 47.83 -19.80 32.87
N ARG G 216 46.99 -20.83 32.98
CA ARG G 216 46.88 -21.60 34.21
C ARG G 216 47.98 -22.66 34.28
N LYS H 3 -12.54 -34.53 -8.26
CA LYS H 3 -13.71 -34.98 -7.52
C LYS H 3 -13.25 -35.51 -6.16
N ASP H 4 -12.70 -36.72 -6.15
CA ASP H 4 -11.73 -37.13 -5.14
C ASP H 4 -10.62 -36.05 -5.14
N ASP H 5 -10.40 -35.50 -6.34
CA ASP H 5 -9.57 -34.35 -6.61
C ASP H 5 -9.93 -33.15 -5.75
N ASP H 6 -11.21 -32.78 -5.77
CA ASP H 6 -11.74 -31.59 -5.10
C ASP H 6 -11.59 -31.62 -3.58
N ASP H 7 -11.65 -32.81 -3.00
CA ASP H 7 -11.51 -32.97 -1.55
C ASP H 7 -10.21 -32.28 -1.09
N LYS H 8 -9.14 -32.53 -1.82
CA LYS H 8 -7.83 -31.89 -1.60
C LYS H 8 -7.83 -30.36 -1.75
N LEU H 9 -8.50 -29.82 -2.76
CA LEU H 9 -8.57 -28.38 -2.88
C LEU H 9 -9.07 -27.76 -1.58
N HIS H 10 -10.10 -28.36 -1.01
CA HIS H 10 -10.68 -27.86 0.24
C HIS H 10 -9.73 -28.04 1.43
N SER H 11 -8.91 -29.08 1.41
CA SER H 11 -7.98 -29.32 2.51
C SER H 11 -6.95 -28.21 2.57
N GLN H 12 -6.45 -27.81 1.41
CA GLN H 12 -5.54 -26.66 1.30
C GLN H 12 -6.25 -25.39 1.75
N ALA H 13 -7.37 -25.09 1.11
CA ALA H 13 -8.15 -23.91 1.45
C ALA H 13 -8.42 -23.83 2.95
N ASN H 14 -8.91 -24.92 3.53
CA ASN H 14 -9.20 -24.93 4.96
C ASN H 14 -7.94 -24.63 5.76
N LEU H 15 -6.79 -25.05 5.26
CA LEU H 15 -5.52 -24.73 5.90
C LEU H 15 -5.10 -23.27 5.68
N MET H 16 -5.10 -22.84 4.41
CA MET H 16 -4.80 -21.46 4.06
C MET H 16 -5.69 -20.52 4.89
N ARG H 17 -6.96 -20.90 5.02
CA ARG H 17 -7.93 -20.10 5.76
C ARG H 17 -7.64 -20.09 7.25
N LEU H 18 -7.27 -21.24 7.81
CA LEU H 18 -6.91 -21.28 9.22
C LEU H 18 -5.71 -20.38 9.50
N LYS H 19 -4.60 -20.63 8.80
CA LYS H 19 -3.38 -19.84 8.99
C LYS H 19 -3.61 -18.36 8.79
N SER H 20 -4.48 -18.02 7.85
CA SER H 20 -4.84 -16.62 7.65
C SER H 20 -5.49 -16.12 8.94
N ASP H 21 -6.49 -16.87 9.44
CA ASP H 21 -7.19 -16.44 10.65
C ASP H 21 -6.20 -16.22 11.79
N LEU H 22 -5.38 -17.25 12.08
CA LEU H 22 -4.36 -17.14 13.12
C LEU H 22 -3.39 -15.96 12.90
N PHE H 23 -2.70 -15.93 11.76
CA PHE H 23 -1.66 -14.95 11.50
C PHE H 23 -2.01 -13.52 10.99
N ASN H 24 -2.88 -13.47 9.98
CA ASN H 24 -3.29 -12.18 9.39
C ASN H 24 -4.55 -11.52 9.99
N ARG H 25 -5.31 -12.32 10.72
CA ARG H 25 -6.46 -11.84 11.47
C ARG H 25 -6.03 -11.66 12.92
N SER H 26 -4.73 -11.86 13.17
CA SER H 26 -4.13 -11.55 14.46
C SER H 26 -3.02 -10.51 14.34
N PRO H 27 -2.90 -9.62 15.34
CA PRO H 27 -1.68 -8.80 15.44
C PRO H 27 -0.55 -9.64 16.02
N MET H 28 0.63 -9.06 16.17
CA MET H 28 1.77 -9.86 16.59
C MET H 28 1.72 -10.14 18.10
N TYR H 29 1.85 -11.38 18.47
CA TYR H 29 1.81 -11.82 19.86
C TYR H 29 3.09 -11.26 20.41
N PRO H 30 3.12 -10.48 21.51
CA PRO H 30 4.23 -9.67 21.91
C PRO H 30 5.13 -10.32 22.87
N GLY H 31 4.99 -11.62 23.01
CA GLY H 31 5.77 -12.35 23.94
C GLY H 31 5.09 -12.42 25.25
N PRO H 32 5.64 -13.22 26.12
CA PRO H 32 5.07 -13.48 27.41
C PRO H 32 5.24 -12.33 28.31
N THR H 33 4.37 -12.16 29.29
CA THR H 33 4.54 -11.08 30.28
C THR H 33 4.46 -11.63 31.69
N LYS H 34 4.55 -10.78 32.70
CA LYS H 34 4.44 -11.28 34.07
C LYS H 34 3.01 -11.70 34.32
N ASP H 35 2.09 -11.11 33.57
CA ASP H 35 0.67 -11.41 33.64
C ASP H 35 0.24 -12.51 32.66
N ASP H 36 1.12 -12.90 31.76
CA ASP H 36 0.80 -14.00 30.85
C ASP H 36 2.02 -14.89 30.71
N PRO H 37 2.44 -15.49 31.83
CA PRO H 37 3.63 -16.33 31.88
C PRO H 37 3.49 -17.50 30.96
N LEU H 38 4.62 -18.13 30.69
CA LEU H 38 4.73 -19.18 29.73
C LEU H 38 5.76 -20.17 30.25
N THR H 39 5.55 -21.45 29.98
CA THR H 39 6.55 -22.47 30.33
C THR H 39 7.06 -23.16 29.07
N VAL H 40 8.38 -23.16 28.89
CA VAL H 40 9.01 -23.87 27.78
C VAL H 40 9.66 -25.15 28.27
N THR H 41 9.31 -26.28 27.67
CA THR H 41 9.94 -27.54 28.03
C THR H 41 11.10 -27.78 27.10
N LEU H 42 12.24 -28.14 27.67
CA LEU H 42 13.44 -28.38 26.89
C LEU H 42 13.85 -29.83 26.98
N GLY H 43 14.52 -30.27 25.93
CA GLY H 43 15.27 -31.49 26.01
C GLY H 43 16.17 -31.66 24.81
N PHE H 44 17.25 -32.40 25.03
CA PHE H 44 18.31 -32.54 24.07
C PHE H 44 18.45 -33.97 23.60
N THR H 45 18.76 -34.10 22.33
CA THR H 45 19.20 -35.34 21.74
C THR H 45 20.64 -35.06 21.36
N LEU H 46 21.62 -35.69 22.02
CA LEU H 46 23.02 -35.37 21.71
C LEU H 46 23.49 -36.33 20.64
N GLN H 47 23.69 -35.79 19.44
CA GLN H 47 24.03 -36.60 18.28
C GLN H 47 25.50 -36.95 18.17
N ASP H 48 26.37 -36.06 18.66
CA ASP H 48 27.80 -36.24 18.54
C ASP H 48 28.61 -35.12 19.21
N ILE H 49 29.86 -35.44 19.53
CA ILE H 49 30.83 -34.48 19.96
C ILE H 49 31.83 -34.52 18.84
N VAL H 50 31.88 -33.45 18.07
CA VAL H 50 32.67 -33.42 16.87
C VAL H 50 34.15 -33.17 17.14
N LYS H 51 34.46 -32.25 18.05
CA LYS H 51 35.85 -32.10 18.44
C LYS H 51 36.06 -31.45 19.77
N ALA H 52 37.22 -31.71 20.37
CA ALA H 52 37.63 -31.03 21.60
C ALA H 52 38.94 -30.33 21.32
N ASP H 53 39.03 -29.06 21.65
CA ASP H 53 40.23 -28.33 21.34
C ASP H 53 40.80 -27.81 22.63
N SER H 54 41.93 -28.39 23.02
CA SER H 54 42.50 -28.12 24.30
C SER H 54 43.48 -26.95 24.20
N SER H 55 43.64 -26.38 23.02
CA SER H 55 44.47 -25.17 22.91
C SER H 55 43.67 -23.94 23.33
N THR H 56 42.41 -23.90 22.88
CA THR H 56 41.44 -22.90 23.34
C THR H 56 40.44 -23.35 24.40
N ASN H 57 40.45 -24.63 24.77
CA ASN H 57 39.42 -25.18 25.65
C ASN H 57 37.99 -24.95 25.17
N GLU H 58 37.68 -25.41 23.96
CA GLU H 58 36.33 -25.35 23.43
C GLU H 58 35.89 -26.72 22.89
N VAL H 59 34.60 -27.03 22.99
CA VAL H 59 34.14 -28.28 22.44
C VAL H 59 32.95 -28.03 21.53
N ASP H 60 32.81 -28.89 20.54
CA ASP H 60 31.80 -28.77 19.51
C ASP H 60 30.84 -29.93 19.62
N LEU H 61 29.56 -29.63 19.73
CA LEU H 61 28.51 -30.64 19.84
C LEU H 61 27.53 -30.51 18.69
N VAL H 62 26.93 -31.63 18.30
CA VAL H 62 25.74 -31.54 17.49
C VAL H 62 24.62 -32.08 18.37
N TYR H 63 23.51 -31.35 18.44
CA TYR H 63 22.37 -31.81 19.19
C TYR H 63 21.10 -31.34 18.53
N TRP H 64 19.99 -31.97 18.91
CA TRP H 64 18.65 -31.53 18.55
C TRP H 64 17.99 -31.05 19.81
N GLU H 65 17.52 -29.82 19.78
CA GLU H 65 16.89 -29.22 20.92
C GLU H 65 15.40 -29.29 20.70
N GLN H 66 14.72 -30.03 21.55
CA GLN H 66 13.27 -30.16 21.49
C GLN H 66 12.71 -29.05 22.35
N GLN H 67 11.93 -28.16 21.73
CA GLN H 67 11.36 -27.04 22.45
C GLN H 67 9.87 -27.11 22.32
N ARG H 68 9.17 -27.04 23.45
CA ARG H 68 7.72 -27.10 23.43
C ARG H 68 7.16 -25.99 24.32
N TRP H 69 6.24 -25.22 23.77
CA TRP H 69 5.48 -24.22 24.53
C TRP H 69 4.05 -24.12 23.97
N LYS H 70 3.15 -23.47 24.72
CA LYS H 70 1.75 -23.34 24.30
C LYS H 70 1.14 -21.97 24.52
N LEU H 71 0.58 -21.41 23.45
CA LEU H 71 -0.07 -20.10 23.47
C LEU H 71 -1.58 -20.25 23.28
N ASN H 72 -2.35 -19.48 24.03
CA ASN H 72 -3.79 -19.44 23.83
C ASN H 72 -4.05 -18.82 22.48
N SER H 73 -3.19 -17.86 22.11
CA SER H 73 -3.32 -17.15 20.83
CA SER H 73 -3.30 -17.16 20.84
C SER H 73 -3.27 -18.11 19.65
N LEU H 74 -2.73 -19.30 19.85
CA LEU H 74 -2.62 -20.31 18.79
C LEU H 74 -3.71 -21.37 18.76
N MET H 75 -4.68 -21.26 19.66
CA MET H 75 -5.71 -22.28 19.79
C MET H 75 -6.76 -22.20 18.70
N TRP H 76 -7.26 -23.36 18.27
CA TRP H 76 -8.39 -23.38 17.35
C TRP H 76 -9.27 -24.62 17.47
N ASP H 77 -10.47 -24.51 16.90
CA ASP H 77 -11.47 -25.56 16.85
C ASP H 77 -11.33 -26.34 15.54
N PRO H 78 -10.84 -27.58 15.61
CA PRO H 78 -10.60 -28.38 14.42
C PRO H 78 -11.84 -28.58 13.56
N ASN H 79 -13.03 -28.43 14.12
CA ASN H 79 -14.25 -28.64 13.34
C ASN H 79 -14.61 -27.45 12.45
N GLU H 80 -14.27 -26.25 12.89
CA GLU H 80 -14.45 -25.06 12.06
C GLU H 80 -13.41 -25.05 10.93
N TYR H 81 -12.28 -25.68 11.21
CA TYR H 81 -11.19 -25.78 10.25
C TYR H 81 -10.95 -27.18 9.68
N GLY H 82 -12.06 -27.90 9.38
CA GLY H 82 -12.06 -29.08 8.52
C GLY H 82 -11.36 -30.26 9.11
N ASN H 83 -11.45 -30.32 10.44
CA ASN H 83 -10.80 -31.36 11.22
CA ASN H 83 -10.82 -31.39 11.19
C ASN H 83 -9.31 -31.43 10.97
N ILE H 84 -8.69 -30.25 11.09
CA ILE H 84 -7.25 -30.08 11.03
C ILE H 84 -6.84 -30.03 12.48
N THR H 85 -6.14 -31.06 12.93
CA THR H 85 -5.73 -31.16 14.32
C THR H 85 -4.46 -30.34 14.58
N ASP H 86 -3.57 -30.34 13.58
CA ASP H 86 -2.27 -29.69 13.70
C ASP H 86 -1.78 -29.27 12.32
N PHE H 87 -0.76 -28.41 12.28
CA PHE H 87 -0.14 -28.07 10.99
C PHE H 87 1.36 -27.70 11.09
N ARG H 88 2.07 -27.79 9.97
CA ARG H 88 3.49 -27.44 9.90
C ARG H 88 3.73 -26.03 9.34
N THR H 89 4.52 -25.20 10.03
CA THR H 89 4.79 -23.85 9.55
C THR H 89 6.21 -23.35 9.90
N SER H 90 6.70 -22.33 9.19
CA SER H 90 8.05 -21.77 9.39
C SER H 90 8.22 -21.01 10.68
N ALA H 91 9.34 -21.18 11.35
CA ALA H 91 9.48 -20.51 12.63
C ALA H 91 9.23 -18.99 12.54
N ALA H 92 9.42 -18.42 11.34
CA ALA H 92 9.32 -16.97 11.18
C ALA H 92 7.89 -16.42 11.26
N ASP H 93 6.92 -17.29 11.06
CA ASP H 93 5.51 -16.91 11.11
C ASP H 93 4.98 -16.93 12.54
N ILE H 94 5.79 -17.41 13.48
CA ILE H 94 5.36 -17.54 14.88
C ILE H 94 6.42 -17.06 15.88
N TRP H 95 5.98 -16.81 17.10
CA TRP H 95 6.89 -16.42 18.16
C TRP H 95 7.58 -17.64 18.67
N THR H 96 8.90 -17.52 18.81
CA THR H 96 9.73 -18.57 19.39
C THR H 96 10.48 -17.88 20.51
N PRO H 97 10.72 -18.64 21.59
CA PRO H 97 11.39 -18.17 22.81
C PRO H 97 12.86 -17.94 22.52
N ASP H 98 13.48 -16.97 23.17
CA ASP H 98 14.88 -16.80 22.89
C ASP H 98 15.60 -17.66 23.87
N ILE H 99 16.07 -18.79 23.37
CA ILE H 99 16.68 -19.77 24.21
C ILE H 99 18.11 -19.80 23.72
N THR H 100 19.05 -19.56 24.62
CA THR H 100 20.44 -19.56 24.22
C THR H 100 21.38 -20.20 25.24
N ALA H 101 22.34 -20.96 24.72
CA ALA H 101 23.48 -21.39 25.49
C ALA H 101 24.13 -20.17 26.11
N TYR H 102 24.37 -20.19 27.39
CA TYR H 102 25.02 -19.09 28.06
C TYR H 102 26.50 -19.11 27.99
N SER H 103 27.10 -20.21 27.58
CA SER H 103 28.52 -20.29 27.46
C SER H 103 29.04 -20.60 26.13
N SER H 104 28.35 -20.29 25.06
CA SER H 104 28.89 -20.52 23.74
C SER H 104 30.03 -19.60 23.42
N THR H 105 30.99 -20.09 22.68
CA THR H 105 32.13 -19.33 22.15
C THR H 105 32.04 -18.86 20.70
N ARG H 106 31.03 -19.30 19.96
CA ARG H 106 30.83 -18.89 18.56
CA ARG H 106 30.83 -18.91 18.57
C ARG H 106 29.34 -18.78 18.31
N PRO H 107 28.94 -17.95 17.34
CA PRO H 107 27.51 -18.00 17.12
C PRO H 107 27.07 -19.41 16.84
N VAL H 108 25.86 -19.78 17.23
CA VAL H 108 25.38 -21.14 16.95
C VAL H 108 25.05 -21.32 15.48
N GLN H 109 25.27 -22.52 14.96
CA GLN H 109 24.91 -22.82 13.60
C GLN H 109 23.74 -23.79 13.59
N VAL H 110 22.73 -23.49 12.76
CA VAL H 110 21.50 -24.29 12.67
C VAL H 110 21.70 -25.30 11.56
N LEU H 111 21.49 -26.59 11.84
CA LEU H 111 21.64 -27.62 10.82
C LEU H 111 20.35 -28.09 10.15
N SER H 112 19.21 -27.60 10.62
CA SER H 112 17.92 -28.13 10.17
C SER H 112 16.93 -27.05 9.68
N PRO H 113 16.04 -27.44 8.76
CA PRO H 113 15.07 -26.45 8.32
C PRO H 113 14.44 -25.82 9.54
N GLN H 114 14.11 -24.54 9.52
CA GLN H 114 13.49 -24.02 10.69
C GLN H 114 12.01 -23.95 10.40
N ASN H 115 11.32 -24.90 11.01
CA ASN H 115 9.93 -25.12 10.78
C ASN H 115 9.43 -25.63 12.12
N ALA H 116 8.17 -25.35 12.42
CA ALA H 116 7.64 -25.68 13.73
C ALA H 116 6.35 -26.47 13.52
N LEU H 117 5.94 -27.25 14.53
CA LEU H 117 4.67 -27.93 14.44
C LEU H 117 3.70 -27.31 15.42
N VAL H 118 2.52 -26.93 14.94
CA VAL H 118 1.48 -26.37 15.80
C VAL H 118 0.29 -27.29 15.88
N THR H 119 -0.20 -27.48 17.10
CA THR H 119 -1.33 -28.36 17.34
C THR H 119 -2.50 -27.52 17.84
N HIS H 120 -3.71 -27.99 17.57
CA HIS H 120 -4.89 -27.15 17.69
C HIS H 120 -5.12 -26.66 19.10
N ASP H 121 -4.38 -27.22 20.05
CA ASP H 121 -4.53 -26.81 21.43
C ASP H 121 -3.60 -25.65 21.74
N GLY H 122 -2.88 -25.17 20.75
CA GLY H 122 -2.06 -23.98 20.94
C GLY H 122 -0.63 -24.33 21.30
N SER H 123 -0.32 -25.60 21.10
CA SER H 123 0.98 -26.13 21.49
C SER H 123 1.88 -25.98 20.30
N VAL H 124 3.11 -25.57 20.55
CA VAL H 124 4.09 -25.47 19.47
C VAL H 124 5.20 -26.44 19.77
N GLN H 125 5.60 -27.21 18.76
CA GLN H 125 6.82 -28.00 18.87
C GLN H 125 7.89 -27.53 17.87
N TYR H 126 9.01 -27.05 18.41
CA TYR H 126 10.15 -26.64 17.61
C TYR H 126 11.37 -27.55 17.90
N LEU H 127 11.96 -28.14 16.86
CA LEU H 127 13.07 -29.08 17.04
C LEU H 127 14.33 -28.80 16.19
N PRO H 128 15.00 -27.66 16.44
CA PRO H 128 16.22 -27.30 15.73
C PRO H 128 17.46 -28.14 16.05
N ALA H 129 18.18 -28.61 15.04
CA ALA H 129 19.47 -29.26 15.29
C ALA H 129 20.56 -28.22 15.14
N GLN H 130 21.50 -28.17 16.07
CA GLN H 130 22.48 -27.11 16.12
C GLN H 130 23.88 -27.69 16.26
N ARG H 131 24.89 -26.91 15.85
CA ARG H 131 26.26 -27.21 16.19
C ARG H 131 26.70 -26.06 17.05
N LEU H 132 27.17 -26.39 18.26
CA LEU H 132 27.49 -25.38 19.25
C LEU H 132 28.92 -25.56 19.65
N SER H 133 29.62 -24.47 19.84
CA SER H 133 30.93 -24.53 20.45
C SER H 133 30.82 -23.80 21.75
N PHE H 134 31.13 -24.50 22.85
CA PHE H 134 31.11 -23.84 24.15
C PHE H 134 32.41 -23.97 24.91
N MET H 135 32.46 -23.31 26.05
CA MET H 135 33.63 -23.29 26.88
C MET H 135 33.63 -24.55 27.71
N CYS H 136 34.70 -25.31 27.52
CA CYS H 136 34.84 -26.62 28.10
C CYS H 136 36.32 -26.97 28.22
N ASP H 137 36.71 -27.73 29.24
CA ASP H 137 38.10 -28.23 29.32
C ASP H 137 38.14 -29.75 29.17
N PRO H 138 38.70 -30.17 28.06
CA PRO H 138 38.76 -31.55 27.63
C PRO H 138 39.77 -32.38 28.42
N THR H 139 40.52 -31.70 29.22
CA THR H 139 41.52 -32.35 30.03
C THR H 139 40.86 -33.57 30.70
N GLY H 140 41.58 -34.69 30.65
CA GLY H 140 41.07 -35.92 31.22
C GLY H 140 40.31 -36.73 30.18
N VAL H 141 40.38 -36.32 28.92
CA VAL H 141 39.67 -37.03 27.89
C VAL H 141 40.46 -38.27 27.46
N ASP H 142 41.70 -38.37 27.89
CA ASP H 142 42.44 -39.57 27.68
C ASP H 142 42.71 -39.97 29.09
N SER H 143 41.77 -40.68 29.64
CA SER H 143 41.81 -41.21 30.94
C SER H 143 40.59 -42.04 30.91
N GLU H 144 40.44 -43.01 31.79
CA GLU H 144 39.20 -43.71 31.84
C GLU H 144 38.13 -42.84 32.37
N GLU H 145 38.49 -42.02 33.34
CA GLU H 145 37.58 -41.14 34.05
C GLU H 145 36.90 -40.17 33.08
N GLY H 146 37.59 -39.78 32.01
CA GLY H 146 37.02 -38.90 31.00
C GLY H 146 36.98 -37.44 31.40
N ALA H 147 36.40 -36.60 30.55
CA ALA H 147 36.29 -35.18 30.87
C ALA H 147 34.84 -34.80 31.02
N THR H 148 34.60 -33.72 31.74
CA THR H 148 33.25 -33.21 31.90
C THR H 148 33.23 -31.68 31.84
N CYS H 149 32.27 -31.15 31.11
CA CYS H 149 32.00 -29.73 31.08
C CYS H 149 30.50 -29.61 31.04
N ALA H 150 30.00 -28.41 31.23
CA ALA H 150 28.57 -28.22 31.24
C ALA H 150 28.26 -26.92 30.54
N VAL H 151 27.04 -26.82 30.06
CA VAL H 151 26.61 -25.61 29.42
C VAL H 151 25.22 -25.39 29.92
N LYS H 152 24.82 -24.15 30.11
CA LYS H 152 23.47 -23.87 30.53
C LYS H 152 22.70 -23.26 29.37
N PHE H 153 21.40 -23.53 29.32
CA PHE H 153 20.53 -22.94 28.33
C PHE H 153 19.42 -22.23 29.06
N GLY H 154 19.16 -20.99 28.68
CA GLY H 154 18.11 -20.23 29.33
C GLY H 154 17.53 -19.25 28.36
N SER H 155 16.49 -18.54 28.76
CA SER H 155 16.03 -17.37 28.03
C SER H 155 17.08 -16.29 28.23
N TRP H 156 17.51 -15.61 27.17
CA TRP H 156 18.49 -14.53 27.35
C TRP H 156 17.82 -13.32 28.02
N SER H 157 16.65 -12.94 27.55
CA SER H 157 16.01 -11.73 28.08
C SER H 157 14.89 -11.81 29.12
N TYR H 158 14.46 -13.01 29.52
CA TYR H 158 13.31 -13.11 30.41
C TYR H 158 13.58 -13.81 31.76
N SER H 159 13.05 -13.26 32.85
CA SER H 159 13.10 -13.94 34.16
C SER H 159 12.12 -15.10 34.18
N GLY H 160 12.01 -15.77 35.32
CA GLY H 160 11.14 -16.93 35.44
C GLY H 160 9.70 -16.48 35.59
N PHE H 161 9.54 -15.18 35.83
CA PHE H 161 8.23 -14.58 35.95
C PHE H 161 7.60 -14.51 34.58
N GLU H 162 8.45 -14.41 33.56
CA GLU H 162 8.01 -14.36 32.18
C GLU H 162 8.12 -15.63 31.37
N ILE H 163 9.31 -16.25 31.41
CA ILE H 163 9.54 -17.58 30.87
C ILE H 163 10.02 -18.54 31.94
N ASP H 164 9.31 -19.63 32.11
CA ASP H 164 9.75 -20.66 33.03
C ASP H 164 10.17 -21.90 32.25
N LEU H 165 11.19 -22.58 32.75
CA LEU H 165 11.76 -23.70 32.03
C LEU H 165 11.45 -24.96 32.80
N LYS H 166 11.28 -26.05 32.08
CA LYS H 166 11.12 -27.34 32.69
C LYS H 166 11.49 -28.42 31.69
N THR H 167 11.74 -29.61 32.22
CA THR H 167 12.23 -30.72 31.44
C THR H 167 11.23 -31.85 31.62
N ASP H 168 11.10 -32.71 30.61
CA ASP H 168 10.25 -33.88 30.78
C ASP H 168 11.04 -34.97 31.45
N THR H 169 12.35 -34.79 31.50
CA THR H 169 13.28 -35.83 31.95
C THR H 169 14.58 -35.19 32.40
N ASP H 170 15.34 -35.88 33.25
CA ASP H 170 16.70 -35.40 33.53
C ASP H 170 17.79 -36.10 32.73
N GLN H 171 17.41 -37.08 31.92
CA GLN H 171 18.36 -37.81 31.11
C GLN H 171 18.35 -37.28 29.68
N VAL H 172 19.49 -36.79 29.19
CA VAL H 172 19.59 -36.40 27.79
C VAL H 172 19.40 -37.64 26.93
N ASP H 173 18.92 -37.47 25.70
CA ASP H 173 18.60 -38.60 24.84
C ASP H 173 19.78 -39.05 23.97
N LEU H 174 20.28 -40.25 24.27
CA LEU H 174 21.41 -40.86 23.55
C LEU H 174 21.01 -41.87 22.47
N SER H 175 19.71 -42.05 22.23
CA SER H 175 19.27 -43.00 21.21
C SER H 175 19.91 -42.77 19.83
N SER H 176 20.12 -41.51 19.48
CA SER H 176 20.70 -41.20 18.18
C SER H 176 22.19 -40.88 18.11
N TYR H 177 22.92 -40.92 19.23
CA TYR H 177 24.37 -40.61 19.24
C TYR H 177 25.23 -41.46 18.28
N TYR H 178 26.17 -40.80 17.59
CA TYR H 178 26.95 -41.45 16.52
C TYR H 178 27.90 -42.45 17.16
N ALA H 179 27.77 -43.71 16.74
CA ALA H 179 28.46 -44.79 17.41
C ALA H 179 29.97 -44.67 17.24
N SER H 180 30.36 -44.21 16.05
CA SER H 180 31.75 -44.14 15.63
C SER H 180 32.40 -42.80 15.91
N SER H 181 31.70 -41.96 16.64
CA SER H 181 32.21 -40.66 17.05
C SER H 181 33.54 -40.79 17.79
N LYS H 182 34.38 -39.78 17.69
CA LYS H 182 35.69 -39.84 18.31
C LYS H 182 35.63 -39.84 19.84
N TYR H 183 34.44 -39.65 20.37
CA TYR H 183 34.26 -39.71 21.82
C TYR H 183 33.06 -40.57 22.16
N GLU H 184 33.07 -41.15 23.36
CA GLU H 184 31.93 -41.91 23.82
C GLU H 184 31.41 -41.24 25.09
N ILE H 185 30.10 -41.39 25.30
CA ILE H 185 29.41 -40.69 26.35
C ILE H 185 29.31 -41.55 27.60
N LEU H 186 29.90 -41.06 28.69
CA LEU H 186 29.74 -41.68 30.01
C LEU H 186 28.41 -41.31 30.69
N SER H 187 28.07 -40.02 30.68
CA SER H 187 26.80 -39.51 31.21
C SER H 187 26.34 -38.28 30.42
N ALA H 188 25.04 -38.16 30.23
CA ALA H 188 24.44 -36.96 29.65
C ALA H 188 23.22 -36.56 30.47
N THR H 189 23.26 -35.39 31.13
CA THR H 189 22.14 -34.93 31.96
C THR H 189 21.70 -33.47 31.72
N GLN H 190 20.40 -33.27 31.62
CA GLN H 190 19.78 -31.95 31.47
C GLN H 190 19.02 -31.61 32.75
N THR H 191 19.47 -30.62 33.49
CA THR H 191 18.90 -30.43 34.82
C THR H 191 18.46 -29.00 35.11
N ARG H 192 17.16 -28.82 35.30
CA ARG H 192 16.58 -27.52 35.63
C ARG H 192 17.17 -26.93 36.90
N GLN H 193 17.60 -25.67 36.86
CA GLN H 193 18.10 -24.98 38.07
C GLN H 193 17.53 -23.56 38.18
N VAL H 194 17.65 -22.95 39.35
CA VAL H 194 17.19 -21.56 39.48
C VAL H 194 18.19 -20.63 40.17
N ARG H 195 18.74 -19.69 39.42
CA ARG H 195 19.68 -18.72 39.94
C ARG H 195 18.99 -17.52 40.58
N PHE H 196 19.64 -16.88 41.56
CA PHE H 196 19.11 -15.66 42.16
C PHE H 196 20.24 -14.66 42.34
N TYR H 197 19.90 -13.38 42.30
CA TYR H 197 20.86 -12.32 42.65
C TYR H 197 20.19 -11.36 43.62
N GLU H 198 20.98 -10.63 44.40
CA GLU H 198 20.41 -9.69 45.36
C GLU H 198 19.77 -8.51 44.64
N CYS H 199 20.47 -7.99 43.62
CA CYS H 199 20.01 -6.85 42.84
C CYS H 199 18.60 -7.06 42.28
N CYS H 200 18.37 -8.28 41.79
CA CYS H 200 17.18 -8.60 41.00
C CYS H 200 16.34 -9.62 41.76
N LYS H 201 15.15 -9.22 42.18
CA LYS H 201 14.36 -9.99 43.15
C LYS H 201 13.85 -11.37 42.65
N GLU H 202 13.65 -11.49 41.34
CA GLU H 202 13.10 -12.71 40.73
C GLU H 202 14.10 -13.80 40.27
N PRO H 203 13.59 -15.03 40.10
CA PRO H 203 14.37 -16.23 39.78
C PRO H 203 14.79 -16.30 38.32
N TYR H 204 15.84 -17.06 37.99
CA TYR H 204 16.24 -17.25 36.60
C TYR H 204 16.48 -18.71 36.22
N PRO H 205 15.42 -19.38 35.77
CA PRO H 205 15.59 -20.78 35.39
C PRO H 205 16.57 -20.94 34.24
N ASP H 206 17.27 -22.07 34.24
CA ASP H 206 17.97 -22.61 33.08
C ASP H 206 17.96 -24.14 33.14
N VAL H 207 18.52 -24.77 32.12
CA VAL H 207 18.64 -26.21 32.10
C VAL H 207 20.11 -26.50 31.95
N ASN H 208 20.70 -27.19 32.93
CA ASN H 208 22.14 -27.48 32.86
C ASN H 208 22.43 -28.76 32.11
N LEU H 209 23.18 -28.64 31.03
CA LEU H 209 23.55 -29.79 30.22
C LEU H 209 24.95 -30.21 30.64
N VAL H 210 25.06 -31.43 31.13
CA VAL H 210 26.33 -31.92 31.68
C VAL H 210 26.78 -33.14 30.91
N VAL H 211 27.99 -33.08 30.36
CA VAL H 211 28.52 -34.24 29.65
C VAL H 211 29.88 -34.68 30.19
N LYS H 212 29.97 -35.98 30.49
CA LYS H 212 31.23 -36.66 30.78
C LYS H 212 31.49 -37.58 29.61
N PHE H 213 32.67 -37.45 29.02
CA PHE H 213 32.99 -38.17 27.80
C PHE H 213 34.49 -38.43 27.75
N ARG H 214 34.90 -39.36 26.89
CA ARG H 214 36.31 -39.67 26.71
C ARG H 214 36.54 -40.24 25.32
N GLU H 215 37.81 -40.23 24.90
CA GLU H 215 38.17 -40.71 23.57
C GLU H 215 37.69 -42.11 23.33
N ARG H 216 37.00 -42.33 22.23
CA ARG H 216 36.54 -43.67 21.93
C ARG H 216 37.79 -44.45 21.67
N ARG H 217 37.84 -45.68 22.20
CA ARG H 217 38.97 -46.57 21.99
C ARG H 217 38.52 -47.95 21.50
N ASP I 4 9.14 -9.52 -36.03
CA ASP I 4 9.16 -10.67 -35.11
C ASP I 4 9.51 -10.32 -33.65
N ASP I 5 9.90 -9.07 -33.39
CA ASP I 5 9.95 -8.56 -32.01
C ASP I 5 8.53 -8.68 -31.42
N ASP I 6 7.54 -8.71 -32.30
CA ASP I 6 6.14 -8.98 -31.94
C ASP I 6 5.97 -10.38 -31.30
N ASP I 7 6.33 -11.45 -32.02
CA ASP I 7 6.16 -12.83 -31.52
C ASP I 7 7.03 -13.12 -30.31
N LYS I 8 8.29 -12.72 -30.39
CA LYS I 8 9.21 -12.79 -29.24
C LYS I 8 8.56 -12.16 -28.01
N LEU I 9 8.01 -10.95 -28.17
CA LEU I 9 7.40 -10.27 -27.04
C LEU I 9 6.14 -10.99 -26.53
N HIS I 10 5.42 -11.65 -27.43
CA HIS I 10 4.20 -12.37 -27.04
C HIS I 10 4.54 -13.54 -26.10
N SER I 11 5.51 -14.36 -26.49
CA SER I 11 6.01 -15.43 -25.62
C SER I 11 6.37 -14.89 -24.23
N GLN I 12 7.09 -13.78 -24.21
CA GLN I 12 7.51 -13.12 -22.99
C GLN I 12 6.29 -12.70 -22.18
N ALA I 13 5.34 -12.07 -22.85
CA ALA I 13 4.12 -11.59 -22.20
C ALA I 13 3.31 -12.76 -21.69
N ASN I 14 3.31 -13.84 -22.46
CA ASN I 14 2.61 -15.08 -22.10
C ASN I 14 3.20 -15.72 -20.86
N LEU I 15 4.50 -15.60 -20.66
CA LEU I 15 5.14 -16.22 -19.52
C LEU I 15 4.80 -15.47 -18.24
N MET I 16 4.91 -14.15 -18.28
CA MET I 16 4.64 -13.34 -17.10
CA MET I 16 4.65 -13.35 -17.09
C MET I 16 3.19 -13.48 -16.68
N ARG I 17 2.31 -13.69 -17.66
CA ARG I 17 0.90 -13.91 -17.42
C ARG I 17 0.69 -15.27 -16.73
N LEU I 18 1.47 -16.27 -17.16
CA LEU I 18 1.42 -17.58 -16.54
C LEU I 18 1.89 -17.49 -15.11
N LYS I 19 3.10 -16.99 -14.93
CA LYS I 19 3.66 -16.84 -13.60
C LYS I 19 2.76 -16.00 -12.71
N SER I 20 2.32 -14.86 -13.22
CA SER I 20 1.40 -14.03 -12.47
C SER I 20 0.16 -14.81 -12.05
N ASP I 21 -0.51 -15.43 -13.01
CA ASP I 21 -1.71 -16.24 -12.76
C ASP I 21 -1.45 -17.42 -11.80
N LEU I 22 -0.27 -18.02 -11.92
CA LEU I 22 0.10 -19.19 -11.12
C LEU I 22 0.40 -18.80 -9.71
N PHE I 23 1.10 -17.69 -9.54
CA PHE I 23 1.58 -17.39 -8.22
C PHE I 23 0.82 -16.36 -7.47
N ASN I 24 0.81 -15.12 -7.93
CA ASN I 24 0.22 -14.18 -7.00
C ASN I 24 -1.14 -13.61 -7.42
N ARG I 25 -1.84 -14.33 -8.29
CA ARG I 25 -3.27 -14.14 -8.42
C ARG I 25 -3.81 -15.28 -7.52
N SER I 26 -3.19 -16.47 -7.60
CA SER I 26 -3.53 -17.56 -6.68
C SER I 26 -2.63 -17.88 -5.46
N PRO I 27 -3.19 -17.87 -4.24
CA PRO I 27 -2.43 -17.76 -2.99
C PRO I 27 -1.33 -18.81 -2.76
N MET I 28 -0.45 -18.50 -1.80
CA MET I 28 0.66 -19.37 -1.40
C MET I 28 0.21 -20.74 -0.87
N TYR I 29 0.81 -21.81 -1.42
CA TYR I 29 0.55 -23.20 -1.04
C TYR I 29 1.07 -23.54 0.35
N PRO I 30 0.19 -24.12 1.17
CA PRO I 30 0.39 -24.45 2.58
C PRO I 30 1.33 -25.61 2.86
N GLY I 31 1.58 -26.41 1.84
CA GLY I 31 2.42 -27.58 2.00
C GLY I 31 1.56 -28.79 2.18
N PRO I 32 2.16 -29.98 2.06
CA PRO I 32 1.44 -31.24 2.12
C PRO I 32 0.72 -31.39 3.44
N THR I 33 -0.43 -32.04 3.40
CA THR I 33 -1.21 -32.43 4.58
C THR I 33 -1.53 -33.91 4.42
N LYS I 34 -1.99 -34.53 5.49
CA LYS I 34 -2.49 -35.90 5.41
C LYS I 34 -3.50 -36.01 4.27
N ASP I 35 -4.32 -34.98 4.07
CA ASP I 35 -5.36 -34.99 3.05
C ASP I 35 -4.85 -34.45 1.72
N ASP I 36 -3.62 -33.96 1.71
CA ASP I 36 -2.99 -33.49 0.48
C ASP I 36 -1.55 -33.98 0.54
N PRO I 37 -1.33 -35.27 0.28
CA PRO I 37 0.07 -35.64 0.53
C PRO I 37 0.93 -35.50 -0.71
N LEU I 38 2.23 -35.73 -0.56
CA LEU I 38 3.21 -35.49 -1.61
C LEU I 38 4.16 -36.65 -1.63
N THR I 39 4.66 -36.97 -2.80
CA THR I 39 5.79 -37.88 -2.89
C THR I 39 6.97 -37.17 -3.53
N VAL I 40 8.08 -37.13 -2.82
CA VAL I 40 9.31 -36.57 -3.36
C VAL I 40 10.26 -37.68 -3.80
N THR I 41 10.81 -37.55 -5.00
CA THR I 41 11.77 -38.51 -5.52
C THR I 41 13.19 -37.97 -5.33
N LEU I 42 13.99 -38.69 -4.57
CA LEU I 42 15.38 -38.30 -4.34
C LEU I 42 16.32 -39.14 -5.18
N GLY I 43 17.37 -38.50 -5.69
CA GLY I 43 18.46 -39.20 -6.35
C GLY I 43 19.69 -38.35 -6.23
N PHE I 44 20.87 -38.97 -6.26
CA PHE I 44 22.10 -38.24 -6.00
C PHE I 44 23.10 -38.40 -7.12
N THR I 45 23.70 -37.30 -7.52
CA THR I 45 24.89 -37.37 -8.33
C THR I 45 26.05 -37.02 -7.42
N LEU I 46 26.95 -37.98 -7.20
CA LEU I 46 28.05 -37.73 -6.28
C LEU I 46 29.26 -37.26 -7.09
N GLN I 47 29.62 -35.99 -6.90
CA GLN I 47 30.74 -35.42 -7.63
C GLN I 47 32.12 -35.67 -7.04
N ASP I 48 32.25 -35.50 -5.73
CA ASP I 48 33.56 -35.57 -5.07
C ASP I 48 33.43 -35.96 -3.60
N ILE I 49 34.43 -36.68 -3.11
CA ILE I 49 34.61 -36.71 -1.68
C ILE I 49 35.77 -35.76 -1.53
N VAL I 50 35.48 -34.58 -1.02
CA VAL I 50 36.49 -33.57 -1.00
C VAL I 50 37.50 -33.95 0.05
N LYS I 51 37.00 -34.31 1.23
CA LYS I 51 37.87 -34.52 2.35
C LYS I 51 37.35 -35.50 3.38
N ALA I 52 38.25 -36.33 3.92
CA ALA I 52 37.94 -37.21 5.04
C ALA I 52 38.87 -36.76 6.12
N ASP I 53 38.37 -36.67 7.34
CA ASP I 53 39.20 -36.14 8.40
C ASP I 53 39.08 -37.03 9.61
N SER I 54 40.21 -37.63 10.00
CA SER I 54 40.29 -38.64 11.04
C SER I 54 40.16 -38.08 12.44
N SER I 55 40.69 -36.87 12.66
CA SER I 55 40.70 -36.30 14.00
C SER I 55 39.30 -35.96 14.51
N THR I 56 38.45 -35.38 13.66
CA THR I 56 37.07 -35.13 14.07
C THR I 56 36.06 -36.17 13.60
N ASN I 57 36.50 -37.13 12.80
CA ASN I 57 35.55 -38.05 12.18
C ASN I 57 34.40 -37.33 11.49
N GLU I 58 34.74 -36.41 10.57
CA GLU I 58 33.79 -35.79 9.66
C GLU I 58 34.26 -36.08 8.24
N VAL I 59 33.35 -36.22 7.29
CA VAL I 59 33.73 -36.25 5.87
C VAL I 59 32.98 -35.17 5.08
N ASP I 60 33.62 -34.66 4.04
CA ASP I 60 33.04 -33.61 3.21
C ASP I 60 32.72 -34.17 1.83
N LEU I 61 31.44 -34.08 1.44
CA LEU I 61 30.98 -34.58 0.16
C LEU I 61 30.42 -33.45 -0.68
N VAL I 62 30.70 -33.49 -1.98
CA VAL I 62 30.08 -32.60 -2.95
C VAL I 62 29.20 -33.43 -3.85
N TYR I 63 27.90 -33.18 -3.79
CA TYR I 63 26.92 -33.92 -4.60
C TYR I 63 25.84 -32.99 -5.14
N TRP I 64 25.04 -33.49 -6.07
CA TRP I 64 23.83 -32.82 -6.55
C TRP I 64 22.59 -33.61 -6.16
N GLU I 65 21.72 -33.02 -5.34
CA GLU I 65 20.47 -33.66 -5.02
C GLU I 65 19.49 -33.40 -6.14
N GLN I 66 19.00 -34.43 -6.80
CA GLN I 66 17.86 -34.27 -7.67
C GLN I 66 16.62 -34.43 -6.80
N GLN I 67 15.80 -33.39 -6.72
CA GLN I 67 14.52 -33.47 -6.01
C GLN I 67 13.41 -33.27 -7.00
N ARG I 68 12.34 -34.05 -6.87
CA ARG I 68 11.22 -33.91 -7.79
C ARG I 68 9.92 -34.24 -7.11
N TRP I 69 8.89 -33.51 -7.48
CA TRP I 69 7.56 -33.71 -6.94
C TRP I 69 6.55 -33.10 -7.89
N LYS I 70 5.26 -33.22 -7.58
CA LYS I 70 4.23 -32.71 -8.49
C LYS I 70 3.09 -32.04 -7.74
N LEU I 71 2.71 -30.84 -8.16
CA LEU I 71 1.62 -30.15 -7.51
C LEU I 71 0.47 -29.86 -8.48
N ASN I 72 -0.75 -29.94 -7.99
CA ASN I 72 -1.87 -29.68 -8.84
C ASN I 72 -1.94 -28.18 -8.99
N SER I 73 -1.50 -27.49 -7.94
CA SER I 73 -1.51 -26.04 -7.90
C SER I 73 -0.70 -25.41 -9.01
N LEU I 74 0.31 -26.13 -9.50
CA LEU I 74 1.18 -25.62 -10.56
C LEU I 74 0.76 -26.04 -11.96
N MET I 75 -0.37 -26.72 -12.12
CA MET I 75 -0.79 -27.17 -13.43
C MET I 75 -1.32 -26.04 -14.29
N TRP I 76 -1.14 -26.17 -15.60
CA TRP I 76 -1.71 -25.23 -16.55
C TRP I 76 -1.83 -25.85 -17.95
N ASP I 77 -2.64 -25.22 -18.79
CA ASP I 77 -2.87 -25.63 -20.16
C ASP I 77 -2.08 -24.77 -21.12
N PRO I 78 -1.08 -25.36 -21.77
CA PRO I 78 -0.25 -24.67 -22.76
C PRO I 78 -1.01 -23.87 -23.83
N ASN I 79 -2.17 -24.32 -24.31
CA ASN I 79 -2.84 -23.60 -25.39
C ASN I 79 -3.44 -22.30 -24.92
N GLU I 80 -3.74 -22.21 -23.62
CA GLU I 80 -4.20 -20.96 -23.04
C GLU I 80 -3.01 -20.03 -22.82
N TYR I 81 -1.82 -20.63 -22.75
CA TYR I 81 -0.53 -19.92 -22.66
C TYR I 81 0.44 -19.87 -23.84
N GLY I 82 -0.03 -20.00 -25.07
CA GLY I 82 0.82 -19.72 -26.22
C GLY I 82 1.82 -20.85 -26.29
N ASN I 83 1.33 -22.01 -25.90
CA ASN I 83 2.10 -23.24 -25.97
C ASN I 83 3.32 -23.29 -25.04
N ILE I 84 3.21 -22.74 -23.84
CA ILE I 84 4.34 -22.80 -22.91
C ILE I 84 4.21 -24.07 -22.09
N THR I 85 5.12 -25.02 -22.31
CA THR I 85 5.13 -26.29 -21.57
C THR I 85 5.85 -26.27 -20.21
N ASP I 86 6.90 -25.46 -20.09
CA ASP I 86 7.60 -25.35 -18.82
C ASP I 86 8.34 -24.04 -18.69
N PHE I 87 8.77 -23.75 -17.47
CA PHE I 87 9.53 -22.54 -17.22
C PHE I 87 10.51 -22.66 -16.06
N ARG I 88 11.51 -21.80 -16.04
CA ARG I 88 12.40 -21.71 -14.89
C ARG I 88 11.96 -20.59 -13.95
N THR I 89 12.04 -20.85 -12.64
CA THR I 89 11.70 -19.82 -11.68
C THR I 89 12.61 -19.97 -10.49
N SER I 90 12.78 -18.91 -9.72
CA SER I 90 13.55 -18.96 -8.49
C SER I 90 12.87 -19.90 -7.53
N ALA I 91 13.65 -20.71 -6.81
CA ALA I 91 13.07 -21.69 -5.92
C ALA I 91 12.46 -21.05 -4.68
N ALA I 92 12.67 -19.75 -4.53
CA ALA I 92 12.01 -19.05 -3.43
C ALA I 92 10.60 -18.61 -3.81
N ASP I 93 10.25 -18.79 -5.09
CA ASP I 93 8.96 -18.39 -5.63
C ASP I 93 8.01 -19.54 -5.49
N ILE I 94 8.52 -20.66 -4.98
CA ILE I 94 7.69 -21.85 -4.86
C ILE I 94 7.92 -22.59 -3.57
N TRP I 95 6.92 -23.36 -3.17
CA TRP I 95 7.08 -24.26 -2.05
C TRP I 95 8.06 -25.33 -2.47
N THR I 96 9.06 -25.57 -1.61
CA THR I 96 10.03 -26.65 -1.78
C THR I 96 10.04 -27.47 -0.50
N PRO I 97 10.42 -28.72 -0.59
CA PRO I 97 10.45 -29.63 0.50
C PRO I 97 11.54 -29.49 1.49
N ASP I 98 11.33 -29.89 2.72
CA ASP I 98 12.40 -29.82 3.68
C ASP I 98 13.32 -30.98 3.81
N ILE I 99 13.89 -31.42 2.73
CA ILE I 99 14.77 -32.51 2.77
C ILE I 99 16.03 -32.06 3.35
N THR I 100 16.52 -32.74 4.36
CA THR I 100 17.72 -32.31 5.04
C THR I 100 18.48 -33.56 5.46
N ALA I 101 19.80 -33.44 5.63
CA ALA I 101 20.61 -34.60 6.01
C ALA I 101 20.60 -34.77 7.51
N TYR I 102 20.22 -35.94 7.95
CA TYR I 102 20.11 -36.24 9.35
C TYR I 102 21.40 -36.19 10.12
N SER I 103 22.51 -36.53 9.51
CA SER I 103 23.79 -36.45 10.18
C SER I 103 24.77 -35.33 9.88
N SER I 104 24.36 -34.23 9.29
CA SER I 104 25.34 -33.22 9.03
C SER I 104 25.97 -32.72 10.28
N THR I 105 27.22 -32.36 10.20
CA THR I 105 27.86 -31.66 11.30
C THR I 105 28.02 -30.15 11.06
N ARG I 106 27.69 -29.65 9.88
CA ARG I 106 27.86 -28.23 9.59
CA ARG I 106 27.86 -28.23 9.59
C ARG I 106 26.75 -27.74 8.69
N PRO I 107 26.39 -26.47 8.83
CA PRO I 107 25.32 -25.97 7.98
C PRO I 107 25.73 -26.31 6.59
N VAL I 108 24.83 -26.91 5.83
CA VAL I 108 25.05 -27.31 4.44
C VAL I 108 25.31 -26.07 3.57
N GLN I 109 26.13 -26.20 2.52
CA GLN I 109 26.46 -25.06 1.66
C GLN I 109 25.96 -25.28 0.25
N VAL I 110 25.27 -24.29 -0.32
CA VAL I 110 24.67 -24.47 -1.64
C VAL I 110 25.63 -24.02 -2.74
N LEU I 111 25.93 -24.91 -3.68
CA LEU I 111 26.92 -24.61 -4.68
C LEU I 111 26.38 -23.97 -5.96
N SER I 112 25.07 -24.00 -6.16
CA SER I 112 24.51 -23.57 -7.43
C SER I 112 23.40 -22.56 -7.24
N PRO I 113 23.11 -21.81 -8.29
CA PRO I 113 22.01 -20.85 -8.29
C PRO I 113 20.77 -21.59 -7.81
N GLN I 114 19.87 -21.01 -7.03
CA GLN I 114 18.73 -21.84 -6.68
C GLN I 114 17.53 -21.51 -7.54
N ASN I 115 17.29 -22.39 -8.49
CA ASN I 115 16.31 -22.14 -9.53
C ASN I 115 15.74 -23.49 -9.83
N ALA I 116 14.44 -23.57 -10.05
CA ALA I 116 13.80 -24.85 -10.31
C ALA I 116 13.11 -24.80 -11.65
N LEU I 117 12.86 -25.98 -12.23
CA LEU I 117 12.09 -26.09 -13.46
C LEU I 117 10.69 -26.62 -13.21
N VAL I 118 9.66 -25.86 -13.58
CA VAL I 118 8.27 -26.29 -13.41
C VAL I 118 7.66 -26.71 -14.73
N THR I 119 7.00 -27.86 -14.75
CA THR I 119 6.35 -28.39 -15.97
C THR I 119 4.82 -28.31 -15.86
N HIS I 120 4.15 -28.14 -16.99
CA HIS I 120 2.73 -27.83 -16.99
C HIS I 120 1.80 -28.89 -16.38
N ASP I 121 2.31 -30.08 -16.09
CA ASP I 121 1.52 -31.02 -15.32
C ASP I 121 1.64 -30.71 -13.85
N GLY I 122 2.56 -29.82 -13.52
CA GLY I 122 2.74 -29.44 -12.14
C GLY I 122 3.90 -30.16 -11.51
N SER I 123 4.67 -30.87 -12.34
CA SER I 123 5.88 -31.48 -11.84
C SER I 123 6.96 -30.42 -11.68
N VAL I 124 7.74 -30.56 -10.60
CA VAL I 124 8.82 -29.63 -10.29
C VAL I 124 10.14 -30.38 -10.12
N GLN I 125 11.24 -29.88 -10.71
CA GLN I 125 12.56 -30.48 -10.52
C GLN I 125 13.55 -29.44 -10.00
N TYR I 126 14.34 -29.82 -9.01
CA TYR I 126 15.25 -28.91 -8.33
C TYR I 126 16.56 -29.66 -8.16
N LEU I 127 17.68 -29.10 -8.58
CA LEU I 127 18.96 -29.81 -8.52
C LEU I 127 20.00 -29.05 -7.74
N PRO I 128 19.79 -28.86 -6.43
CA PRO I 128 20.84 -28.19 -5.68
C PRO I 128 22.16 -28.95 -5.60
N ALA I 129 23.24 -28.28 -5.93
CA ALA I 129 24.54 -28.88 -5.77
C ALA I 129 25.05 -28.45 -4.42
N GLN I 130 25.53 -29.39 -3.61
CA GLN I 130 25.95 -29.03 -2.25
C GLN I 130 27.26 -29.62 -1.75
N ARG I 131 27.84 -28.94 -0.78
CA ARG I 131 28.94 -29.50 -0.04
C ARG I 131 28.45 -29.76 1.38
N LEU I 132 28.37 -31.05 1.71
CA LEU I 132 27.88 -31.52 3.01
C LEU I 132 29.00 -32.11 3.83
N SER I 133 29.13 -31.67 5.07
CA SER I 133 29.95 -32.34 6.07
C SER I 133 29.07 -33.20 6.98
N PHE I 134 29.29 -34.50 6.99
CA PHE I 134 28.52 -35.38 7.87
C PHE I 134 29.42 -36.27 8.69
N MET I 135 28.80 -37.09 9.54
CA MET I 135 29.52 -37.99 10.44
C MET I 135 29.99 -39.26 9.73
N CYS I 136 31.30 -39.44 9.72
CA CYS I 136 31.95 -40.56 9.08
C CYS I 136 33.18 -40.90 9.89
N ASP I 137 33.43 -42.19 10.07
CA ASP I 137 34.68 -42.65 10.61
C ASP I 137 35.46 -43.22 9.44
N PRO I 138 36.47 -42.46 8.97
CA PRO I 138 37.24 -42.81 7.78
C PRO I 138 38.15 -44.03 7.95
N THR I 139 38.34 -44.50 9.19
CA THR I 139 39.30 -45.59 9.41
C THR I 139 39.03 -46.68 8.38
N GLY I 140 40.10 -47.13 7.73
CA GLY I 140 40.01 -48.14 6.69
C GLY I 140 40.17 -47.55 5.31
N VAL I 141 40.51 -46.28 5.24
CA VAL I 141 40.57 -45.60 3.96
C VAL I 141 41.73 -46.09 3.12
N ASP I 142 42.85 -46.39 3.79
CA ASP I 142 44.09 -46.78 3.12
C ASP I 142 44.20 -48.28 2.91
N SER I 143 43.24 -49.01 3.44
CA SER I 143 43.13 -50.43 3.14
C SER I 143 42.45 -50.61 1.78
N GLU I 144 42.79 -51.67 1.08
CA GLU I 144 42.17 -51.97 -0.18
C GLU I 144 40.68 -52.04 0.06
N GLU I 145 40.30 -52.22 1.32
CA GLU I 145 38.90 -52.43 1.71
C GLU I 145 38.07 -51.15 1.76
N GLY I 146 38.75 -50.04 1.99
CA GLY I 146 38.10 -48.74 2.00
C GLY I 146 37.36 -48.46 3.28
N ALA I 147 36.89 -47.23 3.41
CA ALA I 147 36.09 -46.83 4.55
C ALA I 147 34.68 -46.79 4.05
N THR I 148 33.74 -47.11 4.93
CA THR I 148 32.33 -47.04 4.59
C THR I 148 31.58 -46.11 5.55
N CYS I 149 30.99 -45.06 5.00
CA CYS I 149 30.19 -44.16 5.80
C CYS I 149 28.76 -44.05 5.27
N ALA I 150 27.86 -43.51 6.09
CA ALA I 150 26.45 -43.40 5.69
C ALA I 150 25.74 -42.19 6.25
N VAL I 151 24.80 -41.68 5.49
CA VAL I 151 24.07 -40.49 5.89
C VAL I 151 22.63 -40.59 5.38
N LYS I 152 21.67 -40.17 6.22
CA LYS I 152 20.26 -40.24 5.88
C LYS I 152 19.66 -38.89 5.49
N PHE I 153 18.85 -38.88 4.43
CA PHE I 153 18.10 -37.69 4.00
C PHE I 153 16.61 -37.92 4.13
N GLY I 154 15.91 -36.95 4.72
CA GLY I 154 14.47 -36.99 4.75
C GLY I 154 13.86 -35.66 5.17
N SER I 155 12.54 -35.60 5.13
CA SER I 155 11.81 -34.46 5.69
C SER I 155 12.09 -34.29 7.19
N TRP I 156 12.40 -33.08 7.60
CA TRP I 156 12.69 -32.86 9.00
C TRP I 156 11.41 -32.74 9.78
N SER I 157 10.49 -31.95 9.27
CA SER I 157 9.26 -31.68 10.01
C SER I 157 8.02 -32.45 9.59
N TYR I 158 8.11 -33.25 8.53
CA TYR I 158 6.93 -33.95 8.07
C TYR I 158 7.13 -35.44 8.26
N SER I 159 6.11 -36.24 7.99
CA SER I 159 6.21 -37.69 8.12
C SER I 159 5.63 -38.26 6.85
N GLY I 160 5.51 -39.58 6.77
CA GLY I 160 5.15 -40.23 5.53
C GLY I 160 3.72 -39.96 5.11
N PHE I 161 2.90 -39.53 6.07
CA PHE I 161 1.49 -39.28 5.83
C PHE I 161 1.29 -37.94 5.14
N GLU I 162 2.34 -37.11 5.22
CA GLU I 162 2.38 -35.81 4.58
C GLU I 162 3.33 -35.73 3.37
N ILE I 163 4.58 -36.15 3.57
CA ILE I 163 5.57 -36.33 2.51
C ILE I 163 6.11 -37.76 2.46
N ASP I 164 6.02 -38.39 1.30
CA ASP I 164 6.59 -39.72 1.13
C ASP I 164 7.84 -39.60 0.28
N LEU I 165 8.81 -40.49 0.49
CA LEU I 165 10.05 -40.50 -0.29
C LEU I 165 10.14 -41.71 -1.22
N LYS I 166 10.81 -41.54 -2.35
CA LYS I 166 11.04 -42.65 -3.26
C LYS I 166 12.24 -42.35 -4.15
N THR I 167 12.85 -43.38 -4.71
CA THR I 167 14.02 -43.21 -5.57
C THR I 167 13.67 -43.78 -6.93
N ASP I 168 14.40 -43.37 -7.96
CA ASP I 168 14.31 -44.03 -9.25
C ASP I 168 15.33 -45.18 -9.37
N THR I 169 16.28 -45.24 -8.44
CA THR I 169 17.28 -46.30 -8.44
C THR I 169 17.85 -46.48 -7.03
N ASP I 170 18.67 -47.52 -6.83
CA ASP I 170 19.41 -47.70 -5.60
C ASP I 170 20.87 -47.29 -5.74
N GLN I 171 21.21 -46.88 -6.96
CA GLN I 171 22.59 -46.62 -7.35
C GLN I 171 22.89 -45.11 -7.52
N VAL I 172 23.71 -44.54 -6.63
CA VAL I 172 24.11 -43.13 -6.74
C VAL I 172 24.73 -42.91 -8.11
N ASP I 173 24.48 -41.76 -8.74
CA ASP I 173 24.97 -41.56 -10.08
C ASP I 173 26.41 -41.11 -10.00
N LEU I 174 27.29 -41.95 -10.52
CA LEU I 174 28.73 -41.71 -10.52
C LEU I 174 29.34 -41.17 -11.82
N SER I 175 28.54 -40.91 -12.83
CA SER I 175 29.07 -40.51 -14.13
C SER I 175 29.82 -39.18 -14.11
N SER I 176 29.49 -38.33 -13.15
CA SER I 176 30.14 -37.06 -12.99
C SER I 176 31.27 -37.07 -11.95
N TYR I 177 31.57 -38.22 -11.36
CA TYR I 177 32.59 -38.26 -10.31
C TYR I 177 33.98 -37.75 -10.72
N TYR I 178 34.56 -36.83 -9.94
CA TYR I 178 35.86 -36.26 -10.28
C TYR I 178 36.79 -37.42 -10.40
N ALA I 179 37.44 -37.57 -11.54
CA ALA I 179 38.30 -38.71 -11.76
C ALA I 179 39.61 -38.58 -10.97
N SER I 180 39.94 -37.35 -10.62
CA SER I 180 41.14 -37.05 -9.86
C SER I 180 41.01 -36.88 -8.36
N SER I 181 39.83 -37.19 -7.84
CA SER I 181 39.56 -37.02 -6.40
C SER I 181 40.62 -37.72 -5.54
N LYS I 182 40.87 -37.18 -4.36
CA LYS I 182 41.79 -37.77 -3.41
C LYS I 182 41.33 -39.17 -3.02
N TYR I 183 40.09 -39.47 -3.34
CA TYR I 183 39.51 -40.76 -3.00
C TYR I 183 38.72 -41.33 -4.18
N GLU I 184 38.69 -42.66 -4.30
CA GLU I 184 37.98 -43.33 -5.39
C GLU I 184 36.80 -44.09 -4.79
N ILE I 185 35.77 -44.34 -5.58
CA ILE I 185 34.56 -44.94 -5.03
C ILE I 185 34.51 -46.45 -5.24
N LEU I 186 34.44 -47.21 -4.14
CA LEU I 186 34.18 -48.64 -4.25
C LEU I 186 32.70 -48.88 -4.63
N SER I 187 31.81 -48.34 -3.81
CA SER I 187 30.40 -48.34 -4.15
C SER I 187 29.66 -47.19 -3.46
N ALA I 188 28.57 -46.75 -4.09
CA ALA I 188 27.71 -45.73 -3.51
C ALA I 188 26.29 -46.10 -3.82
N THR I 189 25.46 -46.02 -2.79
CA THR I 189 24.12 -46.58 -2.83
C THR I 189 23.13 -45.58 -2.24
N GLN I 190 21.96 -45.50 -2.85
CA GLN I 190 20.91 -44.68 -2.31
C GLN I 190 19.69 -45.56 -2.22
N THR I 191 19.25 -45.84 -0.99
CA THR I 191 18.10 -46.74 -0.81
C THR I 191 17.18 -46.22 0.27
N ARG I 192 15.90 -46.36 0.02
CA ARG I 192 14.90 -45.84 0.91
C ARG I 192 14.60 -46.81 2.01
N GLN I 193 14.63 -46.30 3.24
CA GLN I 193 14.25 -47.04 4.44
C GLN I 193 12.99 -46.37 4.99
N VAL I 194 12.17 -47.13 5.72
CA VAL I 194 11.09 -46.55 6.50
C VAL I 194 11.29 -46.97 7.95
N ARG I 195 11.27 -46.02 8.89
CA ARG I 195 11.42 -46.39 10.28
CA ARG I 195 11.46 -46.35 10.29
C ARG I 195 10.26 -45.88 11.10
N PHE I 196 9.89 -46.64 12.13
CA PHE I 196 8.77 -46.23 12.95
C PHE I 196 9.21 -45.91 14.37
N TYR I 197 8.26 -45.46 15.18
CA TYR I 197 8.52 -45.07 16.58
C TYR I 197 7.43 -45.67 17.46
N GLU I 198 7.78 -46.05 18.69
CA GLU I 198 6.83 -46.73 19.57
C GLU I 198 5.78 -45.76 20.11
N CYS I 199 6.25 -44.59 20.55
CA CYS I 199 5.37 -43.51 20.97
C CYS I 199 4.41 -43.15 19.84
N CYS I 200 4.96 -42.93 18.65
CA CYS I 200 4.18 -42.29 17.62
C CYS I 200 3.62 -43.35 16.67
N LYS I 201 2.77 -42.98 15.76
CA LYS I 201 2.12 -43.99 14.97
C LYS I 201 2.29 -44.10 13.48
N GLU I 202 3.18 -43.32 12.89
CA GLU I 202 3.22 -43.24 11.43
C GLU I 202 4.61 -43.36 10.84
N PRO I 203 4.72 -43.71 9.55
CA PRO I 203 6.02 -44.07 8.99
C PRO I 203 6.90 -42.85 8.77
N TYR I 204 8.22 -43.06 8.77
CA TYR I 204 9.15 -41.97 8.57
C TYR I 204 10.19 -42.34 7.51
N PRO I 205 9.82 -42.13 6.25
CA PRO I 205 10.68 -42.51 5.13
C PRO I 205 11.97 -41.72 5.18
N ASP I 206 13.01 -42.30 4.63
CA ASP I 206 14.26 -41.59 4.44
C ASP I 206 15.02 -42.29 3.35
N VAL I 207 15.95 -41.62 2.70
CA VAL I 207 16.85 -42.33 1.84
C VAL I 207 18.18 -42.43 2.56
N ASN I 208 18.75 -43.62 2.60
CA ASN I 208 20.08 -43.78 3.16
C ASN I 208 21.05 -43.74 2.01
N LEU I 209 22.07 -42.91 2.16
CA LEU I 209 23.14 -42.80 1.19
C LEU I 209 24.34 -43.52 1.79
N VAL I 210 24.74 -44.62 1.17
CA VAL I 210 25.85 -45.41 1.69
C VAL I 210 27.03 -45.25 0.76
N VAL I 211 28.17 -44.83 1.29
CA VAL I 211 29.39 -44.71 0.50
C VAL I 211 30.52 -45.56 1.06
N LYS I 212 31.25 -46.21 0.16
CA LYS I 212 32.42 -46.99 0.52
C LYS I 212 33.55 -46.48 -0.34
N PHE I 213 34.57 -45.90 0.29
CA PHE I 213 35.65 -45.27 -0.45
C PHE I 213 37.05 -45.64 0.04
N ARG I 214 38.00 -45.48 -0.88
CA ARG I 214 39.41 -45.76 -0.66
C ARG I 214 40.17 -44.49 -0.96
N GLU I 215 41.39 -44.34 -0.44
CA GLU I 215 42.31 -43.36 -1.01
C GLU I 215 42.67 -43.85 -2.40
N ARG I 216 43.06 -42.94 -3.29
CA ARG I 216 43.36 -43.37 -4.66
CA ARG I 216 43.38 -43.31 -4.66
C ARG I 216 44.75 -43.98 -4.79
N ARG I 217 44.86 -44.98 -5.67
CA ARG I 217 46.13 -45.70 -5.80
C ARG I 217 47.24 -44.90 -6.47
N ALA I 218 48.39 -44.80 -5.77
CA ALA I 218 49.61 -44.13 -6.30
C ALA I 218 50.75 -45.10 -6.65
N ASP J 4 25.90 25.07 -16.36
CA ASP J 4 25.39 25.41 -15.05
C ASP J 4 25.22 24.17 -14.17
N ASP J 5 24.74 24.37 -12.94
CA ASP J 5 24.43 23.27 -12.04
C ASP J 5 23.04 22.75 -12.35
N ASP J 6 22.27 23.59 -13.06
CA ASP J 6 20.96 23.21 -13.57
C ASP J 6 21.10 22.10 -14.62
N ASP J 7 22.05 22.26 -15.54
CA ASP J 7 22.21 21.31 -16.65
C ASP J 7 22.61 19.89 -16.19
N LYS J 8 23.53 19.79 -15.25
CA LYS J 8 23.86 18.49 -14.68
C LYS J 8 22.74 17.99 -13.75
N LEU J 9 21.98 18.91 -13.18
CA LEU J 9 20.79 18.52 -12.42
C LEU J 9 19.74 17.89 -13.32
N HIS J 10 19.53 18.44 -14.52
CA HIS J 10 18.54 17.90 -15.44
C HIS J 10 18.96 16.52 -15.93
N SER J 11 20.24 16.36 -16.28
CA SER J 11 20.77 15.06 -16.72
C SER J 11 20.50 13.95 -15.70
N GLN J 12 20.63 14.27 -14.40
CA GLN J 12 20.27 13.35 -13.33
C GLN J 12 18.84 12.94 -13.55
N ALA J 13 17.99 13.94 -13.71
CA ALA J 13 16.57 13.71 -13.83
C ALA J 13 16.32 12.79 -15.00
N ASN J 14 16.91 13.15 -16.13
CA ASN J 14 16.77 12.33 -17.32
C ASN J 14 17.02 10.84 -17.06
N LEU J 15 18.10 10.52 -16.35
CA LEU J 15 18.44 9.14 -16.00
C LEU J 15 17.41 8.52 -15.04
N MET J 16 16.98 9.27 -14.03
CA MET J 16 15.97 8.78 -13.10
C MET J 16 14.70 8.46 -13.88
N ARG J 17 14.38 9.32 -14.83
CA ARG J 17 13.23 9.10 -15.68
C ARG J 17 13.40 7.77 -16.39
N LEU J 18 14.52 7.65 -17.08
CA LEU J 18 14.81 6.48 -17.89
C LEU J 18 14.72 5.18 -17.11
N LYS J 19 15.38 5.16 -15.95
CA LYS J 19 15.42 3.98 -15.10
C LYS J 19 14.04 3.64 -14.57
N SER J 20 13.27 4.67 -14.23
CA SER J 20 11.91 4.48 -13.77
C SER J 20 11.07 3.87 -14.90
N ASP J 21 11.25 4.39 -16.11
CA ASP J 21 10.65 3.80 -17.30
C ASP J 21 11.03 2.32 -17.49
N LEU J 22 12.32 2.02 -17.54
CA LEU J 22 12.74 0.64 -17.69
C LEU J 22 12.24 -0.30 -16.55
N PHE J 23 12.60 0.00 -15.30
CA PHE J 23 12.29 -0.89 -14.17
C PHE J 23 10.95 -0.68 -13.49
N ASN J 24 10.32 0.48 -13.66
CA ASN J 24 8.94 0.65 -13.16
C ASN J 24 7.85 0.54 -14.20
N ARG J 25 8.26 0.37 -15.45
CA ARG J 25 7.28 0.06 -16.47
C ARG J 25 7.18 -1.40 -16.87
N SER J 26 7.96 -2.28 -16.25
CA SER J 26 7.80 -3.70 -16.61
C SER J 26 7.94 -4.71 -15.46
N PRO J 27 7.22 -5.84 -15.57
CA PRO J 27 7.34 -6.90 -14.58
C PRO J 27 8.72 -7.42 -14.80
N MET J 28 9.35 -8.12 -13.86
CA MET J 28 10.69 -8.57 -14.19
C MET J 28 10.69 -9.47 -15.43
N TYR J 29 11.72 -9.33 -16.23
CA TYR J 29 12.00 -10.19 -17.38
C TYR J 29 11.99 -11.60 -16.82
N PRO J 30 11.13 -12.44 -17.39
CA PRO J 30 10.90 -13.83 -17.00
C PRO J 30 12.12 -14.71 -17.24
N GLY J 31 13.07 -14.18 -18.00
CA GLY J 31 14.24 -14.92 -18.37
C GLY J 31 14.05 -15.44 -19.77
N PRO J 32 15.08 -16.04 -20.35
CA PRO J 32 14.95 -16.47 -21.75
C PRO J 32 14.04 -17.68 -21.90
N THR J 33 13.79 -18.05 -23.16
CA THR J 33 12.85 -19.12 -23.52
C THR J 33 13.21 -19.61 -24.90
N LYS J 34 12.68 -20.76 -25.30
CA LYS J 34 12.97 -21.34 -26.59
C LYS J 34 12.55 -20.41 -27.73
N ASP J 35 11.54 -19.58 -27.46
CA ASP J 35 11.09 -18.60 -28.44
C ASP J 35 11.83 -17.28 -28.33
N ASP J 36 12.53 -17.09 -27.22
CA ASP J 36 13.22 -15.83 -26.92
C ASP J 36 14.61 -16.18 -26.37
N PRO J 37 15.40 -16.93 -27.15
CA PRO J 37 16.67 -17.41 -26.64
C PRO J 37 17.64 -16.29 -26.48
N LEU J 38 18.70 -16.52 -25.74
CA LEU J 38 19.58 -15.46 -25.32
C LEU J 38 20.99 -15.94 -25.45
N THR J 39 21.86 -15.10 -25.97
CA THR J 39 23.27 -15.48 -26.02
C THR J 39 24.05 -14.74 -24.94
N VAL J 40 24.85 -15.49 -24.20
CA VAL J 40 25.68 -14.94 -23.12
C VAL J 40 27.13 -15.14 -23.47
N THR J 41 27.93 -14.09 -23.28
CA THR J 41 29.34 -14.11 -23.66
C THR J 41 30.20 -14.12 -22.41
N LEU J 42 30.99 -15.17 -22.24
CA LEU J 42 31.82 -15.35 -21.06
C LEU J 42 33.26 -15.12 -21.39
N GLY J 43 33.98 -14.54 -20.45
CA GLY J 43 35.41 -14.40 -20.59
C GLY J 43 36.09 -14.32 -19.24
N PHE J 44 37.34 -14.70 -19.18
CA PHE J 44 37.99 -14.78 -17.89
C PHE J 44 39.24 -13.96 -17.85
N THR J 45 39.40 -13.22 -16.77
CA THR J 45 40.63 -12.51 -16.56
C THR J 45 41.24 -13.17 -15.37
N LEU J 46 42.39 -13.81 -15.54
CA LEU J 46 42.92 -14.61 -14.45
C LEU J 46 43.89 -13.78 -13.61
N GLN J 47 43.47 -13.44 -12.40
CA GLN J 47 44.28 -12.69 -11.45
C GLN J 47 45.27 -13.40 -10.53
N ASP J 48 44.83 -14.49 -9.91
CA ASP J 48 45.71 -15.22 -9.00
C ASP J 48 45.33 -16.68 -8.83
N ILE J 49 46.34 -17.52 -8.67
CA ILE J 49 46.12 -18.84 -8.07
C ILE J 49 46.63 -18.67 -6.65
N VAL J 50 45.70 -18.63 -5.69
CA VAL J 50 46.08 -18.37 -4.31
C VAL J 50 46.71 -19.60 -3.69
N LYS J 51 46.02 -20.73 -3.83
CA LYS J 51 46.25 -21.90 -3.00
C LYS J 51 46.08 -23.16 -3.80
N ALA J 52 46.96 -24.13 -3.60
CA ALA J 52 46.77 -25.47 -4.18
C ALA J 52 46.91 -26.44 -3.03
N ASP J 53 45.88 -27.25 -2.79
CA ASP J 53 45.85 -28.08 -1.60
C ASP J 53 45.78 -29.53 -2.04
N SER J 54 46.86 -30.28 -1.80
CA SER J 54 46.97 -31.63 -2.33
C SER J 54 46.51 -32.67 -1.33
N SER J 55 46.08 -32.20 -0.15
CA SER J 55 45.42 -33.10 0.78
C SER J 55 44.00 -33.38 0.30
N THR J 56 43.30 -32.29 -0.02
CA THR J 56 41.92 -32.33 -0.53
C THR J 56 41.72 -32.30 -2.05
N ASN J 57 42.77 -32.02 -2.82
CA ASN J 57 42.68 -31.78 -4.27
C ASN J 57 41.75 -30.62 -4.69
N GLU J 58 41.94 -29.43 -4.11
CA GLU J 58 41.18 -28.26 -4.47
C GLU J 58 42.18 -27.16 -4.82
N VAL J 59 41.84 -26.34 -5.81
CA VAL J 59 42.65 -25.18 -6.13
C VAL J 59 41.79 -23.95 -5.92
N ASP J 60 42.42 -22.85 -5.51
CA ASP J 60 41.71 -21.62 -5.28
C ASP J 60 42.14 -20.52 -6.26
N LEU J 61 41.17 -20.03 -7.03
CA LEU J 61 41.40 -19.05 -8.08
C LEU J 61 40.77 -17.71 -7.73
N VAL J 62 41.44 -16.61 -8.07
CA VAL J 62 40.79 -15.30 -8.05
C VAL J 62 40.76 -14.79 -9.48
N TYR J 63 39.60 -14.38 -9.96
CA TYR J 63 39.49 -13.95 -11.36
C TYR J 63 38.33 -13.00 -11.57
N TRP J 64 38.35 -12.27 -12.67
CA TRP J 64 37.19 -11.50 -13.09
C TRP J 64 36.52 -12.18 -14.26
N GLU J 65 35.21 -12.29 -14.17
CA GLU J 65 34.41 -13.01 -15.13
C GLU J 65 33.57 -11.97 -15.83
N GLN J 66 33.72 -11.84 -17.14
CA GLN J 66 32.92 -10.87 -17.86
CA GLN J 66 32.96 -10.86 -17.91
C GLN J 66 31.77 -11.54 -18.58
N GLN J 67 30.57 -11.14 -18.19
CA GLN J 67 29.36 -11.67 -18.80
C GLN J 67 28.73 -10.56 -19.59
N ARG J 68 28.24 -10.89 -20.77
CA ARG J 68 27.54 -9.92 -21.58
CA ARG J 68 27.58 -9.92 -21.63
C ARG J 68 26.35 -10.57 -22.28
N TRP J 69 25.19 -9.96 -22.10
CA TRP J 69 23.97 -10.41 -22.78
C TRP J 69 23.19 -9.17 -23.16
N LYS J 70 22.14 -9.37 -23.96
CA LYS J 70 21.40 -8.25 -24.54
C LYS J 70 19.90 -8.51 -24.55
N LEU J 71 19.13 -7.52 -24.10
CA LEU J 71 17.67 -7.67 -24.00
C LEU J 71 16.99 -6.51 -24.70
N ASN J 72 15.82 -6.76 -25.29
CA ASN J 72 15.05 -5.71 -25.92
C ASN J 72 14.43 -4.87 -24.82
N SER J 73 14.07 -5.56 -23.74
CA SER J 73 13.47 -4.93 -22.58
C SER J 73 14.33 -3.78 -22.05
N LEU J 74 15.62 -3.81 -22.34
CA LEU J 74 16.53 -2.77 -21.90
C LEU J 74 16.83 -1.67 -22.91
N MET J 75 16.16 -1.68 -24.06
CA MET J 75 16.42 -0.70 -25.14
C MET J 75 15.80 0.66 -24.89
N TRP J 76 16.51 1.72 -25.28
CA TRP J 76 15.94 3.06 -25.24
C TRP J 76 16.58 3.99 -26.30
N ASP J 77 15.88 5.05 -26.67
CA ASP J 77 16.43 6.04 -27.59
C ASP J 77 17.10 7.13 -26.80
N PRO J 78 18.41 7.28 -26.94
CA PRO J 78 19.10 8.34 -26.21
C PRO J 78 18.46 9.72 -26.46
N ASN J 79 17.85 9.93 -27.61
CA ASN J 79 17.30 11.24 -27.95
C ASN J 79 16.05 11.59 -27.13
N GLU J 80 15.36 10.57 -26.67
CA GLU J 80 14.24 10.75 -25.76
C GLU J 80 14.70 10.95 -24.30
N TYR J 81 15.86 10.39 -24.00
CA TYR J 81 16.42 10.44 -22.65
C TYR J 81 17.67 11.29 -22.51
N GLY J 82 17.73 12.44 -23.17
CA GLY J 82 18.70 13.45 -22.80
C GLY J 82 20.06 13.09 -23.28
N ASN J 83 20.08 12.30 -24.36
CA ASN J 83 21.30 11.82 -24.98
C ASN J 83 22.08 10.80 -24.12
N ILE J 84 21.38 10.09 -23.22
CA ILE J 84 22.06 9.18 -22.30
C ILE J 84 22.27 7.86 -23.02
N THR J 85 23.52 7.50 -23.22
CA THR J 85 23.91 6.28 -23.91
C THR J 85 23.90 5.01 -23.06
N ASP J 86 24.31 5.14 -21.80
CA ASP J 86 24.38 4.01 -20.91
C ASP J 86 24.22 4.45 -19.47
N PHE J 87 24.19 3.51 -18.54
CA PHE J 87 24.14 3.83 -17.11
C PHE J 87 24.60 2.68 -16.22
N ARG J 88 24.98 2.98 -14.97
CA ARG J 88 25.30 1.91 -14.02
C ARG J 88 24.16 1.66 -13.08
N THR J 89 23.94 0.39 -12.75
CA THR J 89 22.85 0.00 -11.89
C THR J 89 23.29 -1.18 -11.04
N SER J 90 22.68 -1.38 -9.89
CA SER J 90 22.98 -2.55 -9.10
C SER J 90 22.57 -3.75 -9.92
N ALA J 91 23.35 -4.82 -9.86
CA ALA J 91 23.05 -6.00 -10.66
C ALA J 91 21.86 -6.72 -10.07
N ALA J 92 21.51 -6.31 -8.86
CA ALA J 92 20.35 -6.83 -8.17
C ALA J 92 19.07 -6.28 -8.81
N ASP J 93 19.20 -5.11 -9.46
CA ASP J 93 18.08 -4.38 -10.04
C ASP J 93 17.66 -4.99 -11.36
N ILE J 94 18.43 -5.94 -11.86
CA ILE J 94 18.17 -6.52 -13.16
C ILE J 94 18.37 -8.01 -13.20
N TRP J 95 17.93 -8.60 -14.31
CA TRP J 95 18.06 -10.01 -14.55
C TRP J 95 19.47 -10.34 -14.98
N THR J 96 20.07 -11.31 -14.29
CA THR J 96 21.38 -11.81 -14.61
C THR J 96 21.27 -13.31 -14.85
N PRO J 97 22.19 -13.83 -15.63
CA PRO J 97 22.15 -15.27 -15.87
C PRO J 97 22.64 -16.13 -14.71
N ASP J 98 22.31 -17.40 -14.77
CA ASP J 98 22.63 -18.39 -13.75
C ASP J 98 24.00 -19.07 -13.93
N ILE J 99 24.85 -18.45 -14.74
CA ILE J 99 26.20 -18.96 -14.96
C ILE J 99 26.86 -19.31 -13.63
N THR J 100 27.41 -20.51 -13.57
CA THR J 100 28.05 -21.04 -12.37
C THR J 100 29.11 -22.06 -12.76
N ALA J 101 30.09 -22.25 -11.88
CA ALA J 101 31.12 -23.25 -12.09
C ALA J 101 30.60 -24.64 -11.76
N TYR J 102 30.78 -25.60 -12.65
CA TYR J 102 30.33 -26.98 -12.41
C TYR J 102 31.20 -27.81 -11.42
N SER J 103 32.48 -27.48 -11.26
CA SER J 103 33.35 -28.16 -10.30
C SER J 103 33.59 -27.50 -8.94
N SER J 104 32.94 -26.37 -8.63
CA SER J 104 33.19 -25.70 -7.33
C SER J 104 33.02 -26.68 -6.18
N THR J 105 33.97 -26.65 -5.25
CA THR J 105 33.78 -27.31 -3.97
C THR J 105 33.34 -26.41 -2.82
N ARG J 106 33.21 -25.11 -3.06
CA ARG J 106 32.71 -24.18 -2.05
C ARG J 106 31.92 -23.11 -2.73
N PRO J 107 30.97 -22.51 -2.01
CA PRO J 107 30.23 -21.46 -2.67
C PRO J 107 31.22 -20.40 -3.12
N VAL J 108 31.07 -19.89 -4.35
CA VAL J 108 31.97 -18.87 -4.83
C VAL J 108 31.86 -17.67 -3.93
N GLN J 109 32.97 -17.00 -3.70
CA GLN J 109 32.98 -15.78 -2.91
C GLN J 109 33.14 -14.60 -3.81
N VAL J 110 32.32 -13.56 -3.59
CA VAL J 110 32.29 -12.41 -4.47
C VAL J 110 33.08 -11.22 -3.95
N LEU J 111 34.14 -10.88 -4.69
CA LEU J 111 35.15 -9.93 -4.25
C LEU J 111 34.83 -8.50 -4.60
N SER J 112 33.88 -8.26 -5.48
CA SER J 112 33.67 -6.88 -5.88
C SER J 112 32.23 -6.42 -5.73
N PRO J 113 31.99 -5.13 -5.96
CA PRO J 113 30.62 -4.66 -5.96
C PRO J 113 29.91 -5.34 -7.07
N GLN J 114 28.61 -5.61 -6.95
CA GLN J 114 27.92 -6.10 -8.11
C GLN J 114 27.01 -5.01 -8.63
N ASN J 115 27.47 -4.41 -9.72
CA ASN J 115 26.81 -3.30 -10.36
C ASN J 115 27.12 -3.64 -11.78
N ALA J 116 26.33 -3.16 -12.73
CA ALA J 116 26.44 -3.65 -14.08
C ALA J 116 26.33 -2.50 -15.05
N LEU J 117 26.87 -2.64 -16.26
CA LEU J 117 26.79 -1.55 -17.22
C LEU J 117 25.79 -1.82 -18.34
N VAL J 118 24.78 -0.95 -18.45
CA VAL J 118 23.69 -1.12 -19.41
C VAL J 118 23.69 -0.08 -20.53
N THR J 119 23.82 -0.53 -21.78
CA THR J 119 23.91 0.38 -22.91
C THR J 119 22.61 0.44 -23.70
N HIS J 120 22.32 1.59 -24.29
CA HIS J 120 21.00 1.90 -24.88
C HIS J 120 20.50 0.88 -25.90
N ASP J 121 21.41 0.06 -26.43
CA ASP J 121 21.02 -0.99 -27.36
C ASP J 121 20.50 -2.22 -26.62
N GLY J 122 20.50 -2.15 -25.29
CA GLY J 122 19.95 -3.22 -24.48
C GLY J 122 21.00 -4.21 -24.02
N SER J 123 22.25 -3.97 -24.36
CA SER J 123 23.30 -4.87 -23.92
C SER J 123 23.70 -4.64 -22.47
N VAL J 124 24.13 -5.72 -21.80
CA VAL J 124 24.54 -5.61 -20.41
C VAL J 124 25.97 -6.11 -20.23
N GLN J 125 26.70 -5.47 -19.33
CA GLN J 125 28.03 -5.91 -19.08
C GLN J 125 28.22 -6.06 -17.58
N TYR J 126 28.49 -7.30 -17.16
CA TYR J 126 28.62 -7.66 -15.75
C TYR J 126 30.00 -8.26 -15.55
N LEU J 127 30.72 -7.78 -14.54
CA LEU J 127 32.11 -8.17 -14.40
C LEU J 127 32.51 -8.31 -12.94
N PRO J 128 31.97 -9.34 -12.26
CA PRO J 128 32.31 -9.59 -10.87
C PRO J 128 33.66 -10.24 -10.72
N ALA J 129 34.39 -9.83 -9.69
CA ALA J 129 35.64 -10.46 -9.30
C ALA J 129 35.27 -11.55 -8.32
N GLN J 130 35.85 -12.74 -8.46
CA GLN J 130 35.48 -13.84 -7.55
C GLN J 130 36.65 -14.72 -7.17
N ARG J 131 36.57 -15.26 -5.95
CA ARG J 131 37.44 -16.35 -5.54
C ARG J 131 36.65 -17.64 -5.66
N LEU J 132 37.14 -18.58 -6.46
CA LEU J 132 36.51 -19.89 -6.62
C LEU J 132 37.43 -21.00 -6.12
N SER J 133 36.86 -22.01 -5.44
CA SER J 133 37.59 -23.24 -5.10
C SER J 133 36.93 -24.37 -5.85
N PHE J 134 37.70 -25.04 -6.70
CA PHE J 134 37.17 -26.08 -7.57
C PHE J 134 38.08 -27.27 -7.54
N MET J 135 37.60 -28.37 -8.08
CA MET J 135 38.32 -29.63 -7.97
C MET J 135 39.45 -29.66 -8.96
N CYS J 136 40.66 -29.77 -8.43
CA CYS J 136 41.89 -29.81 -9.22
C CYS J 136 42.92 -30.63 -8.46
N ASP J 137 43.66 -31.48 -9.17
CA ASP J 137 44.75 -32.27 -8.57
C ASP J 137 46.08 -31.68 -8.99
N PRO J 138 46.81 -31.16 -8.04
CA PRO J 138 47.96 -30.32 -8.22
C PRO J 138 49.24 -31.03 -8.49
N THR J 139 49.21 -32.34 -8.50
CA THR J 139 50.40 -33.14 -8.76
C THR J 139 51.14 -32.68 -10.00
N GLY J 140 52.43 -32.45 -9.84
CA GLY J 140 53.23 -31.99 -10.95
C GLY J 140 53.49 -30.52 -10.86
N VAL J 141 52.91 -29.87 -9.84
CA VAL J 141 53.04 -28.43 -9.66
C VAL J 141 54.46 -28.04 -9.24
N ASP J 142 55.18 -28.97 -8.68
CA ASP J 142 56.57 -28.80 -8.48
C ASP J 142 57.34 -29.46 -9.58
N SER J 143 57.29 -29.02 -10.82
CA SER J 143 57.99 -29.74 -11.83
C SER J 143 58.12 -28.76 -12.91
N GLU J 144 58.98 -28.92 -13.89
CA GLU J 144 59.05 -27.94 -14.98
CA GLU J 144 59.03 -27.97 -15.07
C GLU J 144 57.77 -27.97 -15.82
N GLU J 145 57.12 -29.14 -15.87
CA GLU J 145 55.90 -29.29 -16.65
C GLU J 145 54.66 -28.68 -16.00
N GLY J 146 54.52 -28.80 -14.69
CA GLY J 146 53.42 -28.18 -13.98
C GLY J 146 52.13 -28.99 -14.02
N ALA J 147 51.14 -28.60 -13.23
CA ALA J 147 49.90 -29.37 -13.27
C ALA J 147 48.91 -28.76 -14.23
N THR J 148 47.81 -29.46 -14.45
CA THR J 148 46.81 -28.95 -15.38
C THR J 148 45.43 -29.20 -14.80
N CYS J 149 44.67 -28.14 -14.60
CA CYS J 149 43.32 -28.31 -14.14
C CYS J 149 42.39 -27.56 -15.06
N ALA J 150 41.13 -27.98 -15.08
CA ALA J 150 40.13 -27.34 -15.90
C ALA J 150 38.88 -27.24 -15.07
N VAL J 151 38.06 -26.25 -15.39
CA VAL J 151 36.75 -26.09 -14.78
C VAL J 151 35.82 -25.50 -15.80
N LYS J 152 34.56 -25.88 -15.74
CA LYS J 152 33.58 -25.45 -16.73
C LYS J 152 32.54 -24.52 -16.14
N PHE J 153 32.15 -23.51 -16.93
CA PHE J 153 31.09 -22.60 -16.54
C PHE J 153 29.96 -22.70 -17.53
N GLY J 154 28.78 -22.26 -17.11
CA GLY J 154 27.62 -22.38 -17.95
C GLY J 154 26.40 -22.24 -17.09
N SER J 155 25.23 -22.44 -17.68
CA SER J 155 23.99 -22.23 -16.97
C SER J 155 23.61 -23.47 -16.20
N TRP J 156 23.08 -23.27 -15.01
CA TRP J 156 22.70 -24.41 -14.21
C TRP J 156 21.36 -24.96 -14.69
N SER J 157 20.38 -24.08 -14.88
CA SER J 157 19.04 -24.52 -15.28
C SER J 157 18.60 -24.40 -16.74
N TYR J 158 19.43 -23.84 -17.62
CA TYR J 158 18.99 -23.63 -18.99
C TYR J 158 19.82 -24.43 -20.00
N SER J 159 19.15 -24.93 -21.03
CA SER J 159 19.84 -25.66 -22.09
C SER J 159 20.22 -24.68 -23.18
N GLY J 160 20.92 -25.16 -24.20
CA GLY J 160 21.39 -24.30 -25.27
C GLY J 160 20.22 -23.63 -25.95
N PHE J 161 19.03 -24.20 -25.76
CA PHE J 161 17.83 -23.69 -26.44
C PHE J 161 17.37 -22.36 -25.86
N GLU J 162 17.47 -22.22 -24.54
CA GLU J 162 17.25 -20.95 -23.85
C GLU J 162 18.43 -19.95 -23.76
N ILE J 163 19.61 -20.48 -23.45
CA ILE J 163 20.80 -19.66 -23.33
C ILE J 163 21.95 -20.26 -24.13
N ASP J 164 22.34 -19.60 -25.19
CA ASP J 164 23.53 -20.02 -25.91
C ASP J 164 24.71 -19.41 -25.19
N LEU J 165 25.84 -20.12 -25.16
CA LEU J 165 27.01 -19.60 -24.50
C LEU J 165 28.02 -19.35 -25.56
N LYS J 166 28.68 -18.21 -25.49
CA LYS J 166 29.72 -17.89 -26.44
C LYS J 166 30.89 -17.40 -25.65
N THR J 167 32.02 -17.31 -26.33
CA THR J 167 33.22 -16.96 -25.63
C THR J 167 33.57 -15.55 -26.07
N ASP J 168 34.04 -14.73 -25.12
CA ASP J 168 34.39 -13.33 -25.38
C ASP J 168 35.39 -13.33 -26.50
N THR J 169 36.45 -14.08 -26.25
CA THR J 169 37.51 -14.34 -27.19
C THR J 169 37.85 -15.79 -26.91
N ASP J 170 38.79 -16.38 -27.63
CA ASP J 170 39.18 -17.75 -27.30
CA ASP J 170 39.25 -17.73 -27.38
C ASP J 170 40.37 -17.68 -26.34
N GLN J 171 40.81 -16.46 -26.03
CA GLN J 171 41.97 -16.25 -25.21
C GLN J 171 41.67 -15.71 -23.81
N VAL J 172 42.19 -16.37 -22.79
CA VAL J 172 42.08 -15.88 -21.41
C VAL J 172 42.95 -14.63 -21.28
N ASP J 173 42.62 -13.73 -20.35
CA ASP J 173 43.42 -12.51 -20.21
C ASP J 173 44.39 -12.64 -19.04
N LEU J 174 45.68 -12.72 -19.32
CA LEU J 174 46.67 -12.78 -18.26
C LEU J 174 47.39 -11.46 -17.89
N SER J 175 46.98 -10.35 -18.49
CA SER J 175 47.62 -9.05 -18.29
C SER J 175 47.58 -8.54 -16.84
N SER J 176 46.56 -8.94 -16.11
CA SER J 176 46.48 -8.58 -14.70
C SER J 176 46.95 -9.65 -13.72
N TYR J 177 47.49 -10.77 -14.21
CA TYR J 177 47.95 -11.84 -13.31
C TYR J 177 49.00 -11.31 -12.37
N TYR J 178 48.92 -11.72 -11.09
CA TYR J 178 49.84 -11.22 -10.07
C TYR J 178 51.24 -11.82 -10.28
N ALA J 179 52.21 -10.96 -10.48
CA ALA J 179 53.52 -11.39 -10.92
C ALA J 179 54.20 -12.22 -9.86
N SER J 180 53.89 -11.91 -8.60
CA SER J 180 54.51 -12.53 -7.44
C SER J 180 53.72 -13.68 -6.83
N SER J 181 52.64 -14.09 -7.48
CA SER J 181 51.86 -15.20 -7.00
C SER J 181 52.72 -16.42 -6.76
N LYS J 182 52.33 -17.28 -5.78
CA LYS J 182 52.99 -18.56 -5.54
C LYS J 182 53.05 -19.42 -6.81
N TYR J 183 52.00 -19.40 -7.61
CA TYR J 183 52.00 -20.22 -8.81
C TYR J 183 52.11 -19.34 -10.04
N GLU J 184 52.81 -19.85 -11.09
CA GLU J 184 52.99 -19.07 -12.30
C GLU J 184 52.29 -19.76 -13.44
N ILE J 185 51.71 -19.03 -14.34
CA ILE J 185 50.84 -19.58 -15.36
C ILE J 185 51.62 -19.95 -16.62
N LEU J 186 51.61 -21.20 -16.91
CA LEU J 186 52.26 -21.66 -18.13
C LEU J 186 51.36 -21.47 -19.34
N SER J 187 50.09 -21.82 -19.15
CA SER J 187 49.13 -21.75 -20.22
C SER J 187 47.74 -21.56 -19.63
N ALA J 188 46.86 -20.84 -20.32
CA ALA J 188 45.45 -20.81 -19.95
C ALA J 188 44.58 -20.60 -21.17
N THR J 189 43.44 -21.29 -21.24
CA THR J 189 42.55 -21.14 -22.39
C THR J 189 41.09 -21.21 -21.98
N GLN J 190 40.25 -20.42 -22.64
CA GLN J 190 38.80 -20.52 -22.47
C GLN J 190 38.17 -20.98 -23.76
N THR J 191 37.47 -22.09 -23.72
CA THR J 191 36.95 -22.67 -24.95
C THR J 191 35.51 -23.12 -24.81
N ARG J 192 34.68 -22.72 -25.76
CA ARG J 192 33.30 -23.16 -25.79
C ARG J 192 33.15 -24.63 -26.14
N GLN J 193 32.43 -25.38 -25.32
CA GLN J 193 32.11 -26.75 -25.70
C GLN J 193 30.62 -26.89 -25.65
N VAL J 194 30.11 -27.89 -26.36
CA VAL J 194 28.69 -28.23 -26.31
C VAL J 194 28.56 -29.72 -25.98
N ARG J 195 27.80 -30.03 -24.94
CA ARG J 195 27.63 -31.42 -24.51
C ARG J 195 26.16 -31.83 -24.57
N PHE J 196 25.92 -33.13 -24.57
CA PHE J 196 24.57 -33.68 -24.55
C PHE J 196 24.53 -34.75 -23.50
N TYR J 197 23.33 -35.09 -23.07
CA TYR J 197 23.22 -36.12 -22.07
C TYR J 197 22.49 -37.38 -22.54
N GLU J 198 22.85 -38.49 -21.92
CA GLU J 198 22.24 -39.77 -22.23
C GLU J 198 20.72 -39.58 -22.14
N CYS J 199 20.30 -38.62 -21.32
CA CYS J 199 18.89 -38.33 -21.07
C CYS J 199 18.16 -37.39 -22.04
N CYS J 200 18.87 -36.61 -22.85
CA CYS J 200 18.18 -35.47 -23.47
C CYS J 200 18.49 -35.11 -24.92
N LYS J 201 17.47 -34.56 -25.60
CA LYS J 201 17.52 -34.14 -27.00
C LYS J 201 18.25 -32.80 -27.24
N GLU J 202 18.54 -32.06 -26.18
CA GLU J 202 19.02 -30.69 -26.34
C GLU J 202 20.47 -30.51 -25.90
N PRO J 203 21.14 -29.55 -26.54
CA PRO J 203 22.54 -29.18 -26.36
C PRO J 203 22.75 -28.43 -25.06
N TYR J 204 23.88 -28.59 -24.44
CA TYR J 204 24.23 -27.78 -23.33
C TYR J 204 25.62 -27.27 -23.39
N PRO J 205 25.76 -25.97 -23.63
CA PRO J 205 27.07 -25.34 -23.81
C PRO J 205 27.67 -24.95 -22.45
N ASP J 206 29.00 -24.84 -22.44
CA ASP J 206 29.77 -24.30 -21.36
C ASP J 206 30.99 -23.75 -21.96
N VAL J 207 31.64 -22.92 -21.20
CA VAL J 207 33.02 -22.54 -21.50
C VAL J 207 33.93 -23.33 -20.57
N ASN J 208 34.89 -24.06 -21.13
CA ASN J 208 35.87 -24.82 -20.34
C ASN J 208 37.12 -23.98 -20.16
N LEU J 209 37.39 -23.56 -18.93
CA LEU J 209 38.61 -22.82 -18.63
C LEU J 209 39.66 -23.83 -18.27
N VAL J 210 40.81 -23.78 -18.93
CA VAL J 210 41.91 -24.69 -18.59
C VAL J 210 43.19 -23.97 -18.17
N VAL J 211 43.74 -24.36 -17.03
CA VAL J 211 44.93 -23.70 -16.55
C VAL J 211 46.05 -24.69 -16.25
N LYS J 212 47.21 -24.38 -16.82
CA LYS J 212 48.41 -25.15 -16.59
C LYS J 212 49.33 -24.23 -15.84
N PHE J 213 49.70 -24.64 -14.64
CA PHE J 213 50.48 -23.81 -13.75
C PHE J 213 51.56 -24.66 -13.08
N ARG J 214 52.57 -23.99 -12.55
CA ARG J 214 53.59 -24.62 -11.73
C ARG J 214 54.14 -23.57 -10.79
N GLU J 215 54.80 -23.98 -9.74
CA GLU J 215 55.33 -23.04 -8.77
C GLU J 215 56.46 -22.18 -9.28
N ARG J 216 56.58 -20.99 -8.68
CA ARG J 216 57.78 -20.17 -8.80
C ARG J 216 58.92 -20.83 -7.99
#